data_8YLW
#
_entry.id   8YLW
#
_cell.length_a   59.360
_cell.length_b   302.190
_cell.length_c   141.890
_cell.angle_alpha   90.00
_cell.angle_beta   90.00
_cell.angle_gamma   90.00
#
_symmetry.space_group_name_H-M   'P 21 21 2'
#
loop_
_entity.id
_entity.type
_entity.pdbx_description
1 polymer 'Lysine--tRNA ligase'
2 non-polymer "5'-O-[(L-LYSYLAMINO)SULFONYL]ADENOSINE"
3 water water
#
_entity_poly.entity_id   1
_entity_poly.type   'polypeptide(L)'
_entity_poly.pdbx_seq_one_letter_code
;EVDPRLYFENRSKFIQDQKDKGINPYPHKFERTISIPEFIEKYKDLGNGEHLEDTILNITGRIMRVSASGQKLRFFDLVG
DGEKIQVLANYSFHNHEKGNFAECYDKIRRGDIVGIVGFPGKSKKGELSIFPKETILLSACLHMLPMKYGLKDTEIRYRQ
RYLDLLINESSRHTFVTRTKIINFLRNFLNERGFFEVETPMMNLIAGGANARPFITHHNDLDLDLYLRIATELPLKMLIV
GGIDKVYEIGKVFRNEGIDNTHNPEFTSCEFYWAYADYNDLIKWSEDFFSQLVYHLFGTYKISYNKDGPENQPIEIDFTP
PYPKVSIVEEIEKVTNTILEQPFDSNETIEKMINIIKEHKIELPNPPTAAKLLDQLASHFIENKYNDKPFFIVEHPQIMS
PLAKYHRTKPGLTERLEMFICGKEVLNAYTELNDPFKQKECFKLQQKDREKGDTEAAQLDSAFCTSLEYGLPPTGGLGLG
IDRITMFLTNKNSIKDVILFPTMRPAN
;
_entity_poly.pdbx_strand_id   B,A,D,C
#
loop_
_chem_comp.id
_chem_comp.type
_chem_comp.name
_chem_comp.formula
KAA non-polymer 5'-O-[(L-LYSYLAMINO)SULFONYL]ADENOSINE 'C16 H26 N8 O7 S'
#
# COMPACT_ATOMS: atom_id res chain seq x y z
N PRO A 4 22.75 -70.52 -1.64
CA PRO A 4 21.31 -70.45 -1.91
C PRO A 4 20.58 -69.50 -0.94
N ARG A 5 19.27 -69.69 -0.75
CA ARG A 5 18.57 -69.00 0.34
C ARG A 5 19.10 -69.42 1.70
N LEU A 6 19.86 -70.52 1.75
CA LEU A 6 20.54 -70.92 2.97
C LEU A 6 21.54 -69.86 3.42
N TYR A 7 22.26 -69.24 2.48
CA TYR A 7 23.18 -68.17 2.82
C TYR A 7 22.47 -67.07 3.58
N PHE A 8 21.31 -66.62 3.06
CA PHE A 8 20.59 -65.56 3.73
C PHE A 8 20.11 -66.01 5.11
N GLU A 9 19.52 -67.20 5.19
CA GLU A 9 19.12 -67.70 6.50
C GLU A 9 20.30 -67.70 7.49
N ASN A 10 21.49 -68.14 7.02
CA ASN A 10 22.63 -68.32 7.91
C ASN A 10 23.22 -66.99 8.35
N ARG A 11 23.29 -66.00 7.45
CA ARG A 11 23.73 -64.68 7.89
C ARG A 11 22.71 -64.02 8.78
N SER A 12 21.41 -64.23 8.56
CA SER A 12 20.42 -63.62 9.44
C SER A 12 20.57 -64.16 10.84
N LYS A 13 20.81 -65.46 10.95
CA LYS A 13 20.92 -66.05 12.27
C LYS A 13 22.26 -65.68 12.90
N PHE A 14 23.22 -65.38 12.08
CA PHE A 14 24.46 -64.93 12.60
C PHE A 14 24.27 -63.60 13.23
N ILE A 15 23.40 -62.82 12.67
CA ILE A 15 23.14 -61.54 13.22
C ILE A 15 22.54 -61.64 14.57
N GLN A 16 21.63 -62.57 14.78
CA GLN A 16 21.06 -62.65 16.10
C GLN A 16 21.99 -63.20 17.08
N ASP A 17 22.87 -64.08 16.66
CA ASP A 17 23.84 -64.57 17.57
C ASP A 17 24.68 -63.45 18.05
N GLN A 18 25.06 -62.51 17.23
CA GLN A 18 25.85 -61.44 17.72
C GLN A 18 25.03 -60.62 18.63
N LYS A 19 23.78 -60.36 18.32
CA LYS A 19 23.01 -59.58 19.29
C LYS A 19 22.93 -60.31 20.64
N ASP A 20 22.81 -61.65 20.61
CA ASP A 20 22.64 -62.40 21.85
C ASP A 20 23.91 -62.38 22.69
N LYS A 21 25.07 -62.20 22.08
CA LYS A 21 26.30 -62.02 22.84
C LYS A 21 26.52 -60.57 23.25
N GLY A 22 25.49 -59.72 23.10
CA GLY A 22 25.58 -58.33 23.48
C GLY A 22 26.45 -57.46 22.60
N ILE A 23 26.82 -57.93 21.37
CA ILE A 23 27.49 -57.10 20.37
C ILE A 23 26.43 -56.46 19.49
N ASN A 24 26.68 -55.20 19.09
CA ASN A 24 25.75 -54.51 18.21
C ASN A 24 26.24 -54.62 16.77
N PRO A 25 25.66 -55.49 15.95
CA PRO A 25 26.11 -55.60 14.56
C PRO A 25 25.72 -54.42 13.68
N TYR A 26 24.94 -53.46 14.20
CA TYR A 26 24.62 -52.21 13.51
C TYR A 26 24.85 -51.02 14.44
N PRO A 27 26.10 -50.68 14.73
CA PRO A 27 26.36 -49.54 15.63
C PRO A 27 25.82 -48.22 15.08
N HIS A 28 25.62 -47.28 15.99
CA HIS A 28 24.91 -46.04 15.64
C HIS A 28 25.81 -45.08 14.88
N LYS A 29 27.04 -44.89 15.33
CA LYS A 29 27.90 -43.86 14.78
C LYS A 29 29.34 -44.35 14.82
N PHE A 30 30.02 -44.16 13.71
CA PHE A 30 31.46 -44.39 13.61
C PHE A 30 32.06 -43.13 13.01
N GLU A 31 32.92 -42.48 13.77
CA GLU A 31 33.59 -41.25 13.31
C GLU A 31 34.79 -41.67 12.49
N ARG A 32 34.65 -41.62 11.17
CA ARG A 32 35.84 -41.83 10.34
C ARG A 32 36.59 -40.51 10.17
N THR A 33 37.87 -40.65 9.85
CA THR A 33 38.71 -39.47 9.71
C THR A 33 38.98 -39.09 8.25
N ILE A 34 38.79 -40.01 7.32
CA ILE A 34 39.25 -39.82 5.95
C ILE A 34 38.45 -40.75 5.04
N SER A 35 38.13 -40.25 3.84
CA SER A 35 37.50 -41.08 2.82
C SER A 35 38.55 -41.97 2.15
N ILE A 36 38.06 -43.03 1.49
CA ILE A 36 38.97 -43.90 0.74
C ILE A 36 39.65 -43.12 -0.38
N PRO A 37 38.97 -42.29 -1.17
CA PRO A 37 39.70 -41.44 -2.14
C PRO A 37 40.72 -40.52 -1.48
N GLU A 38 40.34 -39.82 -0.41
CA GLU A 38 41.29 -38.97 0.32
C GLU A 38 42.52 -39.75 0.75
N PHE A 39 42.31 -41.01 1.19
CA PHE A 39 43.38 -41.89 1.62
C PHE A 39 44.32 -42.21 0.46
N ILE A 40 43.76 -42.61 -0.68
CA ILE A 40 44.56 -42.89 -1.86
C ILE A 40 45.36 -41.67 -2.25
N GLU A 41 44.74 -40.50 -2.21
CA GLU A 41 45.45 -39.31 -2.64
C GLU A 41 46.63 -38.99 -1.73
N LYS A 42 46.45 -39.16 -0.43
CA LYS A 42 47.47 -38.71 0.50
C LYS A 42 48.61 -39.71 0.64
N TYR A 43 48.32 -41.01 0.47
CA TYR A 43 49.32 -42.02 0.75
C TYR A 43 49.72 -42.85 -0.47
N LYS A 44 49.34 -42.44 -1.69
CA LYS A 44 49.68 -43.26 -2.85
C LYS A 44 51.18 -43.27 -3.16
N ASP A 45 51.91 -42.22 -2.74
CA ASP A 45 53.32 -42.09 -3.04
C ASP A 45 54.23 -42.66 -1.95
N LEU A 46 53.70 -43.51 -1.07
CA LEU A 46 54.55 -44.18 -0.11
C LEU A 46 55.48 -45.17 -0.81
N GLY A 47 56.56 -45.53 -0.12
CA GLY A 47 57.47 -46.53 -0.65
C GLY A 47 56.95 -47.92 -0.41
N ASN A 48 57.34 -48.85 -1.27
CA ASN A 48 56.97 -50.25 -1.05
C ASN A 48 57.44 -50.68 0.33
N GLY A 49 56.61 -51.49 0.99
CA GLY A 49 56.86 -51.92 2.37
C GLY A 49 56.84 -50.83 3.42
N GLU A 50 56.73 -49.55 3.05
CA GLU A 50 56.79 -48.44 4.01
C GLU A 50 55.51 -48.35 4.84
N HIS A 51 55.68 -47.94 6.10
CA HIS A 51 54.59 -47.83 7.07
C HIS A 51 54.65 -46.47 7.74
N LEU A 52 53.49 -45.96 8.14
CA LEU A 52 53.39 -44.80 9.03
C LEU A 52 52.66 -45.23 10.29
N GLU A 53 53.30 -46.11 11.07
CA GLU A 53 52.65 -46.85 12.15
C GLU A 53 52.26 -46.00 13.37
N ASP A 54 52.48 -44.69 13.36
CA ASP A 54 52.02 -43.85 14.47
C ASP A 54 50.87 -42.95 14.06
N THR A 55 50.47 -43.00 12.79
CA THR A 55 49.38 -42.23 12.23
C THR A 55 48.14 -43.11 12.24
N ILE A 56 47.30 -42.95 13.26
CA ILE A 56 46.11 -43.78 13.39
C ILE A 56 44.94 -43.11 12.71
N LEU A 57 44.31 -43.83 11.79
CA LEU A 57 43.14 -43.41 11.05
C LEU A 57 41.96 -44.31 11.41
N ASN A 58 40.75 -43.74 11.31
CA ASN A 58 39.51 -44.49 11.23
C ASN A 58 39.00 -44.38 9.80
N ILE A 59 38.79 -45.51 9.15
CA ILE A 59 38.24 -45.47 7.79
C ILE A 59 37.15 -46.52 7.67
N THR A 60 36.24 -46.28 6.74
CA THR A 60 35.11 -47.18 6.49
C THR A 60 35.09 -47.55 5.02
N GLY A 61 34.43 -48.67 4.75
CA GLY A 61 34.16 -49.03 3.38
C GLY A 61 33.42 -50.34 3.30
N ARG A 62 33.25 -50.83 2.08
CA ARG A 62 32.65 -52.14 1.87
C ARG A 62 33.71 -53.14 1.48
N ILE A 63 33.67 -54.30 2.12
CA ILE A 63 34.53 -55.42 1.77
C ILE A 63 34.02 -56.04 0.47
N MET A 64 34.89 -56.11 -0.55
CA MET A 64 34.48 -56.64 -1.83
C MET A 64 35.26 -57.88 -2.25
N ARG A 65 36.34 -58.21 -1.54
CA ARG A 65 37.16 -59.39 -1.81
C ARG A 65 37.75 -59.89 -0.51
N VAL A 66 37.67 -61.20 -0.29
CA VAL A 66 38.23 -61.88 0.87
C VAL A 66 39.18 -62.96 0.36
N SER A 67 40.47 -62.79 0.62
CA SER A 67 41.47 -63.75 0.18
C SER A 67 41.78 -64.71 1.32
N ALA A 68 42.20 -65.92 0.94
CA ALA A 68 42.29 -67.05 1.86
C ALA A 68 43.13 -66.71 3.10
N SER A 69 42.67 -67.21 4.25
CA SER A 69 43.40 -66.98 5.49
C SER A 69 44.75 -67.68 5.45
N GLY A 70 45.81 -66.91 5.72
CA GLY A 70 47.04 -67.46 6.24
C GLY A 70 46.91 -67.66 7.73
N GLN A 71 47.97 -68.22 8.32
CA GLN A 71 47.97 -68.39 9.77
C GLN A 71 47.85 -67.05 10.49
N LYS A 72 48.60 -66.04 10.03
CA LYS A 72 48.66 -64.75 10.72
C LYS A 72 48.26 -63.53 9.88
N LEU A 73 48.10 -63.65 8.57
CA LEU A 73 47.76 -62.53 7.70
C LEU A 73 46.39 -62.72 7.06
N ARG A 74 45.60 -61.64 7.01
CA ARG A 74 44.32 -61.63 6.29
C ARG A 74 44.28 -60.45 5.31
N PHE A 75 43.76 -60.70 4.11
CA PHE A 75 43.77 -59.71 3.03
C PHE A 75 42.36 -59.47 2.53
N PHE A 76 42.01 -58.19 2.38
CA PHE A 76 40.72 -57.84 1.81
C PHE A 76 40.90 -56.73 0.79
N ASP A 77 39.86 -56.53 -0.02
CA ASP A 77 39.67 -55.32 -0.79
C ASP A 77 38.56 -54.50 -0.14
N LEU A 78 38.80 -53.20 0.02
CA LEU A 78 37.85 -52.28 0.60
C LEU A 78 37.58 -51.16 -0.38
N VAL A 79 36.30 -50.88 -0.62
CA VAL A 79 35.94 -49.87 -1.61
C VAL A 79 34.98 -48.84 -1.01
N GLY A 80 35.10 -47.64 -1.56
CA GLY A 80 34.24 -46.54 -1.21
C GLY A 80 34.36 -45.47 -2.27
N ASP A 81 33.28 -44.80 -2.58
CA ASP A 81 33.24 -43.78 -3.58
C ASP A 81 33.80 -44.24 -4.89
N GLY A 82 33.58 -45.47 -5.24
CA GLY A 82 34.08 -46.01 -6.48
C GLY A 82 35.58 -46.19 -6.57
N GLU A 83 36.28 -46.28 -5.45
CA GLU A 83 37.72 -46.55 -5.44
C GLU A 83 38.03 -47.63 -4.40
N LYS A 84 39.28 -48.11 -4.42
CA LYS A 84 39.67 -49.33 -3.74
C LYS A 84 41.03 -49.18 -3.07
N ILE A 85 41.13 -49.65 -1.83
CA ILE A 85 42.42 -49.90 -1.20
C ILE A 85 42.40 -51.32 -0.65
N GLN A 86 43.58 -51.78 -0.25
CA GLN A 86 43.69 -53.09 0.38
C GLN A 86 43.58 -52.95 1.89
N VAL A 87 43.00 -53.98 2.51
CA VAL A 87 43.15 -54.20 3.94
C VAL A 87 44.18 -55.30 4.13
N LEU A 88 45.16 -55.03 4.97
CA LEU A 88 46.15 -56.01 5.38
C LEU A 88 46.09 -56.12 6.91
N ALA A 89 45.33 -57.10 7.42
CA ALA A 89 45.27 -57.35 8.84
C ALA A 89 46.36 -58.35 9.23
N ASN A 90 47.32 -57.89 10.02
CA ASN A 90 48.43 -58.70 10.49
C ASN A 90 48.29 -58.98 11.98
N TYR A 91 48.52 -60.23 12.36
CA TYR A 91 48.28 -60.63 13.74
C TYR A 91 49.07 -59.79 14.76
N SER A 92 50.32 -59.43 14.43
CA SER A 92 51.15 -58.73 15.42
C SER A 92 50.66 -57.32 15.69
N PHE A 93 49.95 -56.69 14.73
CA PHE A 93 49.41 -55.35 14.90
C PHE A 93 48.00 -55.35 15.50
N HIS A 94 47.42 -56.51 15.77
CA HIS A 94 46.04 -56.59 16.25
C HIS A 94 45.96 -56.30 17.74
N ASN A 95 44.97 -55.50 18.13
CA ASN A 95 44.75 -55.21 19.55
C ASN A 95 43.98 -56.38 20.17
N HIS A 96 44.75 -57.39 20.59
CA HIS A 96 44.16 -58.62 21.11
C HIS A 96 43.34 -58.41 22.37
N GLU A 97 43.36 -57.20 22.94
CA GLU A 97 42.51 -56.89 24.08
C GLU A 97 41.03 -56.89 23.68
N LYS A 98 40.72 -56.67 22.40
CA LYS A 98 39.34 -56.55 21.94
C LYS A 98 38.84 -57.79 21.21
N GLY A 99 39.44 -58.95 21.46
CA GLY A 99 38.91 -60.19 20.91
C GLY A 99 39.91 -61.00 20.13
N ASN A 100 39.64 -62.30 19.96
CA ASN A 100 40.55 -63.14 19.18
C ASN A 100 40.67 -62.63 17.75
N PHE A 101 41.90 -62.40 17.33
CA PHE A 101 42.19 -62.11 15.93
C PHE A 101 41.39 -63.02 14.99
N ALA A 102 41.65 -64.32 15.08
CA ALA A 102 41.10 -65.27 14.12
C ALA A 102 39.59 -65.21 14.07
N GLU A 103 38.93 -65.25 15.23
CA GLU A 103 37.47 -65.30 15.21
C GLU A 103 36.87 -63.99 14.72
N CYS A 104 37.54 -62.86 15.01
CA CYS A 104 36.99 -61.57 14.60
C CYS A 104 37.08 -61.42 13.09
N TYR A 105 38.21 -61.80 12.48
CA TYR A 105 38.29 -61.68 11.03
C TYR A 105 37.64 -62.84 10.29
N ASP A 106 37.37 -63.96 10.97
CA ASP A 106 36.58 -65.03 10.35
C ASP A 106 35.12 -64.63 10.15
N LYS A 107 34.61 -63.68 10.95
CA LYS A 107 33.22 -63.27 10.78
C LYS A 107 33.00 -62.51 9.48
N ILE A 108 34.03 -61.82 8.97
CA ILE A 108 33.81 -60.85 7.90
C ILE A 108 33.45 -61.59 6.62
N ARG A 109 32.41 -61.09 5.92
CA ARG A 109 31.97 -61.63 4.65
C ARG A 109 32.08 -60.57 3.56
N ARG A 110 32.13 -61.04 2.31
CA ARG A 110 32.15 -60.11 1.20
C ARG A 110 30.83 -59.35 1.18
N GLY A 111 30.93 -58.02 0.97
CA GLY A 111 29.81 -57.13 0.99
C GLY A 111 29.56 -56.45 2.32
N ASP A 112 30.22 -56.91 3.38
CA ASP A 112 30.06 -56.27 4.68
C ASP A 112 30.67 -54.86 4.67
N ILE A 113 29.96 -53.91 5.26
CA ILE A 113 30.50 -52.58 5.51
C ILE A 113 31.17 -52.60 6.87
N VAL A 114 32.43 -52.14 6.92
CA VAL A 114 33.22 -52.11 8.13
C VAL A 114 33.73 -50.69 8.39
N GLY A 115 34.08 -50.47 9.64
CA GLY A 115 34.99 -49.40 10.02
C GLY A 115 36.23 -50.02 10.66
N ILE A 116 37.35 -49.32 10.51
CA ILE A 116 38.67 -49.87 10.80
C ILE A 116 39.46 -48.78 11.50
N VAL A 117 40.17 -49.17 12.55
CA VAL A 117 41.18 -48.33 13.17
C VAL A 117 42.55 -48.93 12.83
N GLY A 118 43.41 -48.13 12.21
CA GLY A 118 44.68 -48.66 11.75
C GLY A 118 45.61 -47.57 11.23
N PHE A 119 46.69 -48.00 10.59
CA PHE A 119 47.63 -47.05 10.01
C PHE A 119 47.76 -47.26 8.50
N PRO A 120 48.21 -46.26 7.75
CA PRO A 120 48.42 -46.45 6.31
C PRO A 120 49.79 -47.05 6.00
N GLY A 121 49.86 -47.79 4.90
CA GLY A 121 51.14 -48.34 4.48
C GLY A 121 51.01 -49.08 3.16
N LYS A 122 52.14 -49.62 2.69
CA LYS A 122 52.16 -50.38 1.45
C LYS A 122 52.67 -51.80 1.68
N SER A 123 52.31 -52.68 0.75
CA SER A 123 52.85 -54.03 0.72
C SER A 123 54.35 -54.01 0.44
N LYS A 124 55.00 -55.14 0.69
CA LYS A 124 56.31 -55.34 0.09
C LYS A 124 56.20 -55.26 -1.43
N LYS A 125 55.17 -55.90 -1.98
CA LYS A 125 54.81 -55.82 -3.39
C LYS A 125 54.30 -54.43 -3.80
N GLY A 126 54.08 -53.53 -2.83
CA GLY A 126 53.80 -52.14 -3.13
C GLY A 126 52.34 -51.72 -3.10
N GLU A 127 51.44 -52.58 -2.62
CA GLU A 127 50.01 -52.29 -2.66
C GLU A 127 49.63 -51.39 -1.48
N LEU A 128 49.04 -50.23 -1.79
CA LEU A 128 48.61 -49.33 -0.72
C LEU A 128 47.45 -49.97 0.05
N SER A 129 47.57 -49.96 1.38
CA SER A 129 46.66 -50.65 2.27
C SER A 129 46.53 -49.89 3.58
N ILE A 130 45.45 -50.18 4.28
CA ILE A 130 45.33 -49.80 5.68
C ILE A 130 45.60 -51.05 6.49
N PHE A 131 46.35 -50.87 7.57
CA PHE A 131 46.71 -51.95 8.47
C PHE A 131 45.84 -51.77 9.71
N PRO A 132 44.84 -52.60 9.91
CA PRO A 132 44.00 -52.45 11.10
C PRO A 132 44.74 -52.86 12.37
N LYS A 133 44.09 -52.48 13.44
CA LYS A 133 44.39 -52.83 14.78
C LYS A 133 43.10 -53.33 15.28
N GLU A 134 42.03 -52.77 14.77
CA GLU A 134 40.65 -53.16 15.10
C GLU A 134 39.78 -52.89 13.89
N THR A 135 38.95 -53.87 13.50
CA THR A 135 37.86 -53.62 12.55
C THR A 135 36.54 -54.06 13.17
N ILE A 136 35.51 -53.23 13.01
CA ILE A 136 34.19 -53.41 13.58
C ILE A 136 33.20 -53.58 12.44
N LEU A 137 32.36 -54.59 12.52
CA LEU A 137 31.26 -54.63 11.56
C LEU A 137 30.36 -53.43 11.78
N LEU A 138 29.97 -52.78 10.69
CA LEU A 138 29.06 -51.65 10.76
C LEU A 138 27.72 -51.91 10.10
N SER A 139 27.68 -52.63 8.99
CA SER A 139 26.38 -53.06 8.46
C SER A 139 26.61 -54.26 7.58
N ALA A 140 25.95 -55.39 7.90
CA ALA A 140 26.24 -56.63 7.20
C ALA A 140 25.42 -56.77 5.94
N CYS A 141 26.03 -57.38 4.93
CA CYS A 141 25.36 -57.74 3.68
C CYS A 141 24.91 -59.18 3.82
N LEU A 142 23.59 -59.38 3.86
CA LEU A 142 22.98 -60.66 4.21
C LEU A 142 22.84 -61.62 3.02
N HIS A 143 23.12 -61.17 1.81
CA HIS A 143 22.97 -61.98 0.61
C HIS A 143 24.33 -62.15 -0.04
N MET A 144 24.40 -63.03 -1.02
CA MET A 144 25.61 -63.16 -1.81
C MET A 144 25.53 -62.16 -2.96
N LEU A 145 26.54 -61.31 -3.09
CA LEU A 145 26.65 -60.34 -4.18
C LEU A 145 27.19 -61.00 -5.45
N PRO A 146 26.75 -60.54 -6.62
CA PRO A 146 27.29 -61.06 -7.89
C PRO A 146 28.80 -60.91 -7.97
N MET A 147 29.38 -61.61 -8.95
CA MET A 147 30.81 -61.54 -9.19
C MET A 147 31.13 -60.49 -10.25
N LYS A 148 32.43 -60.18 -10.35
CA LYS A 148 32.93 -59.06 -11.17
C LYS A 148 32.19 -58.88 -12.50
N TYR A 149 32.11 -59.93 -13.30
CA TYR A 149 31.44 -59.84 -14.60
C TYR A 149 30.16 -60.65 -14.61
N GLY A 150 29.54 -60.82 -13.46
CA GLY A 150 28.35 -61.64 -13.35
C GLY A 150 27.04 -60.90 -13.46
N LEU A 151 27.10 -59.66 -13.83
CA LEU A 151 25.91 -58.91 -13.81
C LEU A 151 25.64 -58.23 -15.06
N LYS A 152 25.37 -59.00 -16.07
CA LYS A 152 24.97 -58.42 -17.31
C LYS A 152 23.50 -58.65 -17.55
N ASP A 153 22.82 -59.19 -16.59
CA ASP A 153 21.44 -59.43 -16.76
C ASP A 153 20.87 -58.14 -16.48
N THR A 154 20.23 -57.62 -17.47
CA THR A 154 19.65 -56.33 -17.40
C THR A 154 18.63 -56.20 -16.33
N GLU A 155 17.79 -57.18 -16.14
CA GLU A 155 16.78 -57.01 -15.18
C GLU A 155 17.27 -56.81 -13.79
N ILE A 156 18.37 -57.39 -13.41
CA ILE A 156 18.84 -57.12 -12.06
C ILE A 156 19.40 -55.71 -11.99
N ARG A 157 20.06 -55.24 -13.04
CA ARG A 157 20.60 -53.88 -13.05
C ARG A 157 19.51 -52.81 -13.00
N TYR A 158 18.33 -53.05 -13.59
CA TYR A 158 17.30 -52.01 -13.50
C TYR A 158 16.39 -52.18 -12.28
N ARG A 159 16.00 -53.41 -11.93
CA ARG A 159 15.14 -53.58 -10.77
C ARG A 159 15.90 -53.44 -9.46
N GLN A 160 17.23 -53.62 -9.46
CA GLN A 160 18.07 -53.45 -8.27
C GLN A 160 19.32 -52.65 -8.64
N ARG A 161 19.16 -51.35 -8.88
CA ARG A 161 20.33 -50.63 -9.37
C ARG A 161 21.41 -50.45 -8.31
N TYR A 162 21.11 -50.63 -7.03
CA TYR A 162 22.20 -50.56 -6.07
C TYR A 162 23.26 -51.62 -6.38
N LEU A 163 22.83 -52.79 -6.85
CA LEU A 163 23.79 -53.83 -7.21
C LEU A 163 24.60 -53.41 -8.44
N ASP A 164 23.93 -52.89 -9.47
CA ASP A 164 24.65 -52.43 -10.66
C ASP A 164 25.69 -51.37 -10.26
N LEU A 165 25.31 -50.43 -9.38
CA LEU A 165 26.25 -49.41 -8.94
C LEU A 165 27.39 -50.00 -8.12
N LEU A 166 27.18 -51.16 -7.49
CA LEU A 166 28.26 -51.75 -6.72
C LEU A 166 29.21 -52.63 -7.55
N ILE A 167 28.69 -53.33 -8.56
CA ILE A 167 29.46 -54.34 -9.26
C ILE A 167 30.10 -53.79 -10.53
N ASN A 168 29.33 -53.08 -11.35
CA ASN A 168 29.77 -52.67 -12.68
C ASN A 168 30.37 -51.28 -12.62
N GLU A 169 31.68 -51.19 -12.80
CA GLU A 169 32.40 -49.94 -12.66
C GLU A 169 31.80 -48.85 -13.53
N SER A 170 31.38 -49.20 -14.75
CA SER A 170 30.96 -48.20 -15.72
C SER A 170 29.70 -47.46 -15.29
N SER A 171 28.84 -48.10 -14.48
CA SER A 171 27.52 -47.50 -14.28
C SER A 171 27.65 -46.25 -13.40
N ARG A 172 28.62 -46.25 -12.56
CA ARG A 172 28.82 -45.13 -11.75
C ARG A 172 29.29 -44.01 -12.57
N HIS A 173 30.17 -44.25 -13.48
CA HIS A 173 30.61 -43.19 -14.38
C HIS A 173 29.45 -42.68 -15.23
N THR A 174 28.53 -43.56 -15.61
CA THR A 174 27.43 -43.12 -16.47
C THR A 174 26.58 -42.09 -15.75
N PHE A 175 26.22 -42.38 -14.49
CA PHE A 175 25.37 -41.43 -13.77
C PHE A 175 26.14 -40.21 -13.28
N VAL A 176 27.43 -40.36 -12.95
CA VAL A 176 28.24 -39.17 -12.68
C VAL A 176 28.25 -38.28 -13.91
N THR A 177 28.36 -38.87 -15.11
CA THR A 177 28.42 -38.07 -16.33
C THR A 177 27.07 -37.40 -16.59
N ARG A 178 25.98 -38.10 -16.28
CA ARG A 178 24.66 -37.49 -16.34
C ARG A 178 24.58 -36.22 -15.47
N THR A 179 25.06 -36.31 -14.22
CA THR A 179 25.00 -35.14 -13.35
C THR A 179 25.95 -34.04 -13.82
N LYS A 180 27.13 -34.42 -14.34
CA LYS A 180 28.06 -33.43 -14.87
C LYS A 180 27.43 -32.67 -16.03
N ILE A 181 26.64 -33.36 -16.84
CA ILE A 181 25.96 -32.72 -17.96
C ILE A 181 24.92 -31.74 -17.46
N ILE A 182 24.06 -32.18 -16.54
CA ILE A 182 23.05 -31.25 -16.04
C ILE A 182 23.72 -30.05 -15.36
N ASN A 183 24.82 -30.28 -14.64
CA ASN A 183 25.54 -29.17 -14.01
C ASN A 183 26.03 -28.20 -15.06
N PHE A 184 26.65 -28.72 -16.12
CA PHE A 184 27.20 -27.90 -17.17
C PHE A 184 26.11 -27.10 -17.86
N LEU A 185 24.92 -27.69 -18.04
CA LEU A 185 23.80 -26.98 -18.64
C LEU A 185 23.31 -25.86 -17.73
N ARG A 186 23.16 -26.16 -16.43
CA ARG A 186 22.70 -25.14 -15.50
C ARG A 186 23.65 -23.97 -15.50
N ASN A 187 24.94 -24.24 -15.36
CA ASN A 187 25.88 -23.14 -15.29
C ASN A 187 26.04 -22.43 -16.64
N PHE A 188 25.80 -23.13 -17.76
CA PHE A 188 25.85 -22.49 -19.07
C PHE A 188 24.70 -21.49 -19.24
N LEU A 189 23.49 -21.86 -18.81
CA LEU A 189 22.41 -20.90 -18.90
C LEU A 189 22.57 -19.80 -17.85
N ASN A 190 23.06 -20.15 -16.65
CA ASN A 190 23.20 -19.15 -15.60
C ASN A 190 24.23 -18.09 -15.97
N GLU A 191 25.37 -18.49 -16.53
CA GLU A 191 26.36 -17.49 -16.90
C GLU A 191 25.87 -16.54 -17.97
N ARG A 192 24.79 -16.87 -18.70
CA ARG A 192 24.27 -16.02 -19.76
C ARG A 192 23.02 -15.26 -19.32
N GLY A 193 22.86 -15.07 -18.01
CA GLY A 193 21.78 -14.29 -17.46
C GLY A 193 20.46 -14.99 -17.32
N PHE A 194 20.41 -16.31 -17.41
CA PHE A 194 19.12 -16.99 -17.43
C PHE A 194 18.71 -17.33 -16.01
N PHE A 195 17.40 -17.48 -15.83
CA PHE A 195 16.80 -17.50 -14.50
C PHE A 195 15.93 -18.74 -14.38
N GLU A 196 16.28 -19.62 -13.44
CA GLU A 196 15.66 -20.93 -13.31
C GLU A 196 14.45 -20.86 -12.40
N VAL A 197 13.35 -21.49 -12.83
CA VAL A 197 12.06 -21.42 -12.17
C VAL A 197 11.44 -22.82 -12.13
N GLU A 198 10.36 -22.93 -11.37
CA GLU A 198 9.56 -24.14 -11.27
C GLU A 198 8.12 -23.82 -11.59
N THR A 199 7.56 -24.56 -12.53
CA THR A 199 6.17 -24.43 -12.96
C THR A 199 5.43 -25.74 -12.66
N PRO A 200 4.10 -25.74 -12.66
CA PRO A 200 3.38 -26.89 -12.09
C PRO A 200 3.56 -28.16 -12.91
N MET A 201 3.63 -29.28 -12.18
CA MET A 201 3.54 -30.63 -12.74
C MET A 201 2.11 -31.06 -13.03
N MET A 202 1.13 -30.47 -12.35
CA MET A 202 -0.28 -30.78 -12.54
C MET A 202 -0.99 -29.51 -12.99
N ASN A 203 -1.81 -29.65 -14.02
CA ASN A 203 -2.59 -28.52 -14.54
C ASN A 203 -3.94 -29.07 -15.02
N LEU A 204 -4.74 -28.21 -15.63
CA LEU A 204 -6.05 -28.63 -16.12
C LEU A 204 -6.07 -28.95 -17.60
N ILE A 205 -4.90 -28.88 -18.26
CA ILE A 205 -4.73 -29.10 -19.70
C ILE A 205 -3.30 -29.58 -19.92
N ALA A 206 -3.10 -30.41 -20.94
CA ALA A 206 -1.72 -30.74 -21.33
C ALA A 206 -1.16 -29.65 -22.24
N GLY A 207 0.14 -29.41 -22.13
CA GLY A 207 0.76 -28.17 -22.60
C GLY A 207 1.16 -28.04 -24.06
N GLY A 208 2.46 -27.87 -24.32
CA GLY A 208 2.96 -27.50 -25.64
C GLY A 208 3.67 -28.59 -26.39
N ALA A 209 2.92 -29.66 -26.69
CA ALA A 209 3.30 -30.73 -27.61
C ALA A 209 2.04 -31.54 -27.89
N ASN A 210 2.19 -32.75 -28.42
CA ASN A 210 1.04 -33.64 -28.59
C ASN A 210 1.38 -35.00 -27.99
N ALA A 211 0.59 -35.39 -26.98
CA ALA A 211 0.76 -36.67 -26.31
C ALA A 211 -0.41 -36.91 -25.38
N ARG A 212 -0.78 -38.18 -25.24
CA ARG A 212 -1.78 -38.56 -24.25
C ARG A 212 -1.25 -38.27 -22.84
N PRO A 213 -2.10 -37.72 -21.94
CA PRO A 213 -1.61 -37.33 -20.62
C PRO A 213 -1.85 -38.38 -19.56
N PHE A 214 -1.24 -38.21 -18.40
CA PHE A 214 -1.63 -38.95 -17.21
C PHE A 214 -2.72 -38.16 -16.51
N ILE A 215 -3.78 -38.83 -16.08
CA ILE A 215 -4.87 -38.15 -15.37
C ILE A 215 -4.79 -38.58 -13.90
N THR A 216 -5.00 -37.63 -13.01
CA THR A 216 -5.06 -37.98 -11.59
C THR A 216 -6.07 -37.06 -10.92
N HIS A 217 -6.68 -37.57 -9.85
CA HIS A 217 -7.82 -36.90 -9.23
C HIS A 217 -7.40 -36.23 -7.93
N HIS A 218 -7.58 -34.92 -7.86
CA HIS A 218 -7.48 -34.18 -6.61
C HIS A 218 -8.79 -34.28 -5.85
N ASN A 219 -8.70 -34.93 -4.72
CA ASN A 219 -9.82 -35.32 -3.96
C ASN A 219 -10.62 -34.29 -3.34
N ASP A 220 -10.00 -33.57 -2.44
CA ASP A 220 -10.74 -32.54 -1.74
C ASP A 220 -11.27 -31.43 -2.64
N LEU A 221 -10.59 -31.14 -3.73
CA LEU A 221 -11.01 -30.23 -4.69
C LEU A 221 -11.90 -30.88 -5.73
N ASP A 222 -12.09 -32.19 -5.67
CA ASP A 222 -12.92 -32.96 -6.57
C ASP A 222 -12.74 -32.63 -8.00
N LEU A 223 -11.53 -32.59 -8.47
CA LEU A 223 -11.24 -32.25 -9.86
C LEU A 223 -10.24 -33.25 -10.43
N ASP A 224 -10.19 -33.29 -11.76
CA ASP A 224 -9.21 -34.08 -12.47
C ASP A 224 -8.11 -33.16 -12.99
N LEU A 225 -6.86 -33.55 -12.76
CA LEU A 225 -5.70 -32.81 -13.22
C LEU A 225 -4.89 -33.71 -14.13
N TYR A 226 -4.10 -33.06 -14.97
CA TYR A 226 -3.28 -33.71 -15.97
C TYR A 226 -1.83 -33.35 -15.70
N LEU A 227 -0.95 -34.36 -15.70
CA LEU A 227 0.49 -34.15 -15.62
C LEU A 227 0.97 -33.40 -16.85
N ARG A 228 1.91 -32.48 -16.65
CA ARG A 228 2.43 -31.70 -17.76
C ARG A 228 3.08 -32.59 -18.80
N ILE A 229 2.77 -32.33 -20.07
CA ILE A 229 3.57 -32.91 -21.14
C ILE A 229 4.75 -32.04 -21.52
N ALA A 230 4.73 -30.75 -21.17
CA ALA A 230 5.86 -29.88 -21.47
C ALA A 230 5.82 -28.70 -20.51
N THR A 231 6.80 -27.81 -20.62
CA THR A 231 6.84 -26.58 -19.83
C THR A 231 6.63 -25.32 -20.67
N GLU A 232 6.43 -25.47 -21.97
CA GLU A 232 6.42 -24.35 -22.91
C GLU A 232 5.48 -23.21 -22.50
N LEU A 233 4.24 -23.55 -22.12
CA LEU A 233 3.24 -22.50 -21.94
C LEU A 233 3.51 -21.63 -20.70
N PRO A 234 3.59 -22.17 -19.49
CA PRO A 234 3.86 -21.29 -18.33
C PRO A 234 5.17 -20.52 -18.47
N LEU A 235 6.19 -21.11 -19.08
CA LEU A 235 7.43 -20.37 -19.23
C LEU A 235 7.25 -19.18 -20.16
N LYS A 236 6.42 -19.33 -21.22
CA LYS A 236 6.21 -18.17 -22.09
C LYS A 236 5.41 -17.09 -21.36
N MET A 237 4.44 -17.50 -20.54
CA MET A 237 3.75 -16.57 -19.66
C MET A 237 4.75 -15.81 -18.78
N LEU A 238 5.81 -16.49 -18.33
CA LEU A 238 6.77 -15.76 -17.52
C LEU A 238 7.56 -14.77 -18.36
N ILE A 239 7.78 -15.09 -19.63
CA ILE A 239 8.36 -14.11 -20.54
C ILE A 239 7.47 -12.87 -20.65
N VAL A 240 6.15 -13.08 -20.74
CA VAL A 240 5.21 -11.95 -20.68
C VAL A 240 5.40 -11.13 -19.41
N GLY A 241 5.62 -11.80 -18.26
CA GLY A 241 5.81 -11.13 -16.99
C GLY A 241 7.16 -10.44 -16.84
N GLY A 242 7.92 -10.40 -17.93
CA GLY A 242 9.17 -9.67 -17.91
C GLY A 242 10.34 -10.42 -17.33
N ILE A 243 10.25 -11.75 -17.21
CA ILE A 243 11.41 -12.59 -16.92
C ILE A 243 12.01 -12.96 -18.27
N ASP A 244 12.89 -12.09 -18.79
CA ASP A 244 13.22 -12.13 -20.20
C ASP A 244 14.09 -13.33 -20.60
N LYS A 245 14.85 -13.90 -19.67
CA LYS A 245 15.62 -15.12 -19.87
C LYS A 245 15.21 -16.11 -18.80
N VAL A 246 14.51 -17.19 -19.18
CA VAL A 246 13.93 -18.08 -18.19
C VAL A 246 14.10 -19.54 -18.62
N TYR A 247 14.20 -20.46 -17.66
CA TYR A 247 14.32 -21.88 -18.00
C TYR A 247 13.87 -22.77 -16.86
N GLU A 248 13.51 -23.99 -17.22
CA GLU A 248 13.20 -25.03 -16.26
C GLU A 248 13.88 -26.36 -16.64
N ILE A 249 14.45 -27.04 -15.64
CA ILE A 249 15.08 -28.35 -15.81
C ILE A 249 14.34 -29.32 -14.90
N GLY A 250 13.50 -30.18 -15.47
CA GLY A 250 12.72 -31.05 -14.63
C GLY A 250 11.93 -32.05 -15.44
N LYS A 251 11.13 -32.83 -14.73
CA LYS A 251 10.46 -33.99 -15.31
C LYS A 251 9.24 -33.56 -16.09
N VAL A 252 8.95 -34.28 -17.18
CA VAL A 252 7.67 -34.19 -17.86
C VAL A 252 7.19 -35.61 -18.13
N PHE A 253 5.92 -35.71 -18.49
CA PHE A 253 5.23 -36.99 -18.54
C PHE A 253 4.46 -37.11 -19.85
N ARG A 254 4.54 -38.28 -20.47
CA ARG A 254 3.77 -38.53 -21.67
C ARG A 254 3.41 -40.02 -21.66
N ASN A 255 2.13 -40.29 -21.79
CA ASN A 255 1.54 -41.58 -21.45
C ASN A 255 1.42 -42.49 -22.66
N GLU A 256 2.55 -42.70 -23.36
CA GLU A 256 2.59 -43.50 -24.57
C GLU A 256 3.51 -44.71 -24.35
N GLY A 257 4.08 -45.25 -25.42
CA GLY A 257 4.75 -46.54 -25.37
C GLY A 257 6.23 -46.44 -25.05
N ILE A 258 6.72 -47.42 -24.30
CA ILE A 258 8.13 -47.49 -23.94
C ILE A 258 8.92 -48.03 -25.11
N ASP A 259 10.02 -47.38 -25.44
CA ASP A 259 11.01 -47.97 -26.35
C ASP A 259 12.38 -47.40 -25.97
N ASN A 260 13.36 -47.58 -26.86
CA ASN A 260 14.75 -47.22 -26.58
C ASN A 260 14.96 -45.72 -26.48
N THR A 261 14.11 -44.89 -27.09
CA THR A 261 14.26 -43.43 -27.06
C THR A 261 13.15 -42.74 -26.29
N HIS A 262 12.30 -43.50 -25.57
CA HIS A 262 11.02 -43.01 -25.07
C HIS A 262 10.72 -43.66 -23.72
N ASN A 263 10.58 -42.84 -22.68
CA ASN A 263 10.16 -43.33 -21.37
C ASN A 263 8.99 -42.51 -20.85
N PRO A 264 8.03 -43.16 -20.13
CA PRO A 264 6.88 -42.46 -19.55
C PRO A 264 7.16 -41.09 -18.95
N GLU A 265 8.16 -41.00 -18.07
CA GLU A 265 8.64 -39.72 -17.58
C GLU A 265 10.09 -39.53 -18.00
N PHE A 266 10.41 -38.31 -18.42
CA PHE A 266 11.78 -38.02 -18.82
C PHE A 266 12.10 -36.57 -18.47
N THR A 267 13.39 -36.29 -18.36
CA THR A 267 13.89 -35.00 -17.90
C THR A 267 14.07 -34.05 -19.09
N SER A 268 13.38 -32.93 -19.07
CA SER A 268 13.49 -31.99 -20.16
C SER A 268 14.09 -30.70 -19.62
N CYS A 269 14.73 -29.93 -20.49
CA CYS A 269 15.08 -28.57 -20.10
C CYS A 269 14.57 -27.65 -21.20
N GLU A 270 13.75 -26.68 -20.80
CA GLU A 270 13.31 -25.70 -21.76
C GLU A 270 13.79 -24.33 -21.33
N PHE A 271 14.14 -23.50 -22.31
CA PHE A 271 14.47 -22.11 -22.05
C PHE A 271 13.80 -21.20 -23.06
N TYR A 272 13.48 -19.99 -22.60
CA TYR A 272 12.87 -18.96 -23.43
C TYR A 272 13.73 -17.71 -23.29
N TRP A 273 13.97 -17.06 -24.43
CA TRP A 273 15.02 -16.06 -24.60
C TRP A 273 14.44 -14.86 -25.37
N ALA A 274 14.06 -13.82 -24.63
CA ALA A 274 13.39 -12.68 -25.26
C ALA A 274 14.35 -11.91 -26.18
N TYR A 275 13.83 -11.52 -27.33
CA TYR A 275 14.53 -10.73 -28.34
C TYR A 275 15.53 -11.58 -29.12
N ALA A 276 15.51 -12.89 -28.94
CA ALA A 276 16.29 -13.84 -29.73
C ALA A 276 15.38 -14.47 -30.79
N ASP A 277 15.99 -14.94 -31.87
CA ASP A 277 15.20 -15.69 -32.83
C ASP A 277 15.82 -17.03 -33.22
N TYR A 278 15.25 -17.62 -34.26
CA TYR A 278 15.72 -18.88 -34.84
C TYR A 278 17.24 -18.92 -34.96
N ASN A 279 17.86 -17.88 -35.54
CA ASN A 279 19.30 -17.94 -35.75
C ASN A 279 20.05 -17.90 -34.42
N ASP A 280 19.53 -17.13 -33.46
CA ASP A 280 20.10 -17.13 -32.13
C ASP A 280 20.14 -18.54 -31.56
N LEU A 281 19.08 -19.30 -31.80
CA LEU A 281 18.99 -20.65 -31.24
C LEU A 281 19.90 -21.62 -31.97
N ILE A 282 20.00 -21.50 -33.30
CA ILE A 282 20.99 -22.28 -34.05
C ILE A 282 22.36 -22.13 -33.42
N LYS A 283 22.82 -20.88 -33.28
CA LYS A 283 24.14 -20.65 -32.70
C LYS A 283 24.19 -21.16 -31.27
N TRP A 284 23.11 -20.98 -30.51
CA TRP A 284 23.09 -21.49 -29.13
C TRP A 284 23.42 -22.97 -29.13
N SER A 285 22.73 -23.76 -29.96
CA SER A 285 22.90 -25.20 -29.96
C SER A 285 24.29 -25.60 -30.41
N GLU A 286 24.80 -24.94 -31.45
CA GLU A 286 26.17 -25.20 -31.88
C GLU A 286 27.17 -24.92 -30.74
N ASP A 287 27.06 -23.74 -30.14
CA ASP A 287 27.88 -23.33 -29.00
C ASP A 287 27.83 -24.39 -27.90
N PHE A 288 26.61 -24.79 -27.53
CA PHE A 288 26.42 -25.58 -26.33
C PHE A 288 26.85 -27.04 -26.51
N PHE A 289 26.45 -27.70 -27.60
CA PHE A 289 26.91 -29.07 -27.75
C PHE A 289 28.42 -29.12 -27.96
N SER A 290 29.00 -28.19 -28.73
CA SER A 290 30.45 -28.27 -28.89
C SER A 290 31.16 -28.05 -27.55
N GLN A 291 30.74 -27.06 -26.78
CA GLN A 291 31.41 -26.82 -25.49
C GLN A 291 31.18 -27.98 -24.52
N LEU A 292 29.99 -28.58 -24.50
CA LEU A 292 29.75 -29.62 -23.52
C LEU A 292 30.55 -30.88 -23.86
N VAL A 293 30.57 -31.27 -25.14
CA VAL A 293 31.42 -32.40 -25.54
C VAL A 293 32.88 -32.10 -25.20
N TYR A 294 33.38 -30.90 -25.53
CA TYR A 294 34.78 -30.62 -25.21
C TYR A 294 35.02 -30.63 -23.71
N HIS A 295 34.03 -30.23 -22.94
CA HIS A 295 34.17 -30.16 -21.49
C HIS A 295 34.25 -31.56 -20.90
N LEU A 296 33.54 -32.51 -21.49
CA LEU A 296 33.57 -33.89 -20.98
C LEU A 296 34.74 -34.72 -21.52
N PHE A 297 35.27 -34.41 -22.71
CA PHE A 297 36.17 -35.34 -23.38
C PHE A 297 37.52 -34.77 -23.82
N GLY A 298 37.76 -33.47 -23.68
CA GLY A 298 38.98 -32.90 -24.19
C GLY A 298 39.05 -32.80 -25.69
N THR A 299 38.00 -33.20 -26.40
CA THR A 299 37.94 -33.10 -27.86
C THR A 299 36.49 -32.88 -28.29
N TYR A 300 36.31 -32.46 -29.54
CA TYR A 300 34.97 -32.39 -30.11
C TYR A 300 34.50 -33.72 -30.70
N LYS A 301 35.36 -34.73 -30.75
CA LYS A 301 35.03 -36.01 -31.38
C LYS A 301 34.81 -37.06 -30.31
N ILE A 302 33.73 -37.82 -30.45
CA ILE A 302 33.50 -38.95 -29.56
C ILE A 302 33.10 -40.14 -30.40
N SER A 303 33.13 -41.29 -29.75
CA SER A 303 32.89 -42.57 -30.37
C SER A 303 31.63 -43.15 -29.77
N TYR A 304 30.81 -43.81 -30.60
CA TYR A 304 29.47 -44.18 -30.18
C TYR A 304 28.99 -45.44 -30.89
N ASN A 305 28.45 -46.37 -30.11
CA ASN A 305 28.06 -47.69 -30.61
C ASN A 305 26.64 -47.69 -31.15
N LYS A 306 26.45 -46.96 -32.25
CA LYS A 306 25.14 -46.79 -32.87
C LYS A 306 24.36 -48.10 -32.97
N ASP A 307 25.04 -49.20 -33.32
CA ASP A 307 24.35 -50.46 -33.55
C ASP A 307 24.67 -51.51 -32.49
N GLY A 308 24.96 -51.09 -31.26
CA GLY A 308 25.20 -52.04 -30.19
C GLY A 308 26.67 -52.23 -29.90
N PRO A 309 26.97 -52.69 -28.69
CA PRO A 309 28.37 -52.98 -28.35
C PRO A 309 28.97 -54.17 -29.10
N GLU A 310 28.12 -55.01 -29.71
CA GLU A 310 28.56 -56.14 -30.53
C GLU A 310 29.11 -55.70 -31.88
N ASN A 311 29.00 -54.42 -32.21
CA ASN A 311 29.29 -53.94 -33.56
C ASN A 311 30.30 -52.81 -33.52
N GLN A 312 30.79 -52.43 -34.68
CA GLN A 312 31.81 -51.41 -34.75
C GLN A 312 31.17 -50.05 -34.52
N PRO A 313 31.75 -49.21 -33.66
CA PRO A 313 31.17 -47.90 -33.39
C PRO A 313 31.48 -46.92 -34.51
N ILE A 314 30.79 -45.76 -34.46
CA ILE A 314 31.06 -44.66 -35.38
C ILE A 314 31.57 -43.47 -34.60
N GLU A 315 32.25 -42.60 -35.32
CA GLU A 315 32.75 -41.36 -34.76
C GLU A 315 31.75 -40.25 -35.04
N ILE A 316 31.34 -39.55 -33.98
CA ILE A 316 30.50 -38.36 -34.11
C ILE A 316 31.36 -37.15 -33.78
N ASP A 317 31.35 -36.18 -34.68
CA ASP A 317 32.17 -34.98 -34.63
C ASP A 317 31.23 -33.80 -34.30
N PHE A 318 31.45 -33.17 -33.14
CA PHE A 318 30.62 -32.06 -32.69
C PHE A 318 31.22 -30.71 -33.07
N THR A 319 32.16 -30.70 -33.99
CA THR A 319 32.75 -29.43 -34.40
C THR A 319 31.70 -28.58 -35.10
N PRO A 320 31.52 -27.33 -34.71
CA PRO A 320 30.51 -26.49 -35.37
C PRO A 320 31.10 -25.82 -36.60
N PRO A 321 30.27 -25.38 -37.56
CA PRO A 321 28.81 -25.38 -37.50
C PRO A 321 28.27 -26.72 -37.93
N TYR A 322 27.03 -26.99 -37.67
CA TYR A 322 26.45 -28.22 -38.16
C TYR A 322 25.61 -27.92 -39.40
N PRO A 323 25.28 -28.91 -40.20
CA PRO A 323 24.48 -28.65 -41.41
C PRO A 323 23.02 -28.36 -41.09
N LYS A 324 22.37 -27.60 -41.97
CA LYS A 324 20.94 -27.29 -41.89
C LYS A 324 20.25 -27.86 -43.12
N VAL A 325 19.23 -28.69 -42.91
CA VAL A 325 18.48 -29.33 -44.00
C VAL A 325 17.02 -28.89 -43.92
N SER A 326 16.53 -28.28 -45.00
CA SER A 326 15.15 -27.82 -45.08
C SER A 326 14.21 -28.98 -45.39
N ILE A 327 13.22 -29.22 -44.51
CA ILE A 327 12.49 -30.48 -44.52
C ILE A 327 11.71 -30.66 -45.82
N VAL A 328 10.88 -29.69 -46.21
CA VAL A 328 10.04 -29.88 -47.39
C VAL A 328 10.91 -29.92 -48.64
N GLU A 329 11.87 -29.01 -48.74
CA GLU A 329 12.73 -28.97 -49.93
C GLU A 329 13.51 -30.26 -50.07
N GLU A 330 14.01 -30.78 -48.96
CA GLU A 330 14.82 -31.98 -48.99
C GLU A 330 13.98 -33.22 -49.31
N ILE A 331 12.77 -33.29 -48.78
CA ILE A 331 11.88 -34.38 -49.19
C ILE A 331 11.58 -34.27 -50.68
N GLU A 332 11.29 -33.05 -51.15
CA GLU A 332 11.01 -32.82 -52.56
C GLU A 332 12.18 -33.18 -53.44
N LYS A 333 13.39 -33.13 -52.91
CA LYS A 333 14.59 -33.46 -53.68
C LYS A 333 14.89 -34.95 -53.65
N VAL A 334 14.73 -35.61 -52.51
CA VAL A 334 14.98 -37.04 -52.47
C VAL A 334 13.86 -37.82 -53.17
N THR A 335 12.60 -37.47 -52.90
CA THR A 335 11.49 -38.24 -53.48
C THR A 335 11.27 -37.96 -54.95
N ASN A 336 11.80 -36.85 -55.47
CA ASN A 336 11.53 -36.43 -56.85
C ASN A 336 10.02 -36.25 -57.05
N THR A 337 9.45 -35.38 -56.23
CA THR A 337 8.07 -34.92 -56.32
C THR A 337 8.07 -33.47 -55.83
N ILE A 338 6.94 -32.79 -56.00
CA ILE A 338 6.81 -31.40 -55.56
C ILE A 338 5.49 -31.22 -54.82
N LEU A 339 5.58 -30.69 -53.60
CA LEU A 339 4.48 -30.64 -52.65
C LEU A 339 4.02 -29.19 -52.55
N GLU A 340 2.85 -28.92 -53.10
CA GLU A 340 2.36 -27.56 -53.16
C GLU A 340 1.31 -27.32 -52.09
N GLN A 341 1.34 -26.12 -51.55
CA GLN A 341 0.52 -25.75 -50.42
C GLN A 341 -0.91 -25.48 -50.87
N PRO A 342 -1.91 -25.58 -49.96
CA PRO A 342 -1.74 -26.14 -48.60
C PRO A 342 -1.24 -27.60 -48.59
N PHE A 343 -0.43 -27.93 -47.60
CA PHE A 343 0.09 -29.29 -47.58
C PHE A 343 -1.00 -30.30 -47.27
N ASP A 344 -2.10 -29.87 -46.64
CA ASP A 344 -3.30 -30.69 -46.52
C ASP A 344 -4.28 -30.47 -47.67
N SER A 345 -3.80 -30.04 -48.85
CA SER A 345 -4.60 -30.20 -50.04
C SER A 345 -5.00 -31.66 -50.16
N ASN A 346 -6.15 -31.90 -50.78
CA ASN A 346 -6.46 -33.27 -51.13
C ASN A 346 -5.37 -33.83 -52.05
N GLU A 347 -4.89 -33.01 -52.98
CA GLU A 347 -3.97 -33.50 -54.01
C GLU A 347 -2.58 -33.79 -53.46
N THR A 348 -2.02 -32.90 -52.61
CA THR A 348 -0.66 -33.17 -52.14
C THR A 348 -0.66 -34.14 -50.96
N ILE A 349 -1.77 -34.25 -50.21
CA ILE A 349 -1.94 -35.40 -49.31
C ILE A 349 -1.85 -36.70 -50.11
N GLU A 350 -2.57 -36.80 -51.23
CA GLU A 350 -2.49 -38.05 -51.99
C GLU A 350 -1.12 -38.24 -52.64
N LYS A 351 -0.44 -37.16 -53.00
CA LYS A 351 0.92 -37.31 -53.53
C LYS A 351 1.86 -37.90 -52.48
N MET A 352 1.77 -37.41 -51.25
CA MET A 352 2.57 -37.97 -50.16
C MET A 352 2.22 -39.43 -49.89
N ILE A 353 0.94 -39.75 -49.89
CA ILE A 353 0.53 -41.12 -49.63
C ILE A 353 1.04 -42.05 -50.74
N ASN A 354 1.15 -41.55 -51.96
CA ASN A 354 1.72 -42.38 -53.03
C ASN A 354 3.23 -42.55 -52.87
N ILE A 355 3.95 -41.50 -52.44
CA ILE A 355 5.36 -41.68 -52.07
C ILE A 355 5.50 -42.78 -51.03
N ILE A 356 4.62 -42.76 -50.03
CA ILE A 356 4.70 -43.68 -48.89
C ILE A 356 4.40 -45.10 -49.33
N LYS A 357 3.36 -45.29 -50.16
CA LYS A 357 3.05 -46.62 -50.67
C LYS A 357 4.17 -47.14 -51.58
N GLU A 358 4.71 -46.27 -52.44
CA GLU A 358 5.71 -46.69 -53.42
C GLU A 358 6.99 -47.17 -52.74
N HIS A 359 7.40 -46.50 -51.67
CA HIS A 359 8.63 -46.84 -50.94
C HIS A 359 8.40 -47.83 -49.81
N LYS A 360 7.25 -48.45 -49.76
CA LYS A 360 6.93 -49.42 -48.74
C LYS A 360 7.16 -48.97 -47.34
N ILE A 361 6.66 -47.81 -47.06
CA ILE A 361 6.76 -47.21 -45.79
C ILE A 361 5.43 -47.27 -45.16
N GLU A 362 5.35 -47.47 -43.88
CA GLU A 362 4.08 -47.56 -43.23
C GLU A 362 3.38 -46.30 -43.27
N LEU A 363 2.08 -46.35 -43.36
CA LEU A 363 1.32 -45.15 -43.40
C LEU A 363 0.61 -44.98 -42.12
N PRO A 364 0.61 -43.78 -41.61
CA PRO A 364 0.13 -43.12 -40.43
C PRO A 364 -1.24 -43.49 -40.06
N ASN A 365 -1.50 -43.62 -38.78
CA ASN A 365 -2.79 -44.10 -38.26
C ASN A 365 -3.95 -43.29 -38.83
N PRO A 366 -4.06 -41.97 -38.61
CA PRO A 366 -4.82 -41.17 -39.58
C PRO A 366 -3.87 -40.49 -40.55
N PRO A 367 -4.13 -40.55 -41.84
CA PRO A 367 -3.16 -39.93 -42.77
C PRO A 367 -3.34 -38.41 -42.88
N THR A 368 -3.12 -37.71 -41.77
CA THR A 368 -3.07 -36.26 -41.82
C THR A 368 -1.78 -35.79 -42.47
N ALA A 369 -1.84 -34.61 -43.10
CA ALA A 369 -0.68 -34.04 -43.76
C ALA A 369 0.52 -33.92 -42.81
N ALA A 370 0.30 -33.41 -41.60
CA ALA A 370 1.41 -33.27 -40.67
C ALA A 370 2.02 -34.64 -40.37
N LYS A 371 1.19 -35.67 -40.21
CA LYS A 371 1.73 -36.96 -39.84
C LYS A 371 2.43 -37.64 -41.04
N LEU A 372 1.94 -37.40 -42.26
CA LEU A 372 2.65 -37.89 -43.45
C LEU A 372 3.99 -37.18 -43.63
N LEU A 373 4.02 -35.86 -43.50
CA LEU A 373 5.28 -35.12 -43.57
C LEU A 373 6.25 -35.60 -42.52
N ASP A 374 5.75 -35.86 -41.32
CA ASP A 374 6.60 -36.37 -40.26
C ASP A 374 7.18 -37.72 -40.64
N GLN A 375 6.34 -38.61 -41.19
CA GLN A 375 6.83 -39.93 -41.60
C GLN A 375 7.84 -39.80 -42.73
N LEU A 376 7.60 -38.87 -43.65
CA LEU A 376 8.47 -38.70 -44.80
C LEU A 376 9.84 -38.19 -44.39
N ALA A 377 9.88 -37.21 -43.48
CA ALA A 377 11.17 -36.80 -42.93
C ALA A 377 11.84 -37.96 -42.21
N SER A 378 11.06 -38.76 -41.49
CA SER A 378 11.63 -39.87 -40.74
C SER A 378 12.34 -40.86 -41.66
N HIS A 379 11.77 -41.10 -42.84
CA HIS A 379 12.38 -42.04 -43.78
C HIS A 379 13.43 -41.42 -44.71
N PHE A 380 13.33 -40.13 -45.07
CA PHE A 380 14.20 -39.55 -46.08
C PHE A 380 15.22 -38.56 -45.56
N ILE A 381 15.14 -38.13 -44.31
CA ILE A 381 16.09 -37.12 -43.86
C ILE A 381 16.80 -37.56 -42.58
N GLU A 382 16.03 -38.04 -41.61
CA GLU A 382 16.55 -38.11 -40.24
C GLU A 382 17.77 -39.01 -40.10
N ASN A 383 18.07 -39.86 -41.08
CA ASN A 383 19.35 -40.57 -41.08
C ASN A 383 20.27 -40.05 -42.17
N LYS A 384 20.15 -38.77 -42.50
CA LYS A 384 21.02 -38.17 -43.52
C LYS A 384 22.47 -38.18 -43.06
N TYR A 385 22.73 -37.56 -41.91
CA TYR A 385 24.07 -37.50 -41.34
C TYR A 385 24.10 -38.33 -40.07
N ASN A 386 25.07 -39.23 -39.97
CA ASN A 386 25.26 -40.01 -38.76
C ASN A 386 26.63 -39.77 -38.14
N ASP A 387 27.46 -38.96 -38.78
CA ASP A 387 28.80 -38.61 -38.33
C ASP A 387 28.86 -37.22 -37.71
N LYS A 388 27.77 -36.45 -37.76
CA LYS A 388 27.66 -35.15 -37.12
C LYS A 388 26.22 -34.97 -36.67
N PRO A 389 25.99 -34.17 -35.62
CA PRO A 389 24.65 -33.62 -35.43
C PRO A 389 24.30 -32.78 -36.64
N PHE A 390 23.01 -32.71 -36.96
CA PHE A 390 22.57 -31.78 -37.98
C PHE A 390 21.19 -31.24 -37.60
N PHE A 391 20.76 -30.20 -38.31
CA PHE A 391 19.49 -29.53 -38.06
C PHE A 391 18.52 -29.78 -39.22
N ILE A 392 17.30 -30.20 -38.90
CA ILE A 392 16.17 -30.08 -39.83
C ILE A 392 15.39 -28.80 -39.51
N VAL A 393 15.13 -27.99 -40.53
CA VAL A 393 14.66 -26.63 -40.33
C VAL A 393 13.46 -26.34 -41.22
N GLU A 394 12.77 -25.25 -40.88
CA GLU A 394 11.72 -24.62 -41.69
C GLU A 394 10.51 -25.53 -41.87
N HIS A 395 10.05 -26.12 -40.78
CA HIS A 395 8.90 -27.01 -40.82
C HIS A 395 7.65 -26.24 -41.24
N PRO A 396 6.75 -26.87 -42.01
CA PRO A 396 5.47 -26.23 -42.36
C PRO A 396 4.68 -25.77 -41.14
N GLN A 397 3.80 -24.79 -41.36
CA GLN A 397 2.98 -24.27 -40.27
C GLN A 397 2.05 -25.35 -39.74
N ILE A 398 1.60 -26.28 -40.59
CA ILE A 398 0.67 -27.30 -40.13
C ILE A 398 1.32 -28.30 -39.17
N MET A 399 2.66 -28.34 -39.07
CA MET A 399 3.34 -29.19 -38.10
C MET A 399 3.82 -28.43 -36.86
N SER A 400 3.63 -27.11 -36.79
CA SER A 400 4.28 -26.30 -35.76
C SER A 400 3.32 -25.25 -35.23
N PRO A 401 2.28 -25.67 -34.52
CA PRO A 401 1.20 -24.73 -34.15
C PRO A 401 1.62 -23.58 -33.22
N LEU A 402 2.77 -23.67 -32.57
CA LEU A 402 3.28 -22.57 -31.74
C LEU A 402 4.56 -21.97 -32.28
N ALA A 403 4.98 -22.34 -33.49
CA ALA A 403 6.15 -21.74 -34.11
C ALA A 403 5.74 -20.55 -34.98
N LYS A 404 6.50 -19.46 -34.86
CA LYS A 404 6.14 -18.27 -35.63
C LYS A 404 6.42 -18.49 -37.11
N TYR A 405 5.55 -17.91 -37.94
CA TYR A 405 5.60 -18.08 -39.39
C TYR A 405 6.92 -17.58 -39.96
N HIS A 406 7.38 -18.24 -41.02
CA HIS A 406 8.65 -17.90 -41.63
C HIS A 406 8.62 -16.49 -42.25
N ARG A 407 9.67 -15.71 -42.00
CA ARG A 407 9.64 -14.32 -42.44
C ARG A 407 9.95 -14.15 -43.92
N THR A 408 10.31 -15.19 -44.64
CA THR A 408 10.41 -15.11 -46.09
C THR A 408 9.71 -16.26 -46.81
N LYS A 409 9.48 -17.38 -46.14
CA LYS A 409 8.93 -18.56 -46.81
C LYS A 409 7.53 -18.83 -46.32
N PRO A 410 6.50 -18.34 -47.01
CA PRO A 410 5.14 -18.50 -46.50
C PRO A 410 4.71 -19.97 -46.47
N GLY A 411 4.04 -20.32 -45.37
CA GLY A 411 3.67 -21.67 -45.05
C GLY A 411 4.65 -22.38 -44.16
N LEU A 412 5.87 -21.85 -44.02
CA LEU A 412 6.89 -22.46 -43.20
C LEU A 412 7.01 -21.71 -41.89
N THR A 413 7.78 -22.26 -40.96
CA THR A 413 8.04 -21.61 -39.67
C THR A 413 9.54 -21.53 -39.45
N GLU A 414 9.93 -20.70 -38.49
CA GLU A 414 11.35 -20.53 -38.16
C GLU A 414 11.72 -21.50 -37.04
N ARG A 415 11.66 -22.79 -37.42
CA ARG A 415 11.81 -23.89 -36.48
C ARG A 415 13.03 -24.76 -36.79
N LEU A 416 13.66 -25.31 -35.76
CA LEU A 416 14.71 -26.23 -35.89
C LEU A 416 14.67 -27.44 -34.98
N GLU A 417 15.07 -28.60 -35.45
CA GLU A 417 15.31 -29.78 -34.64
C GLU A 417 16.74 -30.25 -34.87
N MET A 418 17.45 -30.59 -33.81
CA MET A 418 18.77 -31.17 -33.97
C MET A 418 18.71 -32.68 -33.77
N PHE A 419 19.40 -33.39 -34.66
CA PHE A 419 19.50 -34.84 -34.60
C PHE A 419 20.95 -35.24 -34.38
N ILE A 420 21.09 -36.32 -33.60
CA ILE A 420 22.33 -37.06 -33.34
C ILE A 420 22.03 -38.54 -33.62
N CYS A 421 22.68 -39.15 -34.56
CA CYS A 421 22.47 -40.49 -35.03
C CYS A 421 21.02 -40.74 -35.26
N GLY A 422 20.40 -39.77 -35.83
CA GLY A 422 19.04 -39.92 -36.19
C GLY A 422 18.05 -39.93 -35.12
N LYS A 423 18.35 -39.43 -33.96
CA LYS A 423 17.37 -39.37 -32.94
C LYS A 423 17.32 -37.90 -32.53
N GLU A 424 16.16 -37.33 -32.38
CA GLU A 424 16.06 -35.92 -32.03
C GLU A 424 16.43 -35.57 -30.65
N VAL A 425 17.32 -34.65 -30.44
CA VAL A 425 17.70 -34.22 -29.11
C VAL A 425 17.13 -32.85 -28.73
N LEU A 426 16.61 -32.11 -29.70
CA LEU A 426 16.44 -30.67 -29.55
C LEU A 426 15.27 -30.24 -30.42
N ASN A 427 14.45 -29.32 -29.88
CA ASN A 427 13.35 -28.72 -30.64
C ASN A 427 13.29 -27.24 -30.28
N ALA A 428 13.41 -26.35 -31.26
CA ALA A 428 13.46 -24.92 -30.97
C ALA A 428 12.77 -24.12 -32.07
N TYR A 429 12.24 -22.94 -31.69
CA TYR A 429 11.79 -22.01 -32.72
C TYR A 429 11.65 -20.58 -32.21
N THR A 430 11.57 -19.66 -33.19
CA THR A 430 10.99 -18.33 -32.99
C THR A 430 9.56 -18.49 -32.55
N GLU A 431 9.23 -17.91 -31.39
CA GLU A 431 7.93 -18.18 -30.78
C GLU A 431 6.85 -17.38 -31.49
N LEU A 432 5.76 -18.07 -31.86
CA LEU A 432 4.57 -17.37 -32.33
C LEU A 432 4.08 -16.43 -31.22
N ASN A 433 4.00 -15.13 -31.51
CA ASN A 433 3.56 -14.19 -30.49
C ASN A 433 2.41 -13.27 -30.92
N ASP A 434 1.85 -13.47 -32.11
CA ASP A 434 0.66 -12.73 -32.49
C ASP A 434 -0.54 -13.53 -32.02
N PRO A 435 -1.22 -13.09 -30.96
CA PRO A 435 -2.37 -13.88 -30.47
C PRO A 435 -3.43 -14.12 -31.52
N PHE A 436 -3.56 -13.21 -32.49
CA PHE A 436 -4.53 -13.40 -33.56
C PHE A 436 -4.15 -14.58 -34.45
N LYS A 437 -2.85 -14.90 -34.55
CA LYS A 437 -2.41 -15.98 -35.42
C LYS A 437 -2.40 -17.35 -34.73
N GLN A 438 -2.46 -17.39 -33.40
CA GLN A 438 -2.64 -18.64 -32.66
C GLN A 438 -4.13 -18.97 -32.73
N LYS A 439 -4.51 -19.73 -33.77
CA LYS A 439 -5.92 -19.81 -34.12
C LYS A 439 -6.68 -20.87 -33.35
N GLU A 440 -6.06 -21.57 -32.41
CA GLU A 440 -6.83 -22.38 -31.48
C GLU A 440 -7.20 -21.62 -30.20
N CYS A 441 -7.02 -20.29 -30.17
CA CYS A 441 -7.49 -19.45 -29.08
C CYS A 441 -8.80 -18.73 -29.42
N PHE A 442 -9.75 -19.42 -30.04
CA PHE A 442 -11.06 -18.83 -30.31
C PHE A 442 -12.17 -19.75 -29.78
N GLN A 458 -4.63 -29.00 -27.11
CA GLN A 458 -3.66 -28.80 -26.04
C GLN A 458 -3.22 -27.33 -25.92
N LEU A 459 -4.19 -26.44 -25.68
CA LEU A 459 -3.99 -25.03 -25.35
C LEU A 459 -5.11 -24.61 -24.42
N ASP A 460 -4.88 -23.55 -23.63
CA ASP A 460 -5.91 -23.07 -22.72
C ASP A 460 -5.97 -21.56 -22.70
N SER A 461 -7.07 -21.07 -22.14
CA SER A 461 -7.36 -19.64 -22.18
C SER A 461 -6.39 -18.84 -21.32
N ALA A 462 -5.82 -19.43 -20.26
CA ALA A 462 -4.85 -18.67 -19.48
C ALA A 462 -3.64 -18.32 -20.34
N PHE A 463 -3.14 -19.27 -21.12
CA PHE A 463 -1.99 -18.98 -21.98
C PHE A 463 -2.35 -17.92 -23.04
N CYS A 464 -3.49 -18.11 -23.73
CA CYS A 464 -3.86 -17.24 -24.84
C CYS A 464 -4.14 -15.84 -24.35
N THR A 465 -4.77 -15.72 -23.19
CA THR A 465 -5.01 -14.42 -22.60
C THR A 465 -3.68 -13.74 -22.30
N SER A 466 -2.75 -14.48 -21.69
CA SER A 466 -1.41 -13.91 -21.48
C SER A 466 -0.82 -13.35 -22.78
N LEU A 467 -1.01 -14.05 -23.90
CA LEU A 467 -0.46 -13.56 -25.17
C LEU A 467 -1.01 -12.17 -25.53
N GLU A 468 -2.20 -11.81 -25.09
CA GLU A 468 -2.78 -10.51 -25.44
C GLU A 468 -2.12 -9.36 -24.69
N TYR A 469 -1.42 -9.64 -23.60
CA TYR A 469 -0.68 -8.61 -22.87
C TYR A 469 0.66 -8.30 -23.51
N GLY A 470 0.95 -8.86 -24.69
CA GLY A 470 2.22 -8.61 -25.33
C GLY A 470 3.34 -9.55 -24.93
N LEU A 471 3.48 -10.64 -25.68
CA LEU A 471 4.65 -11.49 -25.58
C LEU A 471 5.71 -10.94 -26.51
N PRO A 472 6.83 -10.45 -26.01
CA PRO A 472 7.86 -9.89 -26.90
C PRO A 472 8.34 -10.93 -27.91
N PRO A 473 9.01 -10.53 -28.98
CA PRO A 473 9.63 -11.52 -29.87
C PRO A 473 10.63 -12.36 -29.10
N THR A 474 10.39 -13.66 -29.01
CA THR A 474 11.29 -14.52 -28.27
C THR A 474 11.60 -15.81 -29.02
N GLY A 475 12.70 -16.44 -28.60
CA GLY A 475 13.09 -17.76 -29.10
C GLY A 475 13.17 -18.80 -27.99
N GLY A 476 12.62 -19.98 -28.24
CA GLY A 476 12.53 -21.02 -27.23
C GLY A 476 13.16 -22.33 -27.68
N LEU A 477 13.72 -23.05 -26.72
CA LEU A 477 14.39 -24.31 -27.01
C LEU A 477 14.07 -25.34 -25.94
N GLY A 478 13.85 -26.57 -26.39
CA GLY A 478 13.75 -27.72 -25.49
C GLY A 478 14.73 -28.84 -25.79
N LEU A 479 15.43 -29.29 -24.75
CA LEU A 479 16.44 -30.35 -24.80
C LEU A 479 15.93 -31.62 -24.13
N GLY A 480 16.17 -32.77 -24.79
CA GLY A 480 16.00 -34.07 -24.14
C GLY A 480 17.25 -34.48 -23.36
N ILE A 481 17.25 -34.28 -22.04
CA ILE A 481 18.44 -34.54 -21.24
C ILE A 481 18.82 -36.02 -21.30
N ASP A 482 17.82 -36.90 -21.33
CA ASP A 482 18.10 -38.32 -21.28
C ASP A 482 18.82 -38.77 -22.54
N ARG A 483 18.34 -38.34 -23.70
CA ARG A 483 18.96 -38.78 -24.96
C ARG A 483 20.37 -38.22 -25.09
N ILE A 484 20.56 -36.97 -24.66
CA ILE A 484 21.89 -36.40 -24.73
C ILE A 484 22.83 -37.22 -23.86
N THR A 485 22.35 -37.65 -22.69
CA THR A 485 23.19 -38.43 -21.81
C THR A 485 23.52 -39.78 -22.44
N MET A 486 22.54 -40.42 -23.07
CA MET A 486 22.75 -41.65 -23.82
C MET A 486 23.91 -41.52 -24.80
N PHE A 487 23.89 -40.49 -25.64
CA PHE A 487 24.98 -40.32 -26.59
C PHE A 487 26.30 -40.04 -25.88
N LEU A 488 26.29 -39.34 -24.77
CA LEU A 488 27.60 -39.01 -24.22
C LEU A 488 28.15 -40.09 -23.28
N THR A 489 27.37 -41.11 -22.98
CA THR A 489 27.77 -42.24 -22.14
C THR A 489 27.73 -43.55 -22.92
N ASN A 490 27.69 -43.46 -24.25
CA ASN A 490 27.70 -44.63 -25.16
C ASN A 490 26.63 -45.66 -24.80
N LYS A 491 25.38 -45.20 -24.68
CA LYS A 491 24.28 -46.10 -24.41
C LYS A 491 23.30 -46.08 -25.58
N ASN A 492 22.68 -47.23 -25.77
CA ASN A 492 21.68 -47.45 -26.80
C ASN A 492 20.26 -47.48 -26.23
N SER A 493 20.10 -47.42 -24.92
CA SER A 493 18.74 -47.45 -24.37
C SER A 493 18.60 -46.46 -23.22
N ILE A 494 17.51 -45.71 -23.26
CA ILE A 494 17.21 -44.73 -22.23
C ILE A 494 17.19 -45.37 -20.85
N LYS A 495 16.92 -46.69 -20.77
CA LYS A 495 16.96 -47.36 -19.46
C LYS A 495 18.35 -47.31 -18.83
N ASP A 496 19.41 -47.07 -19.60
CA ASP A 496 20.72 -47.06 -18.97
C ASP A 496 21.15 -45.70 -18.47
N VAL A 497 20.35 -44.66 -18.66
CA VAL A 497 20.77 -43.40 -18.07
C VAL A 497 19.75 -42.87 -17.06
N ILE A 498 18.73 -43.67 -16.74
CA ILE A 498 17.75 -43.39 -15.69
C ILE A 498 17.99 -44.35 -14.54
N LEU A 499 18.22 -43.82 -13.34
CA LEU A 499 18.57 -44.67 -12.19
C LEU A 499 17.49 -45.70 -11.87
N PHE A 500 16.23 -45.30 -11.85
CA PHE A 500 15.14 -46.23 -11.58
C PHE A 500 14.12 -46.22 -12.71
N PRO A 501 14.47 -46.79 -13.86
CA PRO A 501 13.48 -46.93 -14.95
C PRO A 501 12.27 -47.75 -14.49
N THR A 502 11.11 -47.37 -15.00
CA THR A 502 9.86 -48.00 -14.57
C THR A 502 9.66 -49.29 -15.34
N MET A 503 9.29 -50.35 -14.62
CA MET A 503 9.27 -51.70 -15.18
C MET A 503 7.95 -52.40 -14.90
N ARG A 504 7.63 -53.32 -15.79
CA ARG A 504 6.59 -54.29 -15.51
C ARG A 504 7.03 -55.16 -14.35
N PRO A 505 6.17 -55.41 -13.35
CA PRO A 505 6.42 -56.36 -12.24
C PRO A 505 6.73 -57.80 -12.68
N PRO B 4 -12.97 -0.61 -20.19
CA PRO B 4 -13.85 -1.75 -20.46
C PRO B 4 -13.18 -2.88 -21.27
N ARG B 5 -13.98 -3.80 -21.84
CA ARG B 5 -13.49 -4.67 -22.92
C ARG B 5 -13.47 -3.95 -24.26
N LEU B 6 -14.05 -2.74 -24.30
CA LEU B 6 -14.01 -1.90 -25.49
C LEU B 6 -12.60 -1.50 -25.86
N TYR B 7 -11.77 -1.23 -24.85
CA TYR B 7 -10.35 -0.98 -25.07
C TYR B 7 -9.68 -2.16 -25.78
N PHE B 8 -9.97 -3.39 -25.35
CA PHE B 8 -9.42 -4.56 -26.03
C PHE B 8 -9.91 -4.63 -27.47
N GLU B 9 -11.22 -4.46 -27.69
CA GLU B 9 -11.72 -4.58 -29.05
C GLU B 9 -11.06 -3.55 -29.96
N ASN B 10 -10.86 -2.33 -29.45
CA ASN B 10 -10.26 -1.27 -30.26
C ASN B 10 -8.78 -1.54 -30.52
N ARG B 11 -8.03 -1.97 -29.51
CA ARG B 11 -6.65 -2.35 -29.75
C ARG B 11 -6.55 -3.47 -30.79
N SER B 12 -7.44 -4.46 -30.72
CA SER B 12 -7.44 -5.52 -31.74
C SER B 12 -7.66 -4.93 -33.13
N LYS B 13 -8.65 -4.03 -33.25
CA LYS B 13 -8.89 -3.40 -34.54
C LYS B 13 -7.65 -2.65 -35.00
N PHE B 14 -6.98 -1.94 -34.09
CA PHE B 14 -5.76 -1.23 -34.44
C PHE B 14 -4.72 -2.17 -35.04
N ILE B 15 -4.52 -3.33 -34.40
CA ILE B 15 -3.56 -4.32 -34.91
C ILE B 15 -3.92 -4.69 -36.34
N GLN B 16 -5.18 -5.06 -36.57
CA GLN B 16 -5.56 -5.44 -37.93
C GLN B 16 -5.41 -4.30 -38.92
N ASP B 17 -5.59 -3.06 -38.47
CA ASP B 17 -5.45 -1.92 -39.39
C ASP B 17 -4.00 -1.67 -39.74
N GLN B 18 -3.07 -1.88 -38.80
CA GLN B 18 -1.67 -1.83 -39.18
C GLN B 18 -1.36 -2.93 -40.20
N LYS B 19 -1.94 -4.12 -40.02
CA LYS B 19 -1.71 -5.20 -40.97
C LYS B 19 -2.32 -4.91 -42.33
N ASP B 20 -3.43 -4.17 -42.38
CA ASP B 20 -4.04 -3.81 -43.65
C ASP B 20 -3.27 -2.72 -44.37
N LYS B 21 -2.49 -1.91 -43.63
CA LYS B 21 -1.60 -0.90 -44.21
C LYS B 21 -0.19 -1.43 -44.46
N GLY B 22 0.00 -2.75 -44.49
CA GLY B 22 1.32 -3.31 -44.77
C GLY B 22 2.39 -3.09 -43.71
N ILE B 23 1.99 -2.83 -42.47
CA ILE B 23 2.92 -2.76 -41.34
C ILE B 23 2.82 -4.06 -40.55
N ASN B 24 3.99 -4.61 -40.15
CA ASN B 24 4.08 -5.78 -39.28
C ASN B 24 4.09 -5.34 -37.82
N PRO B 25 2.97 -5.42 -37.09
CA PRO B 25 2.98 -5.03 -35.67
C PRO B 25 3.64 -6.05 -34.74
N TYR B 26 4.05 -7.21 -35.27
CA TYR B 26 4.89 -8.17 -34.57
C TYR B 26 6.06 -8.51 -35.47
N PRO B 27 7.08 -7.66 -35.52
CA PRO B 27 8.28 -8.00 -36.27
C PRO B 27 8.98 -9.21 -35.67
N HIS B 28 9.77 -9.89 -36.45
CA HIS B 28 10.42 -11.08 -36.02
C HIS B 28 11.58 -10.94 -35.17
N LYS B 29 12.41 -10.02 -35.47
CA LYS B 29 13.68 -9.91 -34.80
C LYS B 29 14.09 -8.45 -34.73
N PHE B 30 14.49 -8.01 -33.54
CA PHE B 30 15.08 -6.70 -33.32
C PHE B 30 16.38 -6.94 -32.57
N GLU B 31 17.51 -6.52 -33.15
CA GLU B 31 18.81 -6.88 -32.59
C GLU B 31 19.25 -5.75 -31.66
N ARG B 32 19.16 -6.01 -30.36
CA ARG B 32 19.41 -4.95 -29.41
C ARG B 32 20.87 -4.99 -28.95
N THR B 33 21.39 -3.82 -28.61
CA THR B 33 22.79 -3.62 -28.28
C THR B 33 23.08 -3.84 -26.81
N ILE B 34 22.13 -3.54 -25.93
CA ILE B 34 22.41 -3.39 -24.51
C ILE B 34 21.11 -3.64 -23.75
N SER B 35 21.20 -4.25 -22.56
CA SER B 35 20.01 -4.39 -21.71
C SER B 35 19.78 -3.09 -20.92
N ILE B 36 18.53 -2.88 -20.50
CA ILE B 36 18.22 -1.70 -19.66
C ILE B 36 19.06 -1.70 -18.39
N PRO B 37 19.26 -2.82 -17.69
CA PRO B 37 20.22 -2.78 -16.58
C PRO B 37 21.61 -2.34 -17.00
N GLU B 38 22.13 -2.91 -18.09
CA GLU B 38 23.46 -2.50 -18.56
C GLU B 38 23.49 -1.02 -18.93
N PHE B 39 22.42 -0.53 -19.56
CA PHE B 39 22.27 0.89 -19.87
C PHE B 39 22.40 1.74 -18.61
N ILE B 40 21.64 1.39 -17.55
CA ILE B 40 21.68 2.18 -16.34
C ILE B 40 23.08 2.14 -15.73
N GLU B 41 23.68 0.95 -15.68
CA GLU B 41 25.01 0.82 -15.09
C GLU B 41 26.06 1.60 -15.87
N LYS B 42 25.88 1.72 -17.18
CA LYS B 42 26.90 2.31 -18.04
C LYS B 42 26.80 3.82 -18.15
N TYR B 43 25.60 4.39 -18.06
CA TYR B 43 25.45 5.82 -18.26
C TYR B 43 24.97 6.57 -17.01
N LYS B 44 24.87 5.91 -15.85
CA LYS B 44 24.25 6.55 -14.68
C LYS B 44 25.01 7.78 -14.20
N ASP B 45 26.32 7.88 -14.49
CA ASP B 45 27.12 9.00 -14.04
C ASP B 45 27.41 10.02 -15.14
N LEU B 46 26.62 10.02 -16.21
CA LEU B 46 26.61 11.15 -17.12
C LEU B 46 26.13 12.41 -16.39
N GLY B 47 26.57 13.57 -16.92
CA GLY B 47 26.18 14.84 -16.32
C GLY B 47 24.77 15.23 -16.69
N ASN B 48 24.18 16.07 -15.84
CA ASN B 48 22.83 16.54 -16.12
C ASN B 48 22.83 17.27 -17.46
N GLY B 49 21.74 17.09 -18.21
CA GLY B 49 21.57 17.67 -19.53
C GLY B 49 22.55 17.18 -20.59
N GLU B 50 23.42 16.22 -20.28
CA GLU B 50 24.46 15.78 -21.18
C GLU B 50 23.96 14.72 -22.17
N HIS B 51 24.59 14.65 -23.35
CA HIS B 51 24.20 13.76 -24.45
C HIS B 51 25.44 13.09 -25.02
N LEU B 52 25.24 11.88 -25.53
CA LEU B 52 26.25 11.17 -26.31
C LEU B 52 25.61 10.82 -27.66
N GLU B 53 25.31 11.84 -28.48
CA GLU B 53 24.49 11.58 -29.67
C GLU B 53 25.27 10.93 -30.81
N ASP B 54 26.56 10.68 -30.65
CA ASP B 54 27.32 9.96 -31.67
C ASP B 54 27.52 8.50 -31.31
N THR B 55 27.00 8.05 -30.17
CA THR B 55 26.99 6.64 -29.84
C THR B 55 25.55 6.17 -29.91
N ILE B 56 25.28 5.24 -30.82
CA ILE B 56 23.93 4.85 -31.17
C ILE B 56 23.64 3.48 -30.59
N LEU B 57 22.50 3.35 -29.95
CA LEU B 57 22.11 2.16 -29.21
C LEU B 57 20.80 1.64 -29.78
N ASN B 58 20.66 0.32 -29.72
CA ASN B 58 19.39 -0.37 -29.88
C ASN B 58 18.99 -0.88 -28.51
N ILE B 59 17.76 -0.60 -28.10
CA ILE B 59 17.32 -1.15 -26.83
C ILE B 59 15.82 -1.41 -26.90
N THR B 60 15.38 -2.44 -26.18
CA THR B 60 14.00 -2.85 -26.13
C THR B 60 13.46 -2.71 -24.69
N GLY B 61 12.16 -2.67 -24.57
CA GLY B 61 11.58 -2.74 -23.23
C GLY B 61 10.09 -2.71 -23.30
N ARG B 62 9.48 -2.71 -22.12
CA ARG B 62 8.04 -2.48 -21.96
C ARG B 62 7.79 -1.03 -21.57
N ILE B 63 6.95 -0.35 -22.35
CA ILE B 63 6.47 1.00 -22.03
C ILE B 63 5.49 0.89 -20.87
N MET B 64 5.82 1.53 -19.76
CA MET B 64 4.95 1.54 -18.60
C MET B 64 4.32 2.87 -18.27
N ARG B 65 4.82 3.98 -18.80
CA ARG B 65 4.18 5.28 -18.65
C ARG B 65 4.19 6.01 -19.99
N VAL B 66 3.12 6.75 -20.27
CA VAL B 66 2.90 7.32 -21.60
C VAL B 66 2.48 8.78 -21.53
N SER B 67 3.01 9.53 -20.57
CA SER B 67 2.54 10.90 -20.35
C SER B 67 3.29 11.84 -21.30
N ALA B 68 2.81 11.95 -22.53
CA ALA B 68 3.27 12.99 -23.45
C ALA B 68 2.86 14.36 -22.90
N SER B 69 3.68 15.39 -23.19
CA SER B 69 3.26 16.76 -22.85
C SER B 69 4.02 17.78 -23.68
N GLY B 70 3.34 18.32 -24.69
CA GLY B 70 3.94 19.20 -25.66
C GLY B 70 3.62 18.51 -26.96
N GLN B 71 3.48 19.20 -28.11
CA GLN B 71 3.27 18.45 -29.36
C GLN B 71 4.60 18.08 -30.05
N LYS B 72 5.74 18.35 -29.42
CA LYS B 72 7.02 17.94 -29.94
C LYS B 72 7.92 17.19 -28.95
N LEU B 73 7.53 17.09 -27.68
CA LEU B 73 8.25 16.27 -26.71
C LEU B 73 7.33 15.18 -26.17
N ARG B 74 7.78 13.92 -26.25
CA ARG B 74 7.03 12.78 -25.70
C ARG B 74 7.89 12.05 -24.69
N PHE B 75 7.30 11.76 -23.53
CA PHE B 75 7.98 11.15 -22.40
C PHE B 75 7.38 9.78 -22.13
N PHE B 76 8.25 8.79 -21.90
CA PHE B 76 7.82 7.42 -21.60
C PHE B 76 8.66 6.81 -20.49
N ASP B 77 8.09 5.82 -19.79
CA ASP B 77 8.85 4.94 -18.91
C ASP B 77 9.12 3.61 -19.61
N LEU B 78 10.36 3.12 -19.52
CA LEU B 78 10.74 1.87 -20.17
C LEU B 78 11.33 0.94 -19.13
N VAL B 79 10.75 -0.26 -19.00
CA VAL B 79 11.30 -1.23 -18.04
C VAL B 79 11.75 -2.51 -18.75
N GLY B 80 12.78 -3.09 -18.18
CA GLY B 80 13.16 -4.45 -18.50
C GLY B 80 13.96 -5.01 -17.34
N ASP B 81 13.86 -6.33 -17.15
CA ASP B 81 14.64 -7.02 -16.11
C ASP B 81 14.51 -6.33 -14.74
N GLY B 82 13.36 -5.70 -14.50
CA GLY B 82 13.07 -5.06 -13.23
C GLY B 82 13.63 -3.67 -13.01
N GLU B 83 14.02 -2.98 -14.08
CA GLU B 83 14.64 -1.67 -13.95
C GLU B 83 14.07 -0.76 -15.02
N LYS B 84 14.22 0.55 -14.79
CA LYS B 84 13.48 1.56 -15.56
C LYS B 84 14.40 2.67 -16.04
N ILE B 85 14.18 3.10 -17.27
CA ILE B 85 14.75 4.36 -17.73
C ILE B 85 13.65 5.22 -18.33
N GLN B 86 13.97 6.49 -18.51
CA GLN B 86 13.06 7.35 -19.24
C GLN B 86 13.37 7.29 -20.73
N VAL B 87 12.33 7.46 -21.53
CA VAL B 87 12.42 7.63 -22.97
C VAL B 87 12.00 9.07 -23.24
N LEU B 88 12.88 9.82 -23.90
CA LEU B 88 12.66 11.22 -24.20
C LEU B 88 12.71 11.34 -25.72
N ALA B 89 11.53 11.36 -26.35
CA ALA B 89 11.41 11.45 -27.80
C ALA B 89 11.16 12.91 -28.18
N ASN B 90 12.17 13.51 -28.81
CA ASN B 90 12.14 14.90 -29.21
C ASN B 90 12.03 14.98 -30.72
N TYR B 91 10.99 15.69 -31.19
CA TYR B 91 10.78 15.90 -32.63
C TYR B 91 12.10 16.18 -33.36
N SER B 92 12.97 17.00 -32.74
CA SER B 92 14.21 17.42 -33.40
C SER B 92 15.18 16.28 -33.65
N PHE B 93 15.06 15.15 -32.94
CA PHE B 93 15.94 14.02 -33.18
C PHE B 93 15.27 12.89 -33.96
N HIS B 94 13.96 13.02 -34.22
CA HIS B 94 13.21 12.02 -34.95
C HIS B 94 13.68 11.93 -36.40
N ASN B 95 13.68 10.71 -36.94
CA ASN B 95 14.02 10.48 -38.34
C ASN B 95 12.72 10.54 -39.15
N HIS B 96 12.37 11.75 -39.58
CA HIS B 96 11.15 11.98 -40.35
C HIS B 96 11.10 11.18 -41.64
N GLU B 97 12.17 10.46 -41.88
CA GLU B 97 12.24 9.70 -43.05
C GLU B 97 11.57 8.38 -42.90
N LYS B 98 11.35 7.97 -41.70
CA LYS B 98 10.71 6.70 -41.36
C LYS B 98 9.32 6.90 -40.78
N GLY B 99 8.75 8.09 -40.95
CA GLY B 99 7.36 8.31 -40.60
C GLY B 99 7.10 9.58 -39.82
N ASN B 100 5.84 10.01 -39.82
CA ASN B 100 5.48 11.19 -39.06
C ASN B 100 5.78 10.97 -37.57
N PHE B 101 6.37 11.99 -36.94
CA PHE B 101 6.69 11.91 -35.52
C PHE B 101 5.44 11.72 -34.68
N ALA B 102 4.51 12.67 -34.78
CA ALA B 102 3.30 12.62 -33.97
C ALA B 102 2.53 11.33 -34.21
N GLU B 103 2.43 10.95 -35.47
CA GLU B 103 1.62 9.82 -35.87
C GLU B 103 2.17 8.59 -35.35
N CYS B 104 3.44 8.54 -35.38
CA CYS B 104 4.11 7.34 -34.92
C CYS B 104 4.04 7.21 -33.41
N TYR B 105 4.20 8.31 -32.66
CA TYR B 105 4.22 8.20 -31.22
C TYR B 105 2.83 8.22 -30.60
N ASP B 106 1.82 8.68 -31.34
CA ASP B 106 0.46 8.58 -30.83
C ASP B 106 0.02 7.12 -30.70
N LYS B 107 0.51 6.27 -31.60
CA LYS B 107 0.11 4.86 -31.60
C LYS B 107 0.44 4.17 -30.27
N ILE B 108 1.53 4.56 -29.62
CA ILE B 108 2.05 3.83 -28.45
C ILE B 108 1.03 3.83 -27.34
N ARG B 109 0.98 2.74 -26.58
CA ARG B 109 0.10 2.64 -25.43
C ARG B 109 0.88 2.05 -24.26
N ARG B 110 0.33 2.22 -23.07
CA ARG B 110 0.91 1.58 -21.90
C ARG B 110 0.85 0.07 -22.08
N GLY B 111 2.01 -0.58 -21.91
CA GLY B 111 2.15 -2.02 -22.06
C GLY B 111 2.85 -2.46 -23.33
N ASP B 112 2.83 -1.65 -24.38
CA ASP B 112 3.50 -2.02 -25.62
C ASP B 112 4.97 -2.31 -25.36
N ILE B 113 5.47 -3.38 -25.97
CA ILE B 113 6.89 -3.66 -26.00
C ILE B 113 7.45 -3.08 -27.29
N VAL B 114 8.55 -2.32 -27.16
CA VAL B 114 9.08 -1.53 -28.27
C VAL B 114 10.58 -1.71 -28.36
N GLY B 115 11.09 -1.39 -29.56
CA GLY B 115 12.53 -1.27 -29.81
C GLY B 115 12.86 0.15 -30.24
N ILE B 116 13.96 0.67 -29.69
CA ILE B 116 14.34 2.06 -29.84
C ILE B 116 15.75 2.14 -30.41
N VAL B 117 15.92 3.00 -31.40
CA VAL B 117 17.23 3.38 -31.91
C VAL B 117 17.45 4.82 -31.45
N GLY B 118 18.50 5.03 -30.66
CA GLY B 118 18.67 6.36 -30.08
C GLY B 118 20.02 6.51 -29.42
N PHE B 119 20.16 7.57 -28.65
CA PHE B 119 21.41 7.85 -27.96
C PHE B 119 21.19 8.07 -26.47
N PRO B 120 22.20 7.77 -25.64
CA PRO B 120 22.04 7.93 -24.19
C PRO B 120 22.21 9.38 -23.76
N GLY B 121 21.55 9.71 -22.66
CA GLY B 121 21.81 11.00 -22.04
C GLY B 121 20.94 11.22 -20.82
N LYS B 122 21.18 12.35 -20.17
CA LYS B 122 20.39 12.78 -19.03
C LYS B 122 19.60 14.01 -19.41
N SER B 123 18.36 14.09 -18.93
CA SER B 123 17.57 15.31 -19.04
C SER B 123 18.23 16.44 -18.27
N LYS B 124 17.73 17.66 -18.46
CA LYS B 124 18.29 18.77 -17.70
C LYS B 124 18.06 18.57 -16.20
N LYS B 125 16.93 17.95 -15.82
CA LYS B 125 16.70 17.51 -14.45
C LYS B 125 17.59 16.34 -14.03
N GLY B 126 18.27 15.69 -14.96
CA GLY B 126 19.17 14.61 -14.63
C GLY B 126 18.62 13.21 -14.77
N GLU B 127 17.45 13.05 -15.38
CA GLU B 127 16.85 11.74 -15.54
C GLU B 127 17.59 10.98 -16.65
N LEU B 128 18.15 9.81 -16.32
CA LEU B 128 18.74 8.97 -17.35
C LEU B 128 17.67 8.57 -18.37
N SER B 129 18.01 8.70 -19.65
CA SER B 129 17.05 8.52 -20.72
C SER B 129 17.75 8.00 -21.98
N ILE B 130 16.98 7.28 -22.75
CA ILE B 130 17.30 6.99 -24.13
C ILE B 130 16.58 8.02 -24.97
N PHE B 131 17.26 8.56 -25.96
CA PHE B 131 16.69 9.57 -26.84
C PHE B 131 16.47 8.90 -28.20
N PRO B 132 15.23 8.60 -28.57
CA PRO B 132 14.98 7.89 -29.84
C PRO B 132 15.09 8.77 -31.08
N LYS B 133 15.71 8.20 -32.12
CA LYS B 133 15.51 8.61 -33.51
C LYS B 133 14.43 7.79 -34.21
N GLU B 134 14.10 6.60 -33.67
CA GLU B 134 13.14 5.68 -34.27
C GLU B 134 12.61 4.76 -33.18
N THR B 135 11.30 4.50 -33.24
CA THR B 135 10.63 3.63 -32.26
C THR B 135 9.67 2.71 -33.01
N ILE B 136 9.83 1.41 -32.81
CA ILE B 136 9.04 0.38 -33.48
C ILE B 136 8.21 -0.36 -32.44
N LEU B 137 6.93 -0.58 -32.77
CA LEU B 137 6.15 -1.58 -32.05
C LEU B 137 6.72 -2.97 -32.32
N LEU B 138 6.98 -3.72 -31.26
CA LEU B 138 7.38 -5.12 -31.32
C LEU B 138 6.27 -6.06 -30.87
N SER B 139 5.60 -5.74 -29.77
CA SER B 139 4.40 -6.51 -29.44
C SER B 139 3.48 -5.63 -28.58
N ALA B 140 2.23 -5.49 -28.99
CA ALA B 140 1.31 -4.60 -28.30
C ALA B 140 0.69 -5.27 -27.10
N CYS B 141 0.36 -4.45 -26.10
CA CYS B 141 -0.46 -4.88 -24.98
C CYS B 141 -1.92 -4.57 -25.34
N LEU B 142 -2.68 -5.60 -25.70
CA LEU B 142 -4.05 -5.36 -26.15
C LEU B 142 -5.01 -5.05 -25.01
N HIS B 143 -4.61 -5.30 -23.77
CA HIS B 143 -5.47 -5.03 -22.62
C HIS B 143 -5.03 -3.76 -21.92
N MET B 144 -5.90 -3.26 -21.05
CA MET B 144 -5.49 -2.23 -20.11
C MET B 144 -4.73 -2.89 -18.96
N LEU B 145 -3.53 -2.40 -18.70
CA LEU B 145 -2.75 -2.91 -17.58
C LEU B 145 -3.26 -2.29 -16.27
N PRO B 146 -3.40 -3.06 -15.24
CA PRO B 146 -3.86 -2.46 -14.00
C PRO B 146 -2.76 -1.78 -13.34
N MET B 147 -3.08 -0.78 -12.56
CA MET B 147 -2.05 -0.09 -11.81
C MET B 147 -1.84 -0.78 -10.48
N LYS B 148 -0.89 -0.35 -9.71
CA LYS B 148 -0.53 -1.05 -8.48
C LYS B 148 -1.65 -1.27 -7.49
N TYR B 149 -2.50 -0.28 -7.36
CA TYR B 149 -3.61 -0.37 -6.45
C TYR B 149 -4.53 -1.48 -6.81
N GLY B 150 -4.79 -1.63 -8.10
CA GLY B 150 -5.65 -2.63 -8.67
C GLY B 150 -5.23 -4.03 -8.48
N LEU B 151 -3.96 -4.29 -8.25
CA LEU B 151 -3.51 -5.63 -8.10
C LEU B 151 -3.33 -6.23 -6.72
N LYS B 152 -3.90 -5.68 -5.69
CA LYS B 152 -3.81 -6.29 -4.38
C LYS B 152 -4.85 -7.39 -4.18
N ASP B 153 -5.71 -7.63 -5.16
CA ASP B 153 -6.59 -8.80 -5.16
C ASP B 153 -5.74 -10.06 -5.31
N THR B 154 -5.78 -10.92 -4.31
CA THR B 154 -4.95 -12.13 -4.32
C THR B 154 -5.15 -12.92 -5.61
N GLU B 155 -6.40 -12.95 -6.11
CA GLU B 155 -6.71 -13.91 -7.16
C GLU B 155 -6.10 -13.53 -8.50
N ILE B 156 -5.96 -12.24 -8.78
CA ILE B 156 -5.32 -11.89 -10.04
C ILE B 156 -3.82 -12.16 -9.95
N ARG B 157 -3.22 -11.96 -8.77
CA ARG B 157 -1.80 -12.23 -8.61
C ARG B 157 -1.49 -13.69 -8.79
N TYR B 158 -2.43 -14.57 -8.41
CA TYR B 158 -2.18 -16.00 -8.60
C TYR B 158 -2.64 -16.53 -9.93
N ARG B 159 -3.69 -15.96 -10.53
CA ARG B 159 -4.23 -16.46 -11.78
C ARG B 159 -3.59 -15.83 -13.01
N GLN B 160 -2.99 -14.65 -12.88
CA GLN B 160 -2.22 -14.04 -13.95
C GLN B 160 -0.91 -13.52 -13.35
N ARG B 161 -0.01 -14.44 -12.97
CA ARG B 161 1.20 -13.96 -12.32
C ARG B 161 2.05 -13.07 -13.22
N TYR B 162 1.95 -13.19 -14.54
CA TYR B 162 2.69 -12.26 -15.39
C TYR B 162 2.33 -10.81 -15.03
N LEU B 163 1.05 -10.56 -14.71
CA LEU B 163 0.64 -9.22 -14.30
C LEU B 163 1.35 -8.79 -13.02
N ASP B 164 1.21 -9.61 -11.97
CA ASP B 164 1.90 -9.37 -10.71
C ASP B 164 3.39 -9.11 -10.93
N LEU B 165 4.05 -9.93 -11.75
CA LEU B 165 5.48 -9.73 -12.00
C LEU B 165 5.75 -8.45 -12.78
N LEU B 166 4.79 -7.96 -13.57
CA LEU B 166 5.02 -6.70 -14.27
C LEU B 166 4.78 -5.48 -13.38
N ILE B 167 3.84 -5.56 -12.44
CA ILE B 167 3.34 -4.37 -11.76
C ILE B 167 3.88 -4.25 -10.33
N ASN B 168 4.19 -5.37 -9.68
CA ASN B 168 4.61 -5.37 -8.27
C ASN B 168 6.07 -5.76 -8.20
N GLU B 169 6.95 -4.77 -8.04
CA GLU B 169 8.36 -5.13 -8.01
C GLU B 169 8.74 -5.91 -6.77
N SER B 170 7.90 -5.93 -5.72
CA SER B 170 8.04 -6.86 -4.61
C SER B 170 8.15 -8.30 -5.11
N SER B 171 7.28 -8.66 -6.06
CA SER B 171 7.08 -10.05 -6.44
C SER B 171 8.31 -10.62 -7.12
N ARG B 172 8.93 -9.83 -7.95
CA ARG B 172 10.10 -10.23 -8.62
C ARG B 172 11.17 -10.55 -7.66
N HIS B 173 11.35 -9.65 -6.72
CA HIS B 173 12.36 -9.89 -5.69
C HIS B 173 12.09 -11.19 -4.96
N THR B 174 10.82 -11.48 -4.67
CA THR B 174 10.48 -12.71 -3.95
C THR B 174 10.98 -13.93 -4.73
N PHE B 175 10.67 -13.98 -6.01
CA PHE B 175 10.99 -15.18 -6.78
C PHE B 175 12.48 -15.28 -7.11
N VAL B 176 13.13 -14.14 -7.32
CA VAL B 176 14.58 -14.12 -7.38
C VAL B 176 15.15 -14.70 -6.09
N THR B 177 14.56 -14.38 -4.94
CA THR B 177 15.10 -14.88 -3.69
C THR B 177 14.91 -16.39 -3.59
N ARG B 178 13.78 -16.91 -4.04
CA ARG B 178 13.59 -18.37 -4.03
C ARG B 178 14.65 -19.07 -4.89
N THR B 179 14.89 -18.56 -6.10
CA THR B 179 15.95 -19.14 -6.91
C THR B 179 17.32 -19.03 -6.23
N LYS B 180 17.59 -17.89 -5.58
CA LYS B 180 18.88 -17.78 -4.88
C LYS B 180 18.97 -18.78 -3.74
N ILE B 181 17.86 -19.07 -3.07
CA ILE B 181 17.89 -20.02 -1.97
C ILE B 181 18.24 -21.40 -2.50
N ILE B 182 17.57 -21.80 -3.59
CA ILE B 182 17.83 -23.12 -4.16
C ILE B 182 19.26 -23.20 -4.72
N ASN B 183 19.74 -22.15 -5.39
CA ASN B 183 21.14 -22.10 -5.79
C ASN B 183 22.06 -22.29 -4.59
N PHE B 184 21.83 -21.53 -3.53
CA PHE B 184 22.71 -21.63 -2.37
C PHE B 184 22.72 -23.06 -1.84
N LEU B 185 21.55 -23.71 -1.79
CA LEU B 185 21.48 -25.05 -1.25
C LEU B 185 22.22 -26.04 -2.13
N ARG B 186 22.01 -25.96 -3.45
CA ARG B 186 22.70 -26.84 -4.39
C ARG B 186 24.21 -26.67 -4.27
N ASN B 187 24.67 -25.41 -4.27
CA ASN B 187 26.10 -25.15 -4.14
C ASN B 187 26.63 -25.62 -2.78
N PHE B 188 25.83 -25.46 -1.73
CA PHE B 188 26.26 -25.83 -0.38
C PHE B 188 26.48 -27.33 -0.29
N LEU B 189 25.56 -28.12 -0.85
CA LEU B 189 25.74 -29.57 -0.82
C LEU B 189 26.89 -30.00 -1.73
N ASN B 190 26.92 -29.48 -2.96
CA ASN B 190 27.96 -29.85 -3.91
C ASN B 190 29.35 -29.60 -3.32
N GLU B 191 29.57 -28.42 -2.74
CA GLU B 191 30.87 -28.15 -2.15
C GLU B 191 31.26 -29.16 -1.08
N ARG B 192 30.28 -29.86 -0.50
CA ARG B 192 30.55 -30.80 0.58
C ARG B 192 30.66 -32.25 0.12
N GLY B 193 30.74 -32.48 -1.19
CA GLY B 193 30.91 -33.81 -1.74
C GLY B 193 29.62 -34.52 -2.12
N PHE B 194 28.52 -33.80 -2.22
CA PHE B 194 27.22 -34.44 -2.42
C PHE B 194 26.91 -34.54 -3.90
N PHE B 195 26.18 -35.61 -4.25
CA PHE B 195 25.92 -35.97 -5.63
C PHE B 195 24.42 -35.83 -5.92
N GLU B 196 24.06 -34.94 -6.84
CA GLU B 196 22.65 -34.78 -7.18
C GLU B 196 22.18 -35.86 -8.17
N VAL B 197 20.98 -36.39 -7.92
CA VAL B 197 20.39 -37.45 -8.74
C VAL B 197 18.91 -37.14 -8.96
N GLU B 198 18.30 -37.90 -9.86
CA GLU B 198 16.86 -37.92 -10.02
C GLU B 198 16.34 -39.32 -9.78
N THR B 199 15.32 -39.45 -8.94
CA THR B 199 14.63 -40.69 -8.70
C THR B 199 13.19 -40.51 -9.14
N PRO B 200 12.41 -41.59 -9.29
CA PRO B 200 11.21 -41.48 -10.13
C PRO B 200 10.08 -40.73 -9.47
N MET B 201 9.26 -40.12 -10.32
CA MET B 201 8.10 -39.36 -9.86
C MET B 201 6.89 -40.26 -9.65
N MET B 202 6.81 -41.34 -10.41
CA MET B 202 5.75 -42.33 -10.29
C MET B 202 6.38 -43.63 -9.81
N ASN B 203 5.78 -44.24 -8.79
CA ASN B 203 6.23 -45.53 -8.29
C ASN B 203 5.03 -46.45 -8.05
N LEU B 204 5.27 -47.68 -7.72
CA LEU B 204 4.22 -48.61 -7.49
C LEU B 204 3.73 -48.60 -6.11
N ILE B 205 4.59 -48.17 -5.25
CA ILE B 205 4.30 -48.08 -3.87
C ILE B 205 3.89 -46.71 -3.70
N ALA B 206 2.99 -46.57 -2.76
CA ALA B 206 2.37 -45.32 -2.52
C ALA B 206 3.36 -44.24 -2.19
N GLY B 207 4.36 -44.49 -1.37
CA GLY B 207 5.33 -43.43 -1.13
C GLY B 207 6.30 -43.79 -0.06
N GLY B 208 7.16 -42.86 0.28
CA GLY B 208 8.11 -43.15 1.31
C GLY B 208 8.03 -42.48 2.64
N ALA B 209 6.97 -41.79 2.96
CA ALA B 209 6.89 -41.14 4.25
C ALA B 209 5.45 -41.07 4.72
N ALA B 211 0.52 -40.04 3.78
CA ALA B 211 -0.51 -39.11 3.35
C ALA B 211 -1.16 -39.68 2.12
N ARG B 212 -2.34 -39.27 1.73
CA ARG B 212 -2.95 -39.89 0.56
C ARG B 212 -2.20 -39.64 -0.71
N PRO B 213 -2.28 -40.55 -1.64
CA PRO B 213 -1.54 -40.36 -2.89
C PRO B 213 -2.41 -39.83 -4.02
N PHE B 214 -1.76 -39.35 -5.06
CA PHE B 214 -2.40 -39.21 -6.35
C PHE B 214 -2.25 -40.53 -7.12
N ILE B 215 -3.36 -41.04 -7.63
CA ILE B 215 -3.37 -42.23 -8.47
C ILE B 215 -3.31 -41.80 -9.92
N THR B 216 -2.58 -42.53 -10.75
CA THR B 216 -2.73 -42.32 -12.18
C THR B 216 -2.46 -43.60 -12.95
N HIS B 217 -3.09 -43.71 -14.11
CA HIS B 217 -3.03 -44.93 -14.89
C HIS B 217 -1.97 -44.82 -15.97
N HIS B 218 -1.01 -45.72 -15.93
CA HIS B 218 -0.07 -45.93 -17.00
C HIS B 218 -0.71 -46.85 -18.04
N ASN B 219 -0.77 -46.35 -19.27
CA ASN B 219 -1.53 -47.00 -20.34
C ASN B 219 -0.76 -48.16 -20.95
N ASP B 220 0.49 -47.92 -21.38
CA ASP B 220 1.36 -48.93 -21.99
C ASP B 220 1.72 -50.06 -21.04
N LEU B 221 1.25 -50.06 -19.80
CA LEU B 221 1.46 -51.18 -18.91
C LEU B 221 0.20 -51.58 -18.16
N ASP B 222 -0.95 -50.96 -18.45
CA ASP B 222 -2.24 -51.31 -17.80
C ASP B 222 -2.11 -51.29 -16.28
N LEU B 223 -1.40 -50.29 -15.77
CA LEU B 223 -1.05 -50.32 -14.36
C LEU B 223 -1.42 -48.99 -13.72
N ASP B 224 -1.65 -49.01 -12.41
CA ASP B 224 -1.84 -47.77 -11.67
C ASP B 224 -0.61 -47.47 -10.84
N LEU B 225 -0.16 -46.22 -10.92
CA LEU B 225 1.01 -45.74 -10.22
C LEU B 225 0.60 -44.62 -9.28
N TYR B 226 1.50 -44.31 -8.37
CA TYR B 226 1.26 -43.29 -7.36
C TYR B 226 2.37 -42.25 -7.44
N LEU B 227 1.97 -40.99 -7.42
CA LEU B 227 2.94 -39.91 -7.36
C LEU B 227 3.67 -39.96 -6.01
N ARG B 228 4.96 -39.65 -6.04
CA ARG B 228 5.77 -39.83 -4.85
C ARG B 228 5.32 -38.86 -3.78
N ILE B 229 5.34 -39.31 -2.53
CA ILE B 229 5.11 -38.37 -1.43
C ILE B 229 6.41 -37.89 -0.80
N ALA B 230 7.52 -38.58 -1.05
CA ALA B 230 8.86 -38.25 -0.58
C ALA B 230 9.84 -39.05 -1.41
N THR B 231 11.13 -38.72 -1.25
CA THR B 231 12.21 -39.33 -2.00
C THR B 231 13.05 -40.26 -1.13
N GLU B 232 12.69 -40.39 0.14
CA GLU B 232 13.46 -41.12 1.15
C GLU B 232 13.91 -42.51 0.69
N LEU B 233 12.98 -43.31 0.14
CA LEU B 233 13.32 -44.71 -0.11
C LEU B 233 14.36 -44.89 -1.23
N PRO B 234 14.12 -44.43 -2.46
CA PRO B 234 15.16 -44.61 -3.49
C PRO B 234 16.49 -43.98 -3.13
N LEU B 235 16.48 -42.89 -2.37
CA LEU B 235 17.75 -42.27 -2.02
C LEU B 235 18.54 -43.16 -1.06
N LYS B 236 17.86 -43.74 -0.07
CA LYS B 236 18.56 -44.71 0.77
C LYS B 236 19.09 -45.87 -0.06
N MET B 237 18.31 -46.30 -1.07
CA MET B 237 18.82 -47.36 -1.95
C MET B 237 20.08 -46.92 -2.68
N LEU B 238 20.19 -45.63 -2.99
CA LEU B 238 21.44 -45.15 -3.59
C LEU B 238 22.58 -45.18 -2.59
N ILE B 239 22.29 -44.98 -1.29
CA ILE B 239 23.34 -45.16 -0.28
C ILE B 239 23.82 -46.62 -0.28
N VAL B 240 22.88 -47.56 -0.26
CA VAL B 240 23.29 -48.97 -0.38
C VAL B 240 24.21 -49.16 -1.59
N GLY B 241 23.82 -48.60 -2.73
CA GLY B 241 24.66 -48.71 -3.90
C GLY B 241 25.96 -47.94 -3.90
N GLY B 242 26.39 -47.37 -2.79
CA GLY B 242 27.70 -46.74 -2.72
C GLY B 242 27.80 -45.27 -3.07
N ILE B 243 26.68 -44.61 -3.36
CA ILE B 243 26.66 -43.15 -3.53
C ILE B 243 26.53 -42.53 -2.14
N ASP B 244 27.66 -42.41 -1.44
CA ASP B 244 27.66 -42.22 0.00
C ASP B 244 27.19 -40.85 0.44
N LYS B 245 27.08 -39.90 -0.49
CA LYS B 245 26.53 -38.56 -0.23
C LYS B 245 25.63 -38.26 -1.39
N VAL B 246 24.32 -38.31 -1.18
CA VAL B 246 23.38 -38.17 -2.29
C VAL B 246 22.25 -37.24 -1.88
N TYR B 247 21.65 -36.57 -2.87
CA TYR B 247 20.53 -35.70 -2.58
C TYR B 247 19.70 -35.52 -3.83
N GLU B 248 18.47 -35.03 -3.64
CA GLU B 248 17.54 -34.70 -4.70
C GLU B 248 16.72 -33.48 -4.31
N ILE B 249 16.49 -32.57 -5.27
CA ILE B 249 15.64 -31.38 -5.10
C ILE B 249 14.58 -31.43 -6.18
N GLY B 250 13.33 -31.69 -5.80
CA GLY B 250 12.26 -31.74 -6.77
C GLY B 250 10.91 -31.69 -6.11
N LYS B 251 9.88 -31.82 -6.95
CA LYS B 251 8.50 -31.77 -6.47
C LYS B 251 8.12 -33.08 -5.80
N VAL B 252 7.36 -32.99 -4.71
CA VAL B 252 6.63 -34.13 -4.18
C VAL B 252 5.16 -33.73 -4.07
N PHE B 253 4.31 -34.75 -3.96
CA PHE B 253 2.87 -34.60 -4.11
C PHE B 253 2.13 -35.10 -2.87
N ARG B 254 1.13 -34.35 -2.52
CA ARG B 254 0.29 -34.68 -1.41
C ARG B 254 -1.10 -34.29 -1.66
N ASN B 255 -1.94 -35.29 -1.68
CA ASN B 255 -3.36 -35.16 -2.05
C ASN B 255 -4.20 -34.85 -0.80
N GLU B 256 -4.24 -33.58 -0.46
CA GLU B 256 -4.80 -33.19 0.82
C GLU B 256 -5.46 -31.82 0.66
N GLY B 257 -5.60 -31.10 1.77
CA GLY B 257 -6.32 -29.85 1.76
C GLY B 257 -5.39 -28.66 1.50
N ILE B 258 -5.91 -27.69 0.75
CA ILE B 258 -5.19 -26.46 0.48
C ILE B 258 -5.32 -25.53 1.70
N ASP B 259 -4.21 -25.31 2.39
CA ASP B 259 -4.08 -24.21 3.32
C ASP B 259 -2.73 -23.56 3.09
N ASN B 260 -2.56 -22.37 3.64
CA ASN B 260 -1.51 -21.51 3.14
C ASN B 260 -0.13 -21.84 3.72
N THR B 261 0.06 -23.02 4.33
CA THR B 261 1.37 -23.68 4.33
C THR B 261 1.27 -25.07 3.73
N HIS B 262 0.30 -25.29 2.83
CA HIS B 262 0.08 -26.63 2.27
C HIS B 262 -0.47 -26.53 0.85
N ASN B 263 0.29 -27.09 -0.11
CA ASN B 263 -0.11 -27.12 -1.51
C ASN B 263 0.04 -28.53 -2.06
N PRO B 264 -0.82 -28.92 -3.04
CA PRO B 264 -0.78 -30.30 -3.57
C PRO B 264 0.59 -30.80 -3.97
N GLU B 265 1.33 -30.02 -4.77
CA GLU B 265 2.76 -30.24 -4.99
C GLU B 265 3.55 -29.17 -4.26
N PHE B 266 4.71 -29.55 -3.75
CA PHE B 266 5.64 -28.60 -3.15
C PHE B 266 7.05 -29.14 -3.39
N THR B 267 8.04 -28.27 -3.19
CA THR B 267 9.41 -28.60 -3.54
C THR B 267 10.17 -29.01 -2.29
N SER B 268 10.68 -30.25 -2.31
CA SER B 268 11.46 -30.89 -1.26
C SER B 268 12.92 -31.02 -1.70
N CYS B 269 13.81 -31.00 -0.69
CA CYS B 269 15.20 -31.40 -0.88
C CYS B 269 15.54 -32.42 0.19
N GLU B 270 15.81 -33.67 -0.19
CA GLU B 270 16.27 -34.66 0.77
C GLU B 270 17.71 -35.02 0.44
N PHE B 271 18.55 -35.12 1.48
CA PHE B 271 19.88 -35.67 1.33
C PHE B 271 20.11 -36.80 2.32
N TYR B 272 20.94 -37.74 1.91
CA TYR B 272 21.42 -38.84 2.75
C TYR B 272 22.93 -38.80 2.79
N TRP B 273 23.46 -38.98 4.00
CA TRP B 273 24.85 -38.69 4.34
C TRP B 273 25.40 -39.92 5.07
N ALA B 274 26.17 -40.74 4.36
CA ALA B 274 26.68 -41.96 4.98
C ALA B 274 27.71 -41.63 6.06
N TYR B 275 27.74 -42.47 7.10
CA TYR B 275 28.58 -42.37 8.29
C TYR B 275 28.26 -41.16 9.15
N ALA B 276 27.11 -40.53 8.95
CA ALA B 276 26.69 -39.41 9.78
C ALA B 276 25.50 -39.80 10.65
N ASP B 277 25.35 -39.12 11.76
CA ASP B 277 24.24 -39.40 12.65
C ASP B 277 23.54 -38.10 13.02
N TYR B 278 22.44 -38.27 13.74
CA TYR B 278 21.61 -37.23 14.33
C TYR B 278 22.39 -35.94 14.64
N ASN B 279 23.54 -36.06 15.33
CA ASN B 279 24.29 -34.88 15.74
C ASN B 279 24.86 -34.14 14.54
N ASP B 280 25.44 -34.88 13.59
CA ASP B 280 25.87 -34.27 12.33
C ASP B 280 24.73 -33.50 11.68
N LEU B 281 23.48 -33.98 11.81
CA LEU B 281 22.35 -33.34 11.16
C LEU B 281 21.90 -32.07 11.89
N ILE B 282 21.94 -32.06 13.24
CA ILE B 282 21.75 -30.82 13.99
C ILE B 282 22.77 -29.78 13.54
N LYS B 283 24.05 -30.16 13.55
CA LYS B 283 25.11 -29.22 13.22
C LYS B 283 24.96 -28.73 11.78
N TRP B 284 24.56 -29.62 10.88
CA TRP B 284 24.34 -29.24 9.49
C TRP B 284 23.25 -28.19 9.40
N SER B 285 22.10 -28.45 10.05
CA SER B 285 21.01 -27.48 9.99
C SER B 285 21.46 -26.13 10.51
N GLU B 286 22.22 -26.11 11.62
CA GLU B 286 22.65 -24.83 12.16
C GLU B 286 23.54 -24.09 11.16
N ASP B 287 24.57 -24.77 10.64
CA ASP B 287 25.47 -24.17 9.66
C ASP B 287 24.71 -23.64 8.45
N PHE B 288 23.82 -24.47 7.90
CA PHE B 288 23.13 -24.10 6.66
C PHE B 288 22.22 -22.90 6.86
N PHE B 289 21.37 -22.94 7.89
CA PHE B 289 20.42 -21.84 8.02
C PHE B 289 21.14 -20.55 8.38
N SER B 290 22.13 -20.62 9.29
CA SER B 290 22.85 -19.41 9.62
C SER B 290 23.56 -18.83 8.40
N GLN B 291 24.29 -19.67 7.66
CA GLN B 291 25.02 -19.18 6.50
C GLN B 291 24.07 -18.69 5.40
N LEU B 292 22.97 -19.39 5.16
CA LEU B 292 22.03 -18.96 4.13
C LEU B 292 21.47 -17.59 4.47
N VAL B 293 21.02 -17.42 5.71
CA VAL B 293 20.47 -16.12 6.08
C VAL B 293 21.53 -15.03 5.95
N TYR B 294 22.75 -15.31 6.42
CA TYR B 294 23.79 -14.30 6.28
C TYR B 294 24.06 -13.98 4.80
N HIS B 295 24.08 -15.02 3.95
CA HIS B 295 24.30 -14.85 2.51
C HIS B 295 23.26 -13.93 1.90
N LEU B 296 21.99 -14.09 2.30
CA LEU B 296 20.95 -13.25 1.70
C LEU B 296 20.88 -11.86 2.32
N PHE B 297 21.32 -11.68 3.58
CA PHE B 297 21.00 -10.45 4.31
C PHE B 297 22.18 -9.71 4.96
N GLY B 298 23.38 -10.27 4.96
CA GLY B 298 24.47 -9.60 5.67
C GLY B 298 24.29 -9.54 7.17
N THR B 299 23.30 -10.27 7.67
CA THR B 299 23.11 -10.40 9.11
C THR B 299 22.46 -11.74 9.40
N TYR B 300 22.39 -12.08 10.67
CA TYR B 300 21.71 -13.28 11.12
C TYR B 300 20.29 -13.04 11.62
N LYS B 301 19.86 -11.77 11.72
CA LYS B 301 18.58 -11.40 12.30
C LYS B 301 17.70 -10.77 11.22
N ILE B 302 16.47 -11.28 11.09
CA ILE B 302 15.56 -10.89 10.03
C ILE B 302 14.24 -10.49 10.67
N SER B 303 13.48 -9.67 9.94
CA SER B 303 12.15 -9.28 10.38
C SER B 303 11.10 -10.13 9.66
N TYR B 304 10.00 -10.37 10.29
CA TYR B 304 9.00 -11.21 9.67
C TYR B 304 7.63 -10.93 10.19
N ASN B 305 6.70 -10.66 9.32
CA ASN B 305 5.40 -10.37 9.74
C ASN B 305 4.61 -11.56 9.80
N LYS B 306 4.56 -12.12 10.94
CA LYS B 306 3.85 -13.33 11.13
C LYS B 306 2.40 -13.24 10.88
N ASP B 307 1.79 -12.17 11.25
CA ASP B 307 0.40 -12.08 11.07
C ASP B 307 0.11 -11.14 10.00
N GLY B 308 0.94 -11.05 9.00
CA GLY B 308 0.63 -10.18 7.92
C GLY B 308 1.25 -8.87 8.10
N PRO B 309 1.23 -8.07 7.08
CA PRO B 309 1.84 -6.76 7.15
C PRO B 309 0.99 -5.76 7.84
N GLU B 310 -0.09 -6.20 8.42
CA GLU B 310 -0.91 -5.30 9.15
C GLU B 310 -0.57 -5.36 10.58
N ASN B 311 -0.17 -6.49 11.05
CA ASN B 311 0.21 -6.57 12.40
C ASN B 311 1.67 -6.31 12.53
N GLN B 312 2.15 -6.25 13.73
CA GLN B 312 3.54 -5.95 13.98
C GLN B 312 4.42 -7.03 13.57
N PRO B 313 5.61 -6.71 13.22
CA PRO B 313 6.55 -7.76 12.85
C PRO B 313 7.20 -8.33 14.11
N ILE B 314 7.84 -9.50 13.94
CA ILE B 314 8.67 -10.09 14.99
C ILE B 314 10.06 -10.31 14.41
N GLU B 315 11.06 -10.36 15.29
CA GLU B 315 12.43 -10.60 14.89
C GLU B 315 12.81 -12.07 15.07
N ILE B 316 13.52 -12.63 14.09
CA ILE B 316 14.03 -14.00 14.17
C ILE B 316 15.55 -13.94 14.06
N ASP B 317 16.23 -14.59 14.97
CA ASP B 317 17.66 -14.57 14.97
C ASP B 317 18.15 -15.91 14.69
N PHE B 318 18.99 -16.03 13.72
CA PHE B 318 19.43 -17.31 13.31
C PHE B 318 20.78 -17.72 13.78
N THR B 319 21.35 -16.96 14.67
CA THR B 319 22.63 -17.29 15.18
C THR B 319 22.59 -18.58 15.91
N PRO B 320 23.47 -19.46 15.60
CA PRO B 320 23.63 -20.76 16.19
C PRO B 320 24.21 -20.68 17.52
N PRO B 321 23.94 -21.65 18.31
CA PRO B 321 23.14 -22.81 18.23
C PRO B 321 21.73 -22.51 18.55
N TYR B 322 20.87 -23.39 18.14
CA TYR B 322 19.49 -23.28 18.41
C TYR B 322 19.17 -24.30 19.48
N PRO B 323 18.08 -24.05 20.18
CA PRO B 323 17.65 -24.91 21.24
C PRO B 323 17.10 -26.20 20.84
N LYS B 324 17.33 -27.24 21.61
CA LYS B 324 16.79 -28.58 21.38
C LYS B 324 15.80 -28.89 22.49
N VAL B 325 14.58 -29.25 22.10
CA VAL B 325 13.49 -29.60 23.03
C VAL B 325 13.05 -31.02 22.76
N SER B 326 13.15 -31.89 23.79
CA SER B 326 12.82 -33.31 23.66
C SER B 326 11.32 -33.52 23.87
N ILE B 327 10.67 -34.11 22.85
CA ILE B 327 9.22 -33.96 22.72
C ILE B 327 8.47 -34.47 23.95
N VAL B 328 8.61 -35.76 24.25
CA VAL B 328 7.77 -36.37 25.29
C VAL B 328 8.11 -35.77 26.65
N GLU B 329 9.39 -35.63 26.96
CA GLU B 329 9.77 -34.97 28.21
C GLU B 329 9.11 -33.59 28.31
N GLU B 330 9.02 -32.87 27.20
CA GLU B 330 8.49 -31.51 27.27
C GLU B 330 6.97 -31.54 27.45
N ILE B 331 6.28 -32.40 26.70
CA ILE B 331 4.85 -32.57 26.88
C ILE B 331 4.54 -32.95 28.32
N GLU B 332 5.35 -33.86 28.89
CA GLU B 332 5.16 -34.26 30.27
C GLU B 332 5.37 -33.10 31.23
N LYS B 333 6.34 -32.22 30.95
CA LYS B 333 6.57 -31.10 31.86
C LYS B 333 5.40 -30.11 31.83
N VAL B 334 4.89 -29.79 30.64
CA VAL B 334 3.82 -28.79 30.60
C VAL B 334 2.51 -29.36 31.12
N THR B 335 2.13 -30.56 30.67
CA THR B 335 0.86 -31.13 31.12
C THR B 335 0.92 -31.64 32.56
N ASN B 336 2.11 -31.75 33.16
CA ASN B 336 2.26 -32.34 34.47
C ASN B 336 1.59 -33.71 34.52
N THR B 337 1.86 -34.50 33.48
CA THR B 337 1.47 -35.89 33.41
C THR B 337 2.69 -36.70 32.96
N ILE B 338 2.60 -38.01 33.06
CA ILE B 338 3.72 -38.90 32.77
C ILE B 338 3.22 -39.98 31.81
N LEU B 339 3.64 -39.91 30.54
CA LEU B 339 3.19 -40.85 29.53
C LEU B 339 4.26 -41.93 29.42
N GLU B 340 4.00 -43.08 30.03
CA GLU B 340 5.03 -44.11 30.05
C GLU B 340 4.76 -45.13 28.95
N GLN B 341 5.79 -45.86 28.62
CA GLN B 341 5.72 -46.69 27.43
C GLN B 341 5.09 -48.04 27.76
N PRO B 342 4.52 -48.74 26.77
CA PRO B 342 4.35 -48.31 25.37
C PRO B 342 3.30 -47.18 25.24
N PHE B 343 3.59 -46.21 24.37
CA PHE B 343 2.74 -45.04 24.24
C PHE B 343 1.36 -45.38 23.67
N ASP B 344 1.22 -46.55 23.04
CA ASP B 344 -0.07 -47.01 22.53
C ASP B 344 -0.82 -47.92 23.51
N SER B 345 -0.39 -47.98 24.77
CA SER B 345 -1.17 -48.72 25.75
C SER B 345 -2.48 -47.99 25.99
N ASN B 346 -3.53 -48.75 26.32
CA ASN B 346 -4.80 -48.11 26.67
C ASN B 346 -4.59 -47.03 27.72
N GLU B 347 -3.74 -47.32 28.71
CA GLU B 347 -3.54 -46.41 29.84
C GLU B 347 -3.02 -45.05 29.37
N THR B 348 -1.86 -45.04 28.72
CA THR B 348 -1.31 -43.77 28.26
C THR B 348 -2.14 -43.13 27.16
N ILE B 349 -2.77 -43.94 26.30
CA ILE B 349 -3.70 -43.38 25.32
C ILE B 349 -4.76 -42.53 26.01
N GLU B 350 -5.38 -43.07 27.07
CA GLU B 350 -6.43 -42.31 27.75
C GLU B 350 -5.86 -41.13 28.53
N LYS B 351 -4.63 -41.22 29.03
CA LYS B 351 -4.01 -40.02 29.59
C LYS B 351 -3.96 -38.91 28.55
N MET B 352 -3.56 -39.26 27.33
CA MET B 352 -3.43 -38.22 26.29
C MET B 352 -4.79 -37.71 25.84
N ILE B 353 -5.78 -38.60 25.69
CA ILE B 353 -7.14 -38.16 25.37
C ILE B 353 -7.73 -37.33 26.50
N ASN B 354 -7.37 -37.64 27.74
CA ASN B 354 -7.83 -36.81 28.85
C ASN B 354 -7.20 -35.43 28.78
N ILE B 355 -5.91 -35.33 28.46
CA ILE B 355 -5.29 -34.02 28.32
C ILE B 355 -5.94 -33.23 27.18
N ILE B 356 -6.19 -33.90 26.04
CA ILE B 356 -6.83 -33.23 24.91
C ILE B 356 -8.19 -32.69 25.32
N LYS B 357 -8.98 -33.50 26.04
CA LYS B 357 -10.32 -33.09 26.44
C LYS B 357 -10.23 -31.98 27.47
N GLU B 358 -9.35 -32.13 28.46
CA GLU B 358 -9.23 -31.17 29.57
C GLU B 358 -8.79 -29.81 29.07
N HIS B 359 -7.95 -29.74 28.03
CA HIS B 359 -7.52 -28.45 27.50
C HIS B 359 -8.36 -28.02 26.30
N LYS B 360 -9.29 -28.86 25.92
CA LYS B 360 -10.18 -28.59 24.84
C LYS B 360 -9.57 -28.54 23.45
N ILE B 361 -8.45 -29.23 23.30
CA ILE B 361 -7.86 -29.51 22.01
C ILE B 361 -8.82 -30.37 21.19
N GLU B 362 -8.86 -30.13 19.88
CA GLU B 362 -9.60 -31.05 19.03
C GLU B 362 -8.89 -32.40 19.00
N LEU B 363 -9.65 -33.43 19.07
CA LEU B 363 -9.08 -34.76 19.08
C LEU B 363 -8.87 -35.24 17.65
N PRO B 364 -7.76 -35.83 17.38
CA PRO B 364 -7.47 -36.35 16.06
C PRO B 364 -8.41 -37.47 15.85
N ASN B 365 -9.24 -37.45 14.83
CA ASN B 365 -10.24 -38.48 14.71
C ASN B 365 -9.89 -39.88 14.54
N PRO B 366 -8.71 -40.19 14.07
CA PRO B 366 -8.35 -41.59 14.23
C PRO B 366 -7.45 -41.30 15.35
N PRO B 367 -7.85 -41.51 16.56
CA PRO B 367 -6.97 -41.13 17.65
C PRO B 367 -5.94 -42.11 18.04
N THR B 368 -4.95 -42.25 17.21
CA THR B 368 -3.83 -43.10 17.46
C THR B 368 -2.89 -42.43 18.36
N ALA B 369 -2.01 -43.18 18.94
CA ALA B 369 -1.05 -42.60 19.82
C ALA B 369 -0.16 -41.65 19.13
N ALA B 370 0.27 -42.02 17.95
CA ALA B 370 1.10 -41.17 17.21
C ALA B 370 0.40 -39.91 16.85
N LYS B 371 -0.84 -39.98 16.46
CA LYS B 371 -1.54 -38.80 16.16
C LYS B 371 -1.69 -37.96 17.42
N LEU B 372 -2.00 -38.56 18.54
CA LEU B 372 -2.17 -37.80 19.74
C LEU B 372 -0.93 -37.11 20.19
N LEU B 373 0.15 -37.85 20.33
CA LEU B 373 1.45 -37.23 20.59
C LEU B 373 1.71 -36.06 19.66
N ASP B 374 1.41 -36.24 18.37
CA ASP B 374 1.62 -35.15 17.43
C ASP B 374 0.77 -33.94 17.78
N GLN B 375 -0.52 -34.17 18.05
CA GLN B 375 -1.41 -33.07 18.42
C GLN B 375 -0.95 -32.39 19.70
N LEU B 376 -0.42 -33.17 20.64
CA LEU B 376 0.06 -32.61 21.89
C LEU B 376 1.28 -31.73 21.67
N ALA B 377 2.28 -32.22 20.94
CA ALA B 377 3.44 -31.39 20.63
C ALA B 377 3.02 -30.13 19.89
N SER B 378 2.14 -30.29 18.90
CA SER B 378 1.65 -29.13 18.16
C SER B 378 0.95 -28.13 19.07
N HIS B 379 0.29 -28.58 20.13
CA HIS B 379 -0.41 -27.65 21.01
C HIS B 379 0.48 -27.07 22.11
N PHE B 380 1.44 -27.83 22.64
CA PHE B 380 2.22 -27.40 23.81
C PHE B 380 3.67 -27.02 23.53
N ILE B 381 4.27 -27.48 22.44
CA ILE B 381 5.69 -27.28 22.20
C ILE B 381 5.95 -26.43 20.96
N GLU B 382 5.20 -26.69 19.88
CA GLU B 382 5.61 -26.24 18.56
C GLU B 382 5.67 -24.72 18.41
N ASN B 383 5.00 -23.96 19.27
CA ASN B 383 5.18 -22.51 19.25
C ASN B 383 5.80 -22.01 20.56
N LYS B 384 6.66 -22.84 21.16
CA LYS B 384 7.42 -22.43 22.34
C LYS B 384 8.33 -21.25 22.00
N TYR B 385 9.21 -21.44 21.02
CA TYR B 385 10.10 -20.38 20.54
C TYR B 385 9.50 -19.81 19.26
N ASN B 386 9.47 -18.47 19.18
CA ASN B 386 9.19 -17.78 17.93
C ASN B 386 10.21 -16.68 17.63
N ASP B 387 11.21 -16.48 18.49
CA ASP B 387 12.24 -15.47 18.29
C ASP B 387 13.51 -16.04 17.69
N LYS B 388 13.62 -17.37 17.64
CA LYS B 388 14.77 -18.15 17.22
C LYS B 388 14.23 -19.47 16.69
N PRO B 389 14.86 -20.07 15.68
CA PRO B 389 14.45 -21.42 15.27
C PRO B 389 14.82 -22.41 16.36
N PHE B 390 14.16 -23.57 16.34
CA PHE B 390 14.48 -24.55 17.38
C PHE B 390 14.15 -25.96 16.91
N PHE B 391 14.68 -26.94 17.64
CA PHE B 391 14.51 -28.36 17.31
C PHE B 391 13.61 -29.05 18.34
N ILE B 392 12.64 -29.82 17.85
CA ILE B 392 11.98 -30.84 18.64
C ILE B 392 12.57 -32.18 18.22
N VAL B 393 13.00 -32.97 19.20
CA VAL B 393 13.92 -34.07 18.99
C VAL B 393 13.48 -35.30 19.80
N GLU B 394 14.13 -36.43 19.50
CA GLU B 394 13.96 -37.69 20.24
C GLU B 394 12.52 -38.21 20.24
N HIS B 395 11.88 -38.16 19.06
CA HIS B 395 10.50 -38.62 18.90
C HIS B 395 10.36 -40.11 19.26
N PRO B 396 9.22 -40.51 19.81
CA PRO B 396 8.98 -41.94 20.08
C PRO B 396 9.07 -42.78 18.82
N GLN B 397 9.54 -44.04 18.98
CA GLN B 397 9.66 -44.94 17.84
C GLN B 397 8.34 -45.12 17.12
N ILE B 398 7.22 -44.98 17.83
CA ILE B 398 5.92 -45.16 17.21
C ILE B 398 5.58 -44.04 16.24
N MET B 399 6.23 -42.88 16.33
CA MET B 399 6.01 -41.80 15.38
C MET B 399 7.00 -41.82 14.23
N SER B 400 7.98 -42.71 14.25
CA SER B 400 9.18 -42.58 13.42
C SER B 400 9.61 -43.94 12.92
N PRO B 401 8.80 -44.56 12.05
CA PRO B 401 9.03 -45.96 11.70
C PRO B 401 10.27 -46.20 10.86
N LEU B 402 10.95 -45.17 10.37
CA LEU B 402 12.24 -45.37 9.69
C LEU B 402 13.39 -44.70 10.42
N ALA B 403 13.17 -44.18 11.63
CA ALA B 403 14.23 -43.56 12.40
C ALA B 403 14.86 -44.61 13.32
N LYS B 404 16.20 -44.64 13.35
CA LYS B 404 16.91 -45.62 14.16
C LYS B 404 16.68 -45.37 15.65
N TYR B 405 16.58 -46.45 16.41
CA TYR B 405 16.22 -46.31 17.82
C TYR B 405 17.27 -45.50 18.58
N HIS B 406 16.81 -44.66 19.51
CA HIS B 406 17.72 -43.87 20.33
C HIS B 406 18.74 -44.74 21.05
N ARG B 407 20.02 -44.38 20.95
CA ARG B 407 21.05 -45.27 21.46
C ARG B 407 21.15 -45.26 22.99
N THR B 408 20.37 -44.45 23.71
CA THR B 408 20.36 -44.57 25.17
C THR B 408 18.95 -44.57 25.74
N LYS B 409 17.99 -43.94 25.07
CA LYS B 409 16.64 -43.83 25.60
C LYS B 409 15.73 -44.83 24.91
N PRO B 410 15.35 -45.93 25.56
CA PRO B 410 14.54 -46.95 24.88
C PRO B 410 13.21 -46.37 24.44
N GLY B 411 12.71 -46.88 23.31
CA GLY B 411 11.44 -46.44 22.77
C GLY B 411 11.44 -45.11 22.08
N LEU B 412 12.57 -44.39 22.08
CA LEU B 412 12.71 -43.16 21.32
C LEU B 412 13.64 -43.36 20.11
N THR B 413 13.63 -42.39 19.21
CA THR B 413 14.49 -42.41 18.03
C THR B 413 15.39 -41.18 17.99
N GLU B 414 16.42 -41.25 17.16
CA GLU B 414 17.37 -40.16 16.96
C GLU B 414 16.88 -39.26 15.82
N ARG B 415 15.76 -38.61 16.06
CA ARG B 415 15.08 -37.77 15.07
C ARG B 415 15.12 -36.31 15.50
N LEU B 416 15.13 -35.37 14.55
CA LEU B 416 14.99 -33.97 14.81
C LEU B 416 14.12 -33.32 13.78
N GLU B 417 13.46 -32.24 14.15
CA GLU B 417 12.60 -31.44 13.33
C GLU B 417 12.91 -30.03 13.72
N MET B 418 13.08 -29.16 12.78
CA MET B 418 13.35 -27.75 13.03
C MET B 418 12.12 -26.92 12.71
N PHE B 419 11.80 -26.01 13.61
CA PHE B 419 10.65 -25.14 13.48
C PHE B 419 11.11 -23.69 13.45
N ILE B 420 10.48 -22.94 12.55
CA ILE B 420 10.57 -21.49 12.47
C ILE B 420 9.15 -20.96 12.62
N CYS B 421 8.98 -19.97 13.52
CA CYS B 421 7.65 -19.51 13.95
C CYS B 421 6.61 -20.61 14.02
N GLY B 422 6.99 -21.76 14.57
CA GLY B 422 6.04 -22.81 14.79
C GLY B 422 5.56 -23.56 13.58
N LYS B 423 6.21 -23.37 12.42
CA LYS B 423 6.01 -24.23 11.27
C LYS B 423 7.30 -25.02 11.01
N GLU B 424 7.15 -26.32 10.75
CA GLU B 424 8.31 -27.19 10.55
C GLU B 424 8.91 -26.96 9.16
N VAL B 425 10.23 -26.75 9.11
CA VAL B 425 10.91 -26.58 7.84
C VAL B 425 11.82 -27.76 7.45
N LEU B 426 12.25 -28.59 8.39
CA LEU B 426 13.01 -29.79 8.04
C LEU B 426 12.68 -30.90 9.02
N ASN B 427 12.92 -32.12 8.55
CA ASN B 427 12.72 -33.35 9.30
C ASN B 427 13.93 -34.21 9.00
N ALA B 428 14.64 -34.68 10.03
CA ALA B 428 15.84 -35.47 9.82
C ALA B 428 15.99 -36.52 10.91
N TYR B 429 16.71 -37.59 10.58
CA TYR B 429 17.10 -38.52 11.63
C TYR B 429 18.29 -39.38 11.23
N THR B 430 18.92 -39.96 12.26
CA THR B 430 19.72 -41.15 12.08
C THR B 430 18.84 -42.26 11.51
N GLU B 431 19.29 -42.88 10.41
CA GLU B 431 18.45 -43.79 9.65
C GLU B 431 18.44 -45.19 10.26
N LEU B 432 17.26 -45.81 10.28
CA LEU B 432 17.15 -47.23 10.63
C LEU B 432 17.75 -48.07 9.52
N ASN B 433 18.76 -48.90 9.85
CA ASN B 433 19.45 -49.68 8.81
C ASN B 433 19.48 -51.20 9.07
N ASP B 434 19.03 -51.68 10.23
CA ASP B 434 18.87 -53.10 10.50
C ASP B 434 17.59 -53.63 9.87
N PRO B 435 17.67 -54.47 8.82
CA PRO B 435 16.43 -55.00 8.22
C PRO B 435 15.52 -55.65 9.23
N PHE B 436 16.10 -56.44 10.15
CA PHE B 436 15.31 -57.12 11.17
C PHE B 436 14.47 -56.14 11.98
N LYS B 437 14.96 -54.92 12.18
CA LYS B 437 14.24 -53.98 13.03
C LYS B 437 13.18 -53.18 12.28
N GLN B 438 13.16 -53.17 10.96
CA GLN B 438 12.05 -52.51 10.29
C GLN B 438 11.08 -53.60 10.15
N LYS B 439 10.07 -53.49 10.93
CA LYS B 439 9.13 -54.58 11.18
C LYS B 439 7.92 -54.54 10.24
N GLU B 440 8.06 -53.98 9.05
CA GLU B 440 7.05 -54.11 8.01
C GLU B 440 7.57 -54.89 6.81
N CYS B 441 8.84 -55.18 6.75
CA CYS B 441 9.35 -55.85 5.58
C CYS B 441 9.11 -57.35 5.45
N PHE B 442 7.92 -57.84 5.77
CA PHE B 442 7.58 -59.26 5.91
C PHE B 442 6.28 -59.60 5.19
N GLN B 458 3.22 -48.13 2.84
CA GLN B 458 4.33 -47.20 3.06
C GLN B 458 5.67 -47.73 2.54
N LEU B 459 5.92 -49.04 2.67
CA LEU B 459 7.17 -49.64 2.24
C LEU B 459 6.92 -50.74 1.21
N ASP B 460 7.93 -51.03 0.45
CA ASP B 460 7.83 -52.05 -0.51
C ASP B 460 8.96 -52.99 -0.40
N SER B 461 8.82 -54.11 -1.03
CA SER B 461 9.84 -55.08 -0.98
C SER B 461 11.15 -54.64 -1.54
N ALA B 462 11.19 -53.81 -2.54
CA ALA B 462 12.43 -53.41 -3.09
C ALA B 462 13.26 -52.71 -2.10
N PHE B 463 12.69 -51.80 -1.37
CA PHE B 463 13.45 -51.11 -0.38
C PHE B 463 13.95 -52.01 0.71
N CYS B 464 13.12 -52.94 1.10
CA CYS B 464 13.46 -53.78 2.15
C CYS B 464 14.52 -54.72 1.78
N THR B 465 14.53 -55.24 0.58
CA THR B 465 15.56 -56.15 0.25
C THR B 465 16.85 -55.39 0.23
N SER B 466 16.88 -54.25 -0.39
CA SER B 466 18.08 -53.43 -0.47
C SER B 466 18.64 -53.15 0.92
N LEU B 467 17.77 -53.08 1.94
CA LEU B 467 18.30 -52.99 3.30
C LEU B 467 19.06 -54.27 3.63
N GLU B 468 18.57 -55.41 3.16
CA GLU B 468 19.22 -56.70 3.39
C GLU B 468 20.58 -56.82 2.70
N TYR B 469 20.92 -55.88 1.80
CA TYR B 469 22.28 -55.85 1.26
C TYR B 469 23.24 -54.92 2.03
N GLY B 470 22.81 -54.28 3.11
CA GLY B 470 23.76 -53.49 3.88
C GLY B 470 23.67 -51.99 3.65
N LEU B 471 22.86 -51.34 4.47
CA LEU B 471 22.83 -49.89 4.51
C LEU B 471 23.82 -49.43 5.56
N PRO B 472 24.89 -48.70 5.20
CA PRO B 472 25.81 -48.16 6.22
C PRO B 472 25.06 -47.33 7.24
N PRO B 473 25.61 -47.13 8.43
CA PRO B 473 25.06 -46.11 9.31
C PRO B 473 25.02 -44.80 8.55
N THR B 474 23.84 -44.17 8.53
CA THR B 474 23.59 -43.04 7.65
C THR B 474 22.69 -42.04 8.36
N GLY B 475 22.85 -40.76 8.02
CA GLY B 475 21.89 -39.77 8.48
C GLY B 475 21.19 -39.08 7.32
N GLY B 476 19.86 -38.97 7.37
CA GLY B 476 19.10 -38.31 6.32
C GLY B 476 18.36 -37.08 6.81
N LEU B 477 18.13 -36.13 5.90
CA LEU B 477 17.43 -34.88 6.20
C LEU B 477 16.56 -34.48 5.01
N GLY B 478 15.36 -33.99 5.30
CA GLY B 478 14.50 -33.42 4.28
C GLY B 478 14.17 -31.98 4.64
N LEU B 479 14.20 -31.12 3.62
CA LEU B 479 13.88 -29.68 3.70
C LEU B 479 12.62 -29.36 2.90
N GLY B 480 11.78 -28.49 3.47
CA GLY B 480 10.66 -27.87 2.78
C GLY B 480 11.06 -26.54 2.15
N ILE B 481 11.32 -26.56 0.84
CA ILE B 481 11.89 -25.39 0.18
C ILE B 481 10.92 -24.22 0.21
N ASP B 482 9.63 -24.48 -0.01
CA ASP B 482 8.64 -23.41 -0.09
C ASP B 482 8.54 -22.66 1.24
N ARG B 483 8.42 -23.39 2.35
CA ARG B 483 8.30 -22.77 3.67
C ARG B 483 9.53 -21.96 4.05
N ILE B 484 10.73 -22.48 3.76
CA ILE B 484 11.94 -21.72 4.02
C ILE B 484 11.91 -20.41 3.25
N THR B 485 11.46 -20.47 1.99
CA THR B 485 11.34 -19.27 1.16
C THR B 485 10.31 -18.32 1.74
N MET B 486 9.19 -18.86 2.23
CA MET B 486 8.18 -18.01 2.87
C MET B 486 8.83 -17.17 3.94
N PHE B 487 9.51 -17.83 4.88
CA PHE B 487 10.09 -17.07 5.98
C PHE B 487 11.18 -16.13 5.51
N LEU B 488 11.87 -16.48 4.42
CA LEU B 488 13.00 -15.65 4.03
C LEU B 488 12.62 -14.54 3.07
N THR B 489 11.36 -14.51 2.59
CA THR B 489 10.83 -13.43 1.77
C THR B 489 9.67 -12.72 2.47
N ASN B 490 9.46 -12.99 3.76
CA ASN B 490 8.42 -12.31 4.54
C ASN B 490 7.04 -12.53 3.91
N LYS B 491 6.72 -13.77 3.63
CA LYS B 491 5.37 -14.14 3.25
C LYS B 491 4.79 -15.08 4.29
N ASN B 492 3.47 -15.06 4.42
CA ASN B 492 2.82 -15.94 5.37
C ASN B 492 1.91 -16.93 4.66
N SER B 493 1.95 -16.95 3.32
CA SER B 493 1.19 -17.91 2.54
C SER B 493 2.09 -18.54 1.48
N ILE B 494 1.99 -19.87 1.36
CA ILE B 494 2.76 -20.64 0.39
C ILE B 494 2.47 -20.19 -1.04
N LYS B 495 1.25 -19.76 -1.33
CA LYS B 495 0.94 -19.33 -2.69
C LYS B 495 1.71 -18.08 -3.10
N ASP B 496 2.32 -17.38 -2.16
CA ASP B 496 3.10 -16.21 -2.52
C ASP B 496 4.53 -16.53 -2.91
N VAL B 497 4.97 -17.77 -2.69
CA VAL B 497 6.30 -18.20 -3.10
C VAL B 497 6.27 -19.24 -4.20
N ILE B 498 5.09 -19.60 -4.71
CA ILE B 498 4.96 -20.52 -5.83
C ILE B 498 4.45 -19.73 -7.03
N LEU B 499 5.13 -19.83 -8.17
CA LEU B 499 4.79 -18.98 -9.32
C LEU B 499 3.35 -19.20 -9.80
N PHE B 500 2.95 -20.46 -9.99
CA PHE B 500 1.60 -20.78 -10.45
C PHE B 500 0.92 -21.73 -9.48
N PRO B 501 0.53 -21.24 -8.30
CA PRO B 501 -0.18 -22.10 -7.34
C PRO B 501 -1.50 -22.57 -7.94
N THR B 502 -1.94 -23.76 -7.53
CA THR B 502 -3.18 -24.30 -8.08
C THR B 502 -4.38 -23.63 -7.43
N MET B 503 -5.35 -23.20 -8.25
CA MET B 503 -6.57 -22.57 -7.78
C MET B 503 -7.80 -23.28 -8.37
N ARG B 504 -9.05 -22.94 -7.80
CA ARG B 504 -10.16 -23.46 -8.61
C ARG B 504 -10.54 -22.45 -9.69
N PRO B 505 -11.00 -22.92 -10.87
CA PRO B 505 -11.33 -22.08 -12.04
C PRO B 505 -12.43 -21.03 -11.85
N PRO C 4 -5.87 -10.40 17.21
CA PRO C 4 -7.30 -10.33 16.90
C PRO C 4 -8.11 -9.39 17.78
N ARG C 5 -9.44 -9.57 17.77
CA ARG C 5 -10.35 -8.57 18.35
C ARG C 5 -10.27 -8.55 19.88
N LEU C 6 -10.27 -9.73 20.53
CA LEU C 6 -10.33 -9.73 21.99
C LEU C 6 -9.01 -9.37 22.66
N TYR C 7 -7.98 -8.96 21.89
CA TYR C 7 -6.97 -8.06 22.43
C TYR C 7 -7.68 -7.02 23.29
N PHE C 8 -8.66 -6.34 22.72
CA PHE C 8 -9.41 -5.34 23.49
C PHE C 8 -10.02 -5.93 24.76
N GLU C 9 -10.41 -7.21 24.73
CA GLU C 9 -11.34 -7.76 25.72
C GLU C 9 -10.64 -8.03 27.06
N ASN C 10 -9.47 -8.65 27.03
CA ASN C 10 -8.77 -8.88 28.29
C ASN C 10 -8.01 -7.63 28.73
N ARG C 11 -7.50 -6.86 27.77
CA ARG C 11 -6.81 -5.64 28.14
C ARG C 11 -7.79 -4.64 28.74
N SER C 12 -9.07 -4.73 28.35
CA SER C 12 -10.13 -4.06 29.11
C SER C 12 -10.12 -4.56 30.56
N LYS C 13 -10.25 -5.89 30.76
CA LYS C 13 -10.26 -6.46 32.09
C LYS C 13 -9.02 -6.03 32.89
N PHE C 14 -7.84 -6.04 32.24
CA PHE C 14 -6.63 -5.51 32.86
C PHE C 14 -6.93 -4.25 33.65
N ILE C 15 -7.45 -3.19 32.99
CA ILE C 15 -7.56 -1.92 33.72
C ILE C 15 -8.57 -2.06 34.87
N GLN C 16 -9.68 -2.78 34.68
CA GLN C 16 -10.61 -2.93 35.80
C GLN C 16 -9.94 -3.63 36.97
N ASP C 17 -9.11 -4.64 36.71
CA ASP C 17 -8.61 -5.27 37.92
C ASP C 17 -7.49 -4.45 38.53
N GLN C 18 -6.87 -3.53 37.78
CA GLN C 18 -5.98 -2.59 38.43
C GLN C 18 -6.76 -1.54 39.20
N LYS C 19 -7.98 -1.23 38.72
CA LYS C 19 -8.95 -0.46 39.52
C LYS C 19 -9.46 -1.30 40.67
N ASP C 20 -9.40 -2.63 40.56
CA ASP C 20 -9.67 -3.50 41.68
C ASP C 20 -8.47 -3.58 42.61
N LYS C 21 -7.26 -3.33 42.12
CA LYS C 21 -6.05 -3.32 42.93
C LYS C 21 -5.73 -1.94 43.52
N GLY C 22 -6.71 -1.04 43.60
CA GLY C 22 -6.48 0.30 44.14
C GLY C 22 -5.76 1.27 43.24
N ILE C 23 -5.45 0.90 42.00
CA ILE C 23 -4.78 1.78 41.03
C ILE C 23 -5.85 2.53 40.26
N ASN C 24 -5.55 3.80 39.92
CA ASN C 24 -6.41 4.52 38.97
C ASN C 24 -5.68 4.65 37.64
N PRO C 25 -6.00 3.83 36.64
CA PRO C 25 -5.28 3.91 35.36
C PRO C 25 -5.73 5.08 34.49
N TYR C 26 -6.68 5.87 34.96
CA TYR C 26 -7.15 7.06 34.24
C TYR C 26 -7.11 8.26 35.19
N PRO C 27 -5.92 8.70 35.63
CA PRO C 27 -5.85 9.75 36.65
C PRO C 27 -6.42 11.09 36.18
N HIS C 28 -6.79 11.92 37.16
CA HIS C 28 -7.45 13.20 36.86
C HIS C 28 -6.47 14.19 36.25
N LYS C 29 -5.35 14.41 36.92
CA LYS C 29 -4.38 15.43 36.55
C LYS C 29 -2.97 14.89 36.73
N PHE C 30 -2.15 15.10 35.72
CA PHE C 30 -0.69 15.03 35.83
C PHE C 30 -0.17 16.37 35.32
N GLU C 31 0.48 17.13 36.19
CA GLU C 31 1.06 18.41 35.80
C GLU C 31 2.39 18.16 35.08
N ARG C 32 2.39 18.34 33.76
CA ARG C 32 3.56 18.11 32.92
C ARG C 32 4.46 19.33 32.90
N THR C 33 5.78 19.10 32.81
CA THR C 33 6.72 20.23 32.85
C THR C 33 7.28 20.64 31.50
N ILE C 34 7.17 19.81 30.47
CA ILE C 34 7.82 20.10 29.18
C ILE C 34 7.13 19.29 28.11
N SER C 35 7.12 19.83 26.90
CA SER C 35 6.54 19.14 25.75
C SER C 35 7.65 18.42 24.97
N ILE C 36 7.24 17.40 24.21
CA ILE C 36 8.20 16.64 23.41
C ILE C 36 8.89 17.54 22.38
N PRO C 37 8.20 18.39 21.63
CA PRO C 37 8.94 19.31 20.74
C PRO C 37 9.94 20.23 21.48
N GLU C 38 9.50 20.85 22.58
CA GLU C 38 10.42 21.64 23.41
C GLU C 38 11.62 20.80 23.84
N PHE C 39 11.37 19.61 24.41
CA PHE C 39 12.45 18.71 24.81
C PHE C 39 13.42 18.46 23.67
N ILE C 40 12.89 18.15 22.48
CA ILE C 40 13.76 17.99 21.33
C ILE C 40 14.54 19.24 21.00
N GLU C 41 14.09 20.35 21.53
CA GLU C 41 14.79 21.54 21.17
C GLU C 41 15.90 21.87 22.09
N LYS C 42 15.64 21.80 23.38
CA LYS C 42 16.66 22.21 24.34
C LYS C 42 17.80 21.21 24.49
N TYR C 43 17.57 19.90 24.34
CA TYR C 43 18.63 18.91 24.49
C TYR C 43 19.04 18.30 23.15
N LYS C 44 18.78 18.94 22.05
CA LYS C 44 19.06 18.32 20.77
C LYS C 44 20.46 18.21 20.32
N ASP C 45 21.31 18.96 20.93
CA ASP C 45 22.71 18.96 20.50
C ASP C 45 23.64 18.47 21.59
N LEU C 46 23.10 17.72 22.55
CA LEU C 46 23.91 17.03 23.52
C LEU C 46 24.93 16.12 22.85
N GLY C 47 25.96 15.74 23.61
CA GLY C 47 26.93 14.80 23.12
C GLY C 47 26.44 13.36 23.27
N ASN C 48 27.07 12.48 22.50
CA ASN C 48 26.74 11.05 22.57
C ASN C 48 26.91 10.54 24.00
N GLY C 49 25.95 9.74 24.44
CA GLY C 49 25.94 9.20 25.79
C GLY C 49 25.73 10.21 26.90
N GLU C 50 25.62 11.50 26.62
CA GLU C 50 25.49 12.47 27.68
C GLU C 50 24.23 12.24 28.48
N HIS C 51 24.25 12.65 29.73
CA HIS C 51 23.08 12.72 30.58
C HIS C 51 23.17 13.98 31.41
N LEU C 52 22.02 14.61 31.63
CA LEU C 52 21.88 15.67 32.62
C LEU C 52 21.13 15.09 33.81
N GLU C 53 21.79 14.11 34.47
CA GLU C 53 21.14 13.13 35.31
C GLU C 53 20.50 13.66 36.61
N ASP C 54 20.41 14.99 36.75
CA ASP C 54 19.62 15.56 37.84
C ASP C 54 18.88 16.83 37.39
N THR C 55 18.50 16.88 36.11
CA THR C 55 17.42 17.75 35.65
C THR C 55 16.20 16.85 35.59
N ILE C 56 15.25 17.08 36.50
CA ILE C 56 14.08 16.22 36.60
C ILE C 56 12.91 16.86 35.86
N LEU C 57 12.36 16.10 34.92
CA LEU C 57 11.33 16.49 33.99
C LEU C 57 10.06 15.70 34.24
N ASN C 58 8.94 16.32 33.90
CA ASN C 58 7.66 15.65 33.71
C ASN C 58 7.34 15.70 32.21
N ILE C 59 7.20 14.52 31.59
CA ILE C 59 6.89 14.45 30.17
C ILE C 59 5.69 13.53 29.99
N THR C 60 5.02 13.71 28.84
CA THR C 60 3.92 12.84 28.44
C THR C 60 4.07 12.53 26.96
N GLY C 61 3.27 11.57 26.51
CA GLY C 61 3.32 11.16 25.12
C GLY C 61 2.63 9.83 24.92
N ARG C 62 2.53 9.47 23.63
CA ARG C 62 1.91 8.23 23.21
C ARG C 62 3.02 7.27 22.79
N ILE C 63 2.95 6.04 23.30
CA ILE C 63 3.93 5.01 23.00
C ILE C 63 3.62 4.41 21.63
N MET C 64 4.60 4.43 20.73
CA MET C 64 4.46 3.93 19.38
C MET C 64 5.38 2.74 19.07
N ARG C 65 6.19 2.34 20.02
CA ARG C 65 7.08 1.22 19.81
C ARG C 65 7.43 0.61 21.15
N VAL C 66 7.53 -0.69 21.22
CA VAL C 66 7.96 -1.42 22.41
C VAL C 66 9.07 -2.35 21.97
N SER C 67 10.32 -1.92 22.13
CA SER C 67 11.47 -2.69 21.67
C SER C 67 11.87 -3.73 22.73
N ALA C 68 12.61 -4.75 22.25
CA ALA C 68 12.87 -5.97 23.02
C ALA C 68 13.71 -5.68 24.25
N SER C 69 13.34 -6.34 25.35
CA SER C 69 13.82 -5.99 26.68
C SER C 69 14.97 -6.88 27.13
N GLY C 70 16.03 -6.25 27.63
CA GLY C 70 16.89 -6.89 28.61
C GLY C 70 16.16 -6.98 29.94
N GLN C 71 16.82 -7.63 30.90
CA GLN C 71 16.21 -7.77 32.22
C GLN C 71 15.95 -6.40 32.85
N LYS C 72 16.74 -5.41 32.49
CA LYS C 72 16.61 -4.13 33.15
C LYS C 72 16.43 -2.93 32.27
N LEU C 73 16.55 -3.15 30.97
CA LEU C 73 16.39 -2.12 29.96
C LEU C 73 15.13 -2.18 29.15
N ARG C 74 14.32 -1.16 29.25
CA ARG C 74 13.12 -1.14 28.49
C ARG C 74 13.34 -0.04 27.50
N PHE C 75 13.14 -0.29 26.22
CA PHE C 75 13.30 0.72 25.18
C PHE C 75 11.92 1.05 24.51
N PHE C 76 11.62 2.30 24.19
CA PHE C 76 10.34 2.72 23.63
C PHE C 76 10.37 3.96 22.77
N ASP C 77 9.28 4.23 22.05
CA ASP C 77 9.13 5.45 21.27
C ASP C 77 7.96 6.24 21.75
N LEU C 78 8.19 7.51 22.02
CA LEU C 78 7.16 8.39 22.54
C LEU C 78 6.97 9.51 21.53
N VAL C 79 5.72 9.80 21.15
CA VAL C 79 5.43 10.92 20.25
C VAL C 79 4.47 11.89 20.93
N GLY C 80 4.66 13.16 20.58
CA GLY C 80 3.70 14.21 20.88
C GLY C 80 3.87 15.33 19.88
N ASP C 81 2.76 16.01 19.58
CA ASP C 81 2.75 17.13 18.63
C ASP C 81 3.51 16.82 17.33
N GLY C 82 3.38 15.57 16.87
CA GLY C 82 3.99 15.18 15.60
C GLY C 82 5.50 15.01 15.62
N GLU C 83 6.12 14.86 16.78
CA GLU C 83 7.54 14.56 16.87
C GLU C 83 7.78 13.42 17.85
N LYS C 84 8.93 12.79 17.76
CA LYS C 84 9.22 11.66 18.62
C LYS C 84 10.58 11.61 19.24
N ILE C 85 10.59 11.22 20.48
CA ILE C 85 11.80 10.93 21.21
C ILE C 85 11.75 9.48 21.67
N GLN C 86 12.86 9.01 22.21
CA GLN C 86 13.01 7.66 22.69
C GLN C 86 12.90 7.61 24.16
N VAL C 87 12.21 6.62 24.66
CA VAL C 87 12.14 6.52 26.06
C VAL C 87 12.99 5.39 26.50
N LEU C 88 13.88 5.62 27.45
CA LEU C 88 14.78 4.60 27.94
C LEU C 88 14.63 4.42 29.41
N ALA C 89 14.13 3.25 29.82
CA ALA C 89 13.95 3.00 31.21
C ALA C 89 15.00 1.96 31.62
N ASN C 90 15.91 2.31 32.55
CA ASN C 90 17.00 1.42 33.08
C ASN C 90 16.88 1.14 34.55
N TYR C 91 17.03 -0.12 34.94
CA TYR C 91 16.91 -0.53 36.35
C TYR C 91 17.72 0.28 37.30
N SER C 92 18.87 0.74 36.84
CA SER C 92 19.75 1.57 37.61
C SER C 92 19.04 2.79 38.11
N PHE C 93 18.09 3.29 37.36
CA PHE C 93 17.48 4.51 37.79
C PHE C 93 16.09 4.38 38.32
N HIS C 94 15.53 3.21 38.26
CA HIS C 94 14.16 3.09 38.71
C HIS C 94 13.89 3.30 40.14
N ASN C 95 13.06 4.25 40.42
CA ASN C 95 12.63 4.46 41.80
C ASN C 95 11.79 3.24 42.22
N HIS C 96 12.41 2.34 42.97
CA HIS C 96 11.72 1.13 43.40
C HIS C 96 10.79 1.34 44.59
N GLU C 97 10.57 2.56 45.08
CA GLU C 97 9.54 2.77 46.11
C GLU C 97 8.15 2.41 45.59
N LYS C 98 7.92 2.89 44.39
CA LYS C 98 6.66 2.78 43.74
C LYS C 98 6.59 1.66 42.74
N GLY C 99 7.06 0.49 43.12
CA GLY C 99 6.92 -0.69 42.34
C GLY C 99 8.07 -1.35 41.65
N ASN C 100 7.81 -2.59 41.36
CA ASN C 100 8.75 -3.40 40.68
C ASN C 100 9.01 -2.80 39.34
N PHE C 101 10.25 -2.73 38.96
CA PHE C 101 10.59 -2.22 37.69
C PHE C 101 10.01 -3.08 36.65
N ALA C 102 10.19 -4.37 36.77
CA ALA C 102 9.67 -5.20 35.75
C ALA C 102 8.17 -5.20 35.74
N GLU C 103 7.52 -5.32 36.88
CA GLU C 103 6.08 -5.41 36.86
C GLU C 103 5.41 -4.20 36.35
N CYS C 104 5.85 -3.06 36.81
CA CYS C 104 5.21 -1.85 36.38
C CYS C 104 5.42 -1.65 34.89
N TYR C 105 6.63 -1.88 34.43
CA TYR C 105 6.93 -1.66 33.07
C TYR C 105 6.47 -2.62 32.04
N ASP C 106 5.98 -3.78 32.39
CA ASP C 106 5.57 -4.70 31.36
C ASP C 106 4.17 -4.48 30.94
N LYS C 107 3.37 -3.89 31.80
CA LYS C 107 1.94 -3.72 31.58
C LYS C 107 1.62 -2.75 30.44
N ILE C 108 2.53 -1.81 30.12
CA ILE C 108 2.22 -0.77 29.14
C ILE C 108 2.42 -1.31 27.73
N ARG C 109 1.51 -0.90 26.83
CA ARG C 109 1.46 -1.39 25.46
C ARG C 109 1.62 -0.23 24.49
N ARG C 110 2.04 -0.56 23.27
CA ARG C 110 2.06 0.40 22.18
C ARG C 110 0.72 1.10 22.07
N GLY C 111 0.77 2.44 22.04
CA GLY C 111 -0.41 3.26 21.99
C GLY C 111 -0.80 3.89 23.32
N ASP C 112 -0.25 3.43 24.42
CA ASP C 112 -0.63 3.98 25.72
C ASP C 112 -0.06 5.38 25.90
N ILE C 113 -0.80 6.24 26.61
CA ILE C 113 -0.30 7.57 26.91
C ILE C 113 0.09 7.62 28.37
N VAL C 114 1.32 8.08 28.59
CA VAL C 114 2.04 7.89 29.84
C VAL C 114 2.19 9.22 30.55
N GLY C 115 2.70 9.14 31.76
CA GLY C 115 3.34 10.24 32.45
C GLY C 115 4.70 9.78 32.97
N ILE C 116 5.79 10.42 32.53
CA ILE C 116 7.13 10.02 32.92
C ILE C 116 7.77 11.12 33.77
N VAL C 117 8.30 10.73 34.93
CA VAL C 117 9.23 11.57 35.71
C VAL C 117 10.65 11.07 35.41
N GLY C 118 11.45 11.90 34.77
CA GLY C 118 12.71 11.39 34.26
C GLY C 118 13.67 12.50 33.89
N PHE C 119 14.81 12.11 33.33
CA PHE C 119 15.83 13.09 33.02
C PHE C 119 16.29 12.94 31.57
N PRO C 120 16.69 14.03 30.93
CA PRO C 120 17.06 13.96 29.53
C PRO C 120 18.49 13.46 29.36
N GLY C 121 18.75 12.97 28.15
CA GLY C 121 20.11 12.70 27.73
C GLY C 121 20.05 11.91 26.45
N LYS C 122 21.21 11.46 25.97
CA LYS C 122 21.19 10.51 24.87
C LYS C 122 21.95 9.26 25.28
N SER C 123 21.52 8.14 24.69
CA SER C 123 22.16 6.85 24.85
C SER C 123 23.47 6.83 24.06
N LYS C 124 24.25 5.76 24.24
CA LYS C 124 25.57 5.66 23.63
C LYS C 124 25.52 5.80 22.11
N LYS C 125 24.43 5.36 21.49
CA LYS C 125 24.32 5.51 20.03
C LYS C 125 24.06 6.96 19.64
N GLY C 126 23.38 7.72 20.48
CA GLY C 126 23.13 9.13 20.20
C GLY C 126 21.69 9.50 19.88
N GLU C 127 20.76 8.54 19.89
CA GLU C 127 19.34 8.87 19.81
C GLU C 127 18.90 9.53 21.10
N LEU C 128 18.49 10.80 21.00
CA LEU C 128 18.06 11.55 22.18
C LEU C 128 16.92 10.83 22.87
N SER C 129 16.95 10.83 24.20
CA SER C 129 15.97 10.07 24.95
C SER C 129 15.71 10.68 26.30
N ILE C 130 14.63 10.22 26.89
CA ILE C 130 14.29 10.47 28.27
C ILE C 130 14.59 9.20 29.07
N PHE C 131 15.01 9.38 30.32
CA PHE C 131 15.30 8.26 31.21
C PHE C 131 14.40 8.35 32.43
N PRO C 132 13.44 7.44 32.61
CA PRO C 132 12.47 7.57 33.71
C PRO C 132 12.95 7.05 35.05
N LYS C 133 12.41 7.67 36.11
CA LYS C 133 12.36 7.12 37.47
C LYS C 133 10.98 6.60 37.83
N GLU C 134 9.93 7.15 37.21
CA GLU C 134 8.55 6.72 37.37
C GLU C 134 7.83 6.97 36.04
N THR C 135 7.05 5.99 35.57
CA THR C 135 6.12 6.21 34.47
C THR C 135 4.77 5.63 34.86
N ILE C 136 3.73 6.47 34.83
CA ILE C 136 2.39 6.02 35.18
C ILE C 136 1.46 6.17 33.98
N LEU C 137 0.63 5.15 33.77
CA LEU C 137 -0.43 5.22 32.80
C LEU C 137 -1.37 6.37 33.14
N LEU C 138 -1.64 7.22 32.14
CA LEU C 138 -2.70 8.22 32.29
C LEU C 138 -3.89 7.94 31.41
N SER C 139 -3.70 7.27 30.26
CA SER C 139 -4.85 6.72 29.54
C SER C 139 -4.38 5.57 28.68
N ALA C 140 -5.06 4.43 28.87
CA ALA C 140 -4.67 3.19 28.22
C ALA C 140 -5.29 3.08 26.84
N CYS C 141 -4.54 2.47 25.94
CA CYS C 141 -5.02 2.25 24.57
C CYS C 141 -5.63 0.85 24.48
N LEU C 142 -6.96 0.78 24.62
CA LEU C 142 -7.66 -0.50 24.75
C LEU C 142 -7.69 -1.34 23.47
N HIS C 143 -7.36 -0.77 22.30
CA HIS C 143 -7.32 -1.57 21.07
C HIS C 143 -5.88 -1.80 20.66
N MET C 144 -5.74 -2.49 19.55
CA MET C 144 -4.47 -2.66 18.86
C MET C 144 -4.36 -1.54 17.85
N LEU C 145 -3.16 -0.94 17.75
CA LEU C 145 -3.09 0.17 16.81
C LEU C 145 -2.77 -0.34 15.42
N PRO C 146 -3.32 0.28 14.41
CA PRO C 146 -2.90 -0.05 13.05
C PRO C 146 -1.42 0.27 12.82
N MET C 147 -0.95 -0.07 11.68
CA MET C 147 0.40 0.26 11.33
C MET C 147 0.39 1.01 10.05
N LYS C 148 1.53 1.49 9.65
CA LYS C 148 1.63 2.30 8.49
C LYS C 148 1.07 1.68 7.27
N TYR C 149 1.35 0.44 6.99
CA TYR C 149 0.82 -0.17 5.76
C TYR C 149 -0.66 -0.36 5.79
N GLY C 150 -1.21 -0.49 6.98
CA GLY C 150 -2.63 -0.74 7.00
C GLY C 150 -3.51 0.44 6.86
N LEU C 151 -2.92 1.58 6.66
CA LEU C 151 -3.57 2.77 6.49
C LEU C 151 -3.38 3.17 5.10
N LYS C 152 -2.24 2.90 4.44
CA LYS C 152 -2.10 3.27 3.05
C LYS C 152 -3.31 2.81 2.25
N ASP C 153 -3.95 3.76 1.57
CA ASP C 153 -5.27 3.58 0.92
C ASP C 153 -6.24 3.26 2.04
N THR C 154 -6.99 2.16 1.98
CA THR C 154 -8.02 1.85 2.98
C THR C 154 -8.99 3.00 3.19
N GLU C 155 -9.69 2.97 4.30
CA GLU C 155 -10.64 4.01 4.62
C GLU C 155 -10.58 4.40 6.08
N ILE C 156 -9.75 3.74 6.88
CA ILE C 156 -9.57 4.17 8.26
C ILE C 156 -9.06 5.61 8.30
N ARG C 157 -8.24 6.00 7.30
CA ARG C 157 -7.75 7.37 7.22
C ARG C 157 -8.87 8.38 7.37
N TYR C 158 -10.03 8.07 6.79
CA TYR C 158 -11.17 8.95 6.85
C TYR C 158 -12.21 8.55 7.88
N ARG C 159 -12.38 7.26 8.14
CA ARG C 159 -13.39 6.81 9.09
C ARG C 159 -12.88 6.83 10.52
N GLN C 160 -11.55 6.87 10.72
CA GLN C 160 -10.93 7.09 12.04
C GLN C 160 -9.69 7.98 11.83
N ARG C 161 -9.89 9.29 11.77
CA ARG C 161 -8.78 10.13 11.39
C ARG C 161 -7.74 10.27 12.50
N TYR C 162 -8.13 10.05 13.77
CA TYR C 162 -7.15 10.14 14.84
C TYR C 162 -5.99 9.15 14.62
N LEU C 163 -6.31 7.92 14.20
CA LEU C 163 -5.27 6.98 13.81
C LEU C 163 -4.39 7.52 12.68
N ASP C 164 -5.02 8.09 11.64
CA ASP C 164 -4.25 8.61 10.51
C ASP C 164 -3.32 9.74 10.94
N LEU C 165 -3.75 10.56 11.89
CA LEU C 165 -2.92 11.68 12.33
C LEU C 165 -1.78 11.20 13.22
N LEU C 166 -2.04 10.18 14.05
CA LEU C 166 -0.98 9.61 14.88
C LEU C 166 0.10 8.93 14.05
N ILE C 167 -0.29 8.08 13.08
CA ILE C 167 0.71 7.24 12.42
C ILE C 167 1.36 7.96 11.23
N ASN C 168 0.63 8.82 10.53
CA ASN C 168 1.18 9.51 9.35
C ASN C 168 1.48 10.97 9.65
N GLU C 169 2.77 11.26 9.84
CA GLU C 169 3.25 12.61 10.09
C GLU C 169 2.85 13.57 8.98
N SER C 170 2.84 13.09 7.74
CA SER C 170 2.64 14.01 6.64
C SER C 170 1.18 14.46 6.54
N SER C 171 0.24 13.63 7.05
CA SER C 171 -1.17 14.04 7.03
C SER C 171 -1.39 15.17 8.05
N ARG C 172 -0.79 15.06 9.23
CA ARG C 172 -0.70 16.21 10.13
C ARG C 172 -0.11 17.41 9.44
N HIS C 173 1.03 17.26 8.74
CA HIS C 173 1.61 18.40 8.04
C HIS C 173 0.58 19.04 7.10
N THR C 174 -0.18 18.20 6.39
CA THR C 174 -1.17 18.72 5.44
C THR C 174 -2.21 19.59 6.15
N PHE C 175 -2.75 19.10 7.27
CA PHE C 175 -3.79 19.89 7.95
C PHE C 175 -3.23 21.17 8.59
N VAL C 176 -2.01 21.09 9.14
CA VAL C 176 -1.35 22.30 9.63
C VAL C 176 -1.17 23.29 8.50
N THR C 177 -0.91 22.79 7.29
CA THR C 177 -0.73 23.70 6.16
C THR C 177 -2.06 24.38 5.81
N ARG C 178 -3.15 23.62 5.80
CA ARG C 178 -4.49 24.20 5.63
C ARG C 178 -4.74 25.33 6.64
N THR C 179 -4.51 25.07 7.93
CA THR C 179 -4.76 26.11 8.92
C THR C 179 -3.87 27.32 8.68
N LYS C 180 -2.61 27.10 8.29
CA LYS C 180 -1.74 28.23 7.96
C LYS C 180 -2.29 29.02 6.78
N ILE C 181 -2.92 28.34 5.81
CA ILE C 181 -3.43 29.02 4.62
C ILE C 181 -4.58 29.93 4.99
N ILE C 182 -5.54 29.41 5.75
CA ILE C 182 -6.64 30.24 6.19
C ILE C 182 -6.14 31.39 7.07
N ASN C 183 -5.14 31.12 7.92
CA ASN C 183 -4.54 32.20 8.70
C ASN C 183 -4.02 33.32 7.79
N PHE C 184 -3.18 32.94 6.83
CA PHE C 184 -2.56 33.91 5.94
C PHE C 184 -3.61 34.71 5.19
N LEU C 185 -4.60 34.01 4.63
CA LEU C 185 -5.67 34.69 3.91
C LEU C 185 -6.36 35.68 4.80
N ARG C 186 -6.69 35.27 6.03
CA ARG C 186 -7.41 36.15 6.94
C ARG C 186 -6.66 37.45 7.15
N ASN C 187 -5.36 37.38 7.46
CA ASN C 187 -4.67 38.64 7.73
C ASN C 187 -4.29 39.37 6.45
N PHE C 188 -4.22 38.66 5.32
CA PHE C 188 -4.04 39.33 4.04
C PHE C 188 -5.22 40.25 3.79
N LEU C 189 -6.42 39.76 4.07
CA LEU C 189 -7.59 40.61 3.96
C LEU C 189 -7.62 41.67 5.05
N ASN C 190 -7.29 41.30 6.29
CA ASN C 190 -7.42 42.24 7.40
C ASN C 190 -6.47 43.42 7.26
N GLU C 191 -5.29 43.19 6.70
CA GLU C 191 -4.33 44.27 6.52
C GLU C 191 -4.82 45.26 5.50
N ARG C 192 -5.63 44.80 4.55
CA ARG C 192 -6.20 45.64 3.50
C ARG C 192 -7.56 46.26 3.91
N GLY C 193 -7.86 46.28 5.21
CA GLY C 193 -9.04 46.95 5.71
C GLY C 193 -10.33 46.19 5.58
N PHE C 194 -10.29 44.92 5.24
CA PHE C 194 -11.52 44.17 5.09
C PHE C 194 -12.08 43.80 6.45
N PHE C 195 -13.39 43.60 6.49
CA PHE C 195 -14.10 43.37 7.73
C PHE C 195 -14.73 41.99 7.70
N GLU C 196 -14.30 41.11 8.61
CA GLU C 196 -14.87 39.77 8.68
C GLU C 196 -16.24 39.77 9.34
N VAL C 197 -17.17 39.02 8.75
CA VAL C 197 -18.53 38.90 9.27
C VAL C 197 -18.98 37.45 9.17
N GLU C 198 -20.11 37.15 9.82
CA GLU C 198 -20.81 35.88 9.68
C GLU C 198 -22.23 36.17 9.24
N THR C 199 -22.64 35.60 8.11
CA THR C 199 -24.01 35.64 7.65
C THR C 199 -24.68 34.29 7.92
N PRO C 200 -26.00 34.19 7.72
CA PRO C 200 -26.69 32.95 8.15
C PRO C 200 -26.33 31.73 7.31
N MET C 201 -26.35 30.56 7.96
CA MET C 201 -26.19 29.29 7.27
C MET C 201 -27.51 28.76 6.73
N MET C 202 -28.63 29.13 7.36
CA MET C 202 -29.98 28.78 6.91
C MET C 202 -30.69 30.06 6.48
N ASN C 203 -31.07 30.12 5.20
CA ASN C 203 -31.95 31.15 4.64
C ASN C 203 -33.26 30.46 4.26
N LEU C 204 -34.13 31.19 3.56
CA LEU C 204 -35.32 30.56 2.98
C LEU C 204 -35.23 30.35 1.46
N ILE C 205 -34.10 30.68 0.83
CA ILE C 205 -33.73 30.24 -0.52
C ILE C 205 -32.21 30.14 -0.55
N ASN C 210 -27.47 27.68 -9.43
CA ASN C 210 -28.45 26.64 -9.19
C ASN C 210 -27.74 25.41 -8.75
N ALA C 211 -28.02 25.04 -7.51
CA ALA C 211 -27.50 23.86 -6.92
C ALA C 211 -28.57 23.37 -6.03
N ARG C 212 -28.72 22.08 -5.96
CA ARG C 212 -29.77 21.55 -5.14
C ARG C 212 -29.44 21.85 -3.71
N PRO C 213 -30.40 22.28 -2.96
CA PRO C 213 -30.13 22.70 -1.58
C PRO C 213 -30.38 21.61 -0.55
N PHE C 214 -29.86 21.82 0.64
CA PHE C 214 -30.26 21.01 1.77
C PHE C 214 -31.51 21.61 2.38
N ILE C 215 -32.55 20.81 2.53
CA ILE C 215 -33.82 21.24 3.10
C ILE C 215 -33.88 20.80 4.55
N THR C 216 -34.18 21.71 5.46
CA THR C 216 -34.44 21.26 6.82
C THR C 216 -35.65 21.98 7.37
N HIS C 217 -36.23 21.43 8.43
CA HIS C 217 -37.51 21.91 8.92
C HIS C 217 -37.31 22.58 10.26
N HIS C 218 -37.74 23.85 10.35
CA HIS C 218 -37.85 24.52 11.63
C HIS C 218 -39.22 24.18 12.20
N ASN C 219 -39.20 23.41 13.29
CA ASN C 219 -40.42 23.00 13.96
C ASN C 219 -41.08 24.18 14.67
N ASP C 220 -40.28 24.96 15.40
CA ASP C 220 -40.86 25.96 16.28
C ASP C 220 -41.60 27.06 15.52
N LEU C 221 -41.46 27.12 14.18
CA LEU C 221 -42.28 28.01 13.35
C LEU C 221 -42.80 27.32 12.09
N ASP C 222 -42.75 25.99 12.03
CA ASP C 222 -43.31 25.19 10.93
C ASP C 222 -43.00 25.80 9.57
N LEU C 223 -41.70 25.89 9.27
CA LEU C 223 -41.30 26.37 7.95
C LEU C 223 -40.04 25.65 7.51
N ASP C 224 -39.84 25.56 6.20
CA ASP C 224 -38.63 24.94 5.70
C ASP C 224 -37.55 25.99 5.49
N LEU C 225 -36.32 25.64 5.82
CA LEU C 225 -35.14 26.44 5.59
C LEU C 225 -34.18 25.68 4.67
N TYR C 226 -33.20 26.42 4.14
CA TYR C 226 -32.25 25.90 3.16
C TYR C 226 -30.85 26.30 3.60
N LEU C 227 -29.96 25.33 3.65
CA LEU C 227 -28.56 25.64 3.87
C LEU C 227 -28.05 26.54 2.75
N ARG C 228 -27.29 27.55 3.12
CA ARG C 228 -26.74 28.44 2.11
C ARG C 228 -25.85 27.64 1.17
N ILE C 229 -25.92 27.96 -0.13
CA ILE C 229 -24.96 27.42 -1.08
C ILE C 229 -23.88 28.42 -1.43
N ALA C 230 -24.04 29.69 -1.06
CA ALA C 230 -23.02 30.70 -1.26
C ALA C 230 -23.29 31.84 -0.29
N THR C 231 -22.32 32.72 -0.14
CA THR C 231 -22.43 33.90 0.71
C THR C 231 -22.64 35.21 -0.06
N GLU C 232 -22.59 35.19 -1.36
CA GLU C 232 -22.71 36.36 -2.19
C GLU C 232 -23.83 37.35 -1.93
N LEU C 233 -25.03 36.86 -1.67
CA LEU C 233 -26.15 37.80 -1.53
C LEU C 233 -26.06 38.62 -0.24
N PRO C 234 -26.11 38.03 0.96
CA PRO C 234 -26.07 38.87 2.17
C PRO C 234 -24.80 39.70 2.26
N LEU C 235 -23.69 39.24 1.70
CA LEU C 235 -22.50 40.09 1.70
C LEU C 235 -22.72 41.34 0.84
N LYS C 236 -23.37 41.18 -0.32
CA LYS C 236 -23.63 42.37 -1.12
C LYS C 236 -24.58 43.32 -0.40
N MET C 237 -25.57 42.77 0.31
CA MET C 237 -26.43 43.60 1.13
C MET C 237 -25.63 44.36 2.17
N LEU C 238 -24.58 43.75 2.71
CA LEU C 238 -23.76 44.50 3.67
C LEU C 238 -22.98 45.61 2.97
N ILE C 239 -22.56 45.37 1.72
CA ILE C 239 -22.00 46.45 0.90
C ILE C 239 -22.98 47.62 0.79
N VAL C 240 -24.23 47.31 0.42
CA VAL C 240 -25.30 48.31 0.40
C VAL C 240 -25.34 49.08 1.71
N GLY C 241 -25.21 48.36 2.83
CA GLY C 241 -25.27 49.00 4.12
C GLY C 241 -24.03 49.78 4.48
N GLY C 242 -23.08 49.89 3.56
CA GLY C 242 -21.94 50.75 3.80
C GLY C 242 -20.74 50.09 4.44
N ILE C 243 -20.74 48.77 4.57
CA ILE C 243 -19.53 48.05 4.96
C ILE C 243 -18.77 47.78 3.66
N ASP C 244 -17.84 48.67 3.32
CA ASP C 244 -17.37 48.77 1.94
C ASP C 244 -16.34 47.70 1.58
N LYS C 245 -15.66 47.12 2.57
CA LYS C 245 -14.78 45.96 2.34
C LYS C 245 -15.20 44.88 3.33
N VAL C 246 -15.83 43.83 2.84
CA VAL C 246 -16.43 42.83 3.71
C VAL C 246 -16.11 41.44 3.18
N TYR C 247 -16.07 40.46 4.09
CA TYR C 247 -15.71 39.08 3.72
C TYR C 247 -16.14 38.08 4.79
N GLU C 248 -16.36 36.86 4.32
CA GLU C 248 -16.72 35.73 5.18
C GLU C 248 -15.91 34.52 4.78
N ILE C 249 -15.37 33.83 5.78
CA ILE C 249 -14.70 32.54 5.59
C ILE C 249 -15.54 31.50 6.33
N GLY C 250 -16.17 30.59 5.59
CA GLY C 250 -17.00 29.61 6.27
C GLY C 250 -17.45 28.50 5.36
N LYS C 251 -18.28 27.62 5.92
CA LYS C 251 -18.80 26.47 5.21
C LYS C 251 -20.05 26.86 4.42
N VAL C 252 -20.11 26.39 3.18
CA VAL C 252 -21.31 26.39 2.36
C VAL C 252 -21.58 24.96 1.90
N PHE C 253 -22.78 24.75 1.34
CA PHE C 253 -23.37 23.42 1.19
C PHE C 253 -23.93 23.20 -0.21
N ARG C 254 -23.50 22.11 -0.85
CA ARG C 254 -23.96 21.68 -2.16
C ARG C 254 -24.45 20.24 -2.07
N ASN C 255 -25.75 20.02 -2.30
CA ASN C 255 -26.38 18.70 -2.25
C ASN C 255 -26.20 18.00 -3.60
N GLU C 256 -24.95 17.62 -3.89
CA GLU C 256 -24.58 17.11 -5.21
C GLU C 256 -23.86 15.77 -5.04
N GLY C 257 -23.04 15.40 -6.03
CA GLY C 257 -22.28 14.17 -5.95
C GLY C 257 -20.90 14.38 -5.36
N ILE C 258 -20.42 13.31 -4.70
CA ILE C 258 -19.12 13.27 -4.05
C ILE C 258 -18.09 12.75 -5.05
N ASP C 259 -17.12 13.59 -5.40
CA ASP C 259 -16.03 13.21 -6.28
C ASP C 259 -14.77 13.90 -5.76
N ASN C 260 -13.70 13.87 -6.55
CA ASN C 260 -12.41 14.27 -5.98
C ASN C 260 -12.24 15.78 -5.93
N THR C 261 -13.17 16.57 -6.49
CA THR C 261 -13.17 18.01 -6.30
C THR C 261 -14.40 18.52 -5.55
N HIS C 262 -15.31 17.64 -5.12
CA HIS C 262 -16.63 18.06 -4.64
C HIS C 262 -17.02 17.33 -3.35
N ASN C 263 -17.43 18.09 -2.32
CA ASN C 263 -17.91 17.51 -1.07
C ASN C 263 -19.20 18.20 -0.65
N PRO C 264 -20.08 17.49 0.08
CA PRO C 264 -21.36 18.10 0.51
C PRO C 264 -21.25 19.49 1.12
N GLU C 265 -20.33 19.66 2.05
CA GLU C 265 -19.96 20.97 2.57
C GLU C 265 -18.51 21.23 2.22
N PHE C 266 -18.22 22.47 1.84
CA PHE C 266 -16.83 22.88 1.65
C PHE C 266 -16.65 24.32 2.13
N THR C 267 -15.39 24.74 2.22
CA THR C 267 -15.04 25.98 2.89
C THR C 267 -14.71 27.05 1.86
N SER C 268 -15.49 28.12 1.88
CA SER C 268 -15.46 29.24 0.94
C SER C 268 -14.99 30.50 1.65
N CYS C 269 -14.23 31.32 0.94
CA CYS C 269 -13.98 32.68 1.36
C CYS C 269 -14.50 33.64 0.28
N GLU C 270 -15.40 34.54 0.67
CA GLU C 270 -15.95 35.51 -0.28
C GLU C 270 -15.70 36.91 0.23
N PHE C 271 -15.15 37.78 -0.63
CA PHE C 271 -15.03 39.18 -0.29
C PHE C 271 -15.66 40.09 -1.34
N TYR C 272 -16.14 41.22 -0.87
CA TYR C 272 -16.74 42.26 -1.67
C TYR C 272 -15.94 43.53 -1.32
N TRP C 273 -15.68 44.31 -2.36
CA TRP C 273 -14.73 45.43 -2.35
C TRP C 273 -15.37 46.57 -3.15
N ALA C 274 -15.92 47.54 -2.43
CA ALA C 274 -16.60 48.67 -3.06
C ALA C 274 -15.61 49.53 -3.85
N TYR C 275 -15.99 49.88 -5.08
CA TYR C 275 -15.28 50.82 -5.94
C TYR C 275 -14.08 50.17 -6.58
N ALA C 276 -14.00 48.85 -6.55
CA ALA C 276 -13.01 48.11 -7.30
C ALA C 276 -13.68 47.37 -8.46
N ASP C 277 -12.87 47.05 -9.47
CA ASP C 277 -13.40 46.40 -10.66
C ASP C 277 -12.49 45.24 -11.07
N TYR C 278 -12.78 44.73 -12.28
CA TYR C 278 -12.12 43.55 -12.83
C TYR C 278 -10.61 43.60 -12.68
N ASN C 279 -10.01 44.75 -13.00
CA ASN C 279 -8.55 44.85 -12.92
C ASN C 279 -8.08 44.77 -11.49
N ASP C 280 -8.79 45.42 -10.57
CA ASP C 280 -8.44 45.32 -9.16
C ASP C 280 -8.45 43.86 -8.71
N LEU C 281 -9.41 43.09 -9.20
CA LEU C 281 -9.56 41.69 -8.79
C LEU C 281 -8.43 40.84 -9.35
N ILE C 282 -8.11 40.97 -10.65
CA ILE C 282 -6.99 40.25 -11.22
C ILE C 282 -5.73 40.50 -10.41
N LYS C 283 -5.46 41.78 -10.12
CA LYS C 283 -4.27 42.12 -9.34
C LYS C 283 -4.35 41.55 -7.94
N TRP C 284 -5.55 41.46 -7.38
CA TRP C 284 -5.67 40.92 -6.03
C TRP C 284 -5.31 39.46 -6.04
N SER C 285 -5.77 38.73 -7.06
CA SER C 285 -5.53 37.30 -7.15
C SER C 285 -4.05 37.00 -7.39
N GLU C 286 -3.42 37.74 -8.29
CA GLU C 286 -1.99 37.55 -8.53
C GLU C 286 -1.17 37.86 -7.27
N ASP C 287 -1.44 39.01 -6.61
CA ASP C 287 -0.75 39.32 -5.36
C ASP C 287 -0.96 38.23 -4.32
N PHE C 288 -2.19 37.73 -4.20
CA PHE C 288 -2.50 36.80 -3.11
C PHE C 288 -1.87 35.45 -3.35
N PHE C 289 -2.07 34.91 -4.55
CA PHE C 289 -1.54 33.58 -4.78
C PHE C 289 -0.01 33.58 -4.74
N SER C 290 0.62 34.60 -5.34
CA SER C 290 2.08 34.65 -5.26
C SER C 290 2.55 34.77 -3.82
N GLN C 291 1.96 35.67 -3.04
CA GLN C 291 2.47 35.87 -1.69
C GLN C 291 2.20 34.66 -0.80
N LEU C 292 1.06 34.00 -0.99
CA LEU C 292 0.76 32.83 -0.17
C LEU C 292 1.76 31.72 -0.45
N VAL C 293 2.00 31.42 -1.73
CA VAL C 293 2.95 30.36 -2.05
C VAL C 293 4.34 30.69 -1.50
N TYR C 294 4.81 31.92 -1.74
CA TYR C 294 6.12 32.30 -1.21
C TYR C 294 6.16 32.23 0.30
N HIS C 295 5.05 32.49 0.98
CA HIS C 295 5.02 32.43 2.43
C HIS C 295 5.09 30.98 2.93
N LEU C 296 4.58 30.04 2.14
CA LEU C 296 4.59 28.64 2.53
C LEU C 296 5.89 27.90 2.16
N PHE C 297 6.53 28.26 1.06
CA PHE C 297 7.62 27.46 0.50
C PHE C 297 8.91 28.24 0.24
N GLY C 298 8.91 29.57 0.46
CA GLY C 298 10.07 30.39 0.16
C GLY C 298 10.41 30.47 -1.32
N THR C 299 9.48 30.01 -2.16
CA THR C 299 9.67 29.96 -3.60
C THR C 299 8.31 30.16 -4.27
N TYR C 300 8.33 30.56 -5.51
CA TYR C 300 7.07 30.71 -6.19
C TYR C 300 6.75 29.46 -6.97
N LYS C 301 7.57 28.42 -6.81
CA LYS C 301 7.37 27.22 -7.56
C LYS C 301 7.20 26.02 -6.77
N ILE C 302 6.21 25.22 -7.08
CA ILE C 302 6.00 24.00 -6.34
C ILE C 302 5.83 22.85 -7.27
N SER C 303 5.85 21.65 -6.75
CA SER C 303 5.72 20.51 -7.59
C SER C 303 4.42 19.85 -7.28
N TYR C 304 3.65 19.41 -8.25
CA TYR C 304 2.38 18.79 -7.94
C TYR C 304 2.12 17.52 -8.73
N ASN C 305 1.59 16.51 -8.10
CA ASN C 305 1.29 15.31 -8.78
C ASN C 305 -0.11 15.32 -9.28
N LYS C 306 -0.31 15.73 -10.50
CA LYS C 306 -1.63 15.81 -11.02
C LYS C 306 -2.28 14.50 -11.12
N ASP C 307 -1.53 13.52 -11.56
CA ASP C 307 -2.03 12.20 -11.84
C ASP C 307 -1.78 11.15 -10.84
N GLY C 308 -1.46 11.53 -9.64
CA GLY C 308 -1.24 10.53 -8.65
C GLY C 308 0.21 10.41 -8.41
N PRO C 309 0.53 9.71 -7.35
CA PRO C 309 1.78 9.37 -6.69
C PRO C 309 2.69 8.62 -7.62
N GLU C 310 2.10 7.77 -8.44
CA GLU C 310 2.80 6.94 -9.37
C GLU C 310 2.99 7.52 -10.74
N ASN C 311 2.71 8.78 -10.92
CA ASN C 311 2.95 9.36 -12.22
C ASN C 311 3.95 10.50 -12.10
N GLN C 312 4.40 11.04 -13.20
CA GLN C 312 5.33 12.13 -13.11
C GLN C 312 4.60 13.35 -12.62
N PRO C 313 5.23 14.07 -11.68
CA PRO C 313 4.74 15.32 -11.10
C PRO C 313 5.17 16.46 -12.01
N ILE C 314 4.53 17.61 -11.89
CA ILE C 314 4.90 18.74 -12.76
C ILE C 314 5.11 19.97 -11.97
N GLU C 315 5.78 20.96 -12.55
CA GLU C 315 6.08 22.14 -11.79
C GLU C 315 5.13 23.22 -12.09
N ILE C 316 4.75 23.99 -11.07
CA ILE C 316 3.78 25.09 -11.14
C ILE C 316 4.46 26.39 -10.66
N ASP C 317 4.49 27.40 -11.52
CA ASP C 317 5.18 28.66 -11.26
C ASP C 317 4.13 29.72 -10.91
N PHE C 318 4.12 30.13 -9.65
CA PHE C 318 3.15 31.14 -9.24
C PHE C 318 3.67 32.56 -9.43
N THR C 319 4.77 32.74 -10.14
CA THR C 319 5.30 34.10 -10.32
C THR C 319 4.41 34.90 -11.26
N PRO C 320 3.86 36.04 -10.82
CA PRO C 320 2.91 36.80 -11.63
C PRO C 320 3.64 37.70 -12.62
N PRO C 321 2.93 38.24 -13.64
CA PRO C 321 1.49 38.10 -13.85
C PRO C 321 1.12 36.74 -14.40
N TYR C 322 -0.17 36.44 -14.47
CA TYR C 322 -0.64 35.18 -15.05
C TYR C 322 -1.39 35.46 -16.34
N PRO C 323 -1.48 34.50 -17.24
CA PRO C 323 -2.15 34.75 -18.52
C PRO C 323 -3.65 34.93 -18.34
N LYS C 324 -4.23 35.70 -19.25
CA LYS C 324 -5.67 35.89 -19.35
C LYS C 324 -6.14 35.38 -20.72
N VAL C 325 -7.10 34.46 -20.70
CA VAL C 325 -7.62 33.77 -21.88
C VAL C 325 -9.12 34.08 -21.95
N SER C 326 -9.57 34.67 -23.06
CA SER C 326 -10.99 35.04 -23.16
C SER C 326 -11.78 33.84 -23.65
N ILE C 327 -12.77 33.40 -22.86
CA ILE C 327 -13.40 32.10 -23.08
C ILE C 327 -13.90 31.94 -24.52
N VAL C 328 -14.78 32.84 -24.95
CA VAL C 328 -15.45 32.66 -26.24
C VAL C 328 -14.45 32.87 -27.38
N GLU C 329 -13.50 33.80 -27.21
CA GLU C 329 -12.48 34.05 -28.21
C GLU C 329 -11.63 32.80 -28.44
N GLU C 330 -11.16 32.20 -27.35
CA GLU C 330 -10.25 31.07 -27.50
C GLU C 330 -10.97 29.81 -27.97
N ILE C 331 -12.19 29.57 -27.49
CA ILE C 331 -13.01 28.53 -28.12
C ILE C 331 -13.10 28.79 -29.63
N GLU C 332 -13.31 30.06 -30.02
CA GLU C 332 -13.36 30.39 -31.44
C GLU C 332 -12.05 30.07 -32.16
N LYS C 333 -10.92 30.12 -31.46
CA LYS C 333 -9.66 29.85 -32.15
C LYS C 333 -9.40 28.35 -32.30
N VAL C 334 -9.60 27.58 -31.23
CA VAL C 334 -9.14 26.19 -31.26
C VAL C 334 -10.17 25.29 -31.92
N THR C 335 -11.45 25.41 -31.53
CA THR C 335 -12.49 24.67 -32.27
C THR C 335 -12.53 25.08 -33.74
N ASN C 336 -11.93 26.23 -34.07
CA ASN C 336 -11.97 26.74 -35.43
C ASN C 336 -13.43 26.92 -35.86
N THR C 337 -14.17 27.67 -35.04
CA THR C 337 -15.54 28.10 -35.32
C THR C 337 -15.65 29.58 -34.98
N ILE C 338 -16.82 30.13 -35.23
CA ILE C 338 -17.11 31.50 -34.94
C ILE C 338 -18.39 31.45 -34.18
N LEU C 339 -18.36 31.90 -32.96
CA LEU C 339 -19.56 31.83 -32.20
C LEU C 339 -20.08 33.15 -31.91
N GLU C 340 -21.37 33.29 -32.12
CA GLU C 340 -21.92 34.59 -31.86
C GLU C 340 -23.28 34.67 -31.32
N GLN C 341 -23.52 35.90 -30.97
CA GLN C 341 -24.65 36.35 -30.30
C GLN C 341 -25.91 36.11 -30.98
N PRO C 342 -26.95 35.86 -30.23
CA PRO C 342 -26.99 35.52 -28.83
C PRO C 342 -26.56 34.12 -28.68
N PHE C 343 -26.05 33.75 -27.54
CA PHE C 343 -25.59 32.39 -27.39
C PHE C 343 -26.64 31.35 -27.29
N ASP C 344 -27.88 31.70 -27.04
CA ASP C 344 -28.90 30.72 -27.02
C ASP C 344 -29.66 30.74 -28.30
N SER C 345 -29.12 31.35 -29.34
CA SER C 345 -29.69 31.34 -30.65
C SER C 345 -29.63 29.92 -31.09
N ASN C 346 -30.64 29.48 -31.81
CA ASN C 346 -30.68 28.12 -32.27
C ASN C 346 -29.52 27.77 -33.17
N GLU C 347 -29.11 28.68 -34.02
CA GLU C 347 -27.98 28.42 -34.82
C GLU C 347 -26.80 28.23 -33.93
N THR C 348 -26.57 29.09 -32.96
CA THR C 348 -25.42 28.90 -32.10
C THR C 348 -25.54 27.64 -31.30
N ILE C 349 -26.72 27.35 -30.81
CA ILE C 349 -26.86 26.18 -30.00
C ILE C 349 -26.56 24.89 -30.69
N GLU C 350 -27.06 24.74 -31.90
CA GLU C 350 -26.76 23.51 -32.59
C GLU C 350 -25.30 23.46 -32.90
N LYS C 351 -24.80 24.60 -33.41
CA LYS C 351 -23.44 24.77 -33.84
C LYS C 351 -22.60 24.33 -32.73
N MET C 352 -22.93 24.83 -31.57
CA MET C 352 -22.21 24.37 -30.44
C MET C 352 -22.52 22.92 -30.24
N ILE C 353 -23.79 22.53 -30.33
CA ILE C 353 -24.16 21.15 -30.09
C ILE C 353 -23.49 20.23 -31.07
N ASN C 354 -23.41 20.62 -32.32
CA ASN C 354 -22.73 19.78 -33.28
C ASN C 354 -21.27 19.61 -32.92
N ILE C 355 -20.62 20.68 -32.50
CA ILE C 355 -19.24 20.58 -32.16
C ILE C 355 -19.05 19.61 -31.09
N ILE C 356 -20.04 19.49 -30.25
CA ILE C 356 -19.90 18.54 -29.15
C ILE C 356 -19.71 17.12 -29.67
N LYS C 357 -20.69 16.58 -30.38
CA LYS C 357 -20.64 15.24 -30.92
C LYS C 357 -19.44 15.00 -31.79
N GLU C 358 -19.15 15.94 -32.65
CA GLU C 358 -18.01 15.83 -33.55
C GLU C 358 -16.71 15.70 -32.81
N HIS C 359 -16.52 16.38 -31.70
CA HIS C 359 -15.32 16.20 -30.93
C HIS C 359 -15.48 15.09 -29.86
N LYS C 360 -16.67 14.48 -29.82
CA LYS C 360 -17.10 13.32 -29.02
C LYS C 360 -17.49 13.47 -27.60
N ILE C 361 -17.49 14.68 -27.09
CA ILE C 361 -17.81 14.95 -25.71
C ILE C 361 -19.28 14.79 -25.39
N GLU C 362 -19.60 14.65 -24.12
CA GLU C 362 -20.97 14.48 -23.71
C GLU C 362 -21.76 15.73 -23.78
N LEU C 363 -23.05 15.59 -23.85
CA LEU C 363 -23.88 16.74 -23.85
C LEU C 363 -24.70 16.59 -22.63
N PRO C 364 -24.79 17.62 -21.85
CA PRO C 364 -25.35 18.20 -20.62
C PRO C 364 -26.75 17.75 -20.25
N ASN C 365 -27.28 17.91 -19.01
CA ASN C 365 -28.56 17.23 -18.82
C ASN C 365 -29.65 17.93 -19.60
N PRO C 366 -29.92 19.24 -19.43
CA PRO C 366 -30.55 19.98 -20.52
C PRO C 366 -29.50 20.71 -21.31
N PRO C 367 -29.40 20.45 -22.58
CA PRO C 367 -28.36 21.14 -23.36
C PRO C 367 -28.78 22.59 -23.66
N THR C 368 -28.65 23.44 -22.65
CA THR C 368 -28.84 24.87 -22.85
C THR C 368 -27.49 25.58 -22.97
N ALA C 369 -27.55 26.79 -23.54
CA ALA C 369 -26.35 27.46 -24.04
C ALA C 369 -25.33 27.68 -22.95
N ALA C 370 -25.80 28.06 -21.75
CA ALA C 370 -24.90 28.21 -20.62
C ALA C 370 -24.11 26.93 -20.39
N LYS C 371 -24.80 25.81 -20.19
CA LYS C 371 -24.09 24.60 -19.86
C LYS C 371 -23.33 23.99 -21.03
N LEU C 372 -23.74 24.27 -22.29
CA LEU C 372 -22.98 23.81 -23.45
C LEU C 372 -21.66 24.58 -23.56
N LEU C 373 -21.71 25.90 -23.34
CA LEU C 373 -20.49 26.70 -23.21
C LEU C 373 -19.63 26.23 -22.05
N ASP C 374 -20.26 25.80 -20.96
CA ASP C 374 -19.51 25.27 -19.82
C ASP C 374 -18.72 24.02 -20.20
N GLN C 375 -19.43 23.01 -20.73
CA GLN C 375 -18.77 21.78 -21.18
C GLN C 375 -17.69 22.08 -22.22
N LEU C 376 -17.98 23.01 -23.14
CA LEU C 376 -17.02 23.37 -24.19
C LEU C 376 -15.76 23.99 -23.60
N ALA C 377 -15.93 24.94 -22.69
CA ALA C 377 -14.80 25.58 -22.06
C ALA C 377 -13.92 24.55 -21.36
N SER C 378 -14.54 23.69 -20.55
CA SER C 378 -13.71 22.77 -19.78
C SER C 378 -13.03 21.73 -20.67
N HIS C 379 -13.59 21.42 -21.85
CA HIS C 379 -12.83 20.50 -22.70
C HIS C 379 -11.77 21.21 -23.54
N PHE C 380 -11.95 22.49 -23.88
CA PHE C 380 -11.06 23.11 -24.85
C PHE C 380 -10.04 24.09 -24.26
N ILE C 381 -10.24 24.60 -23.03
CA ILE C 381 -9.22 25.52 -22.48
C ILE C 381 -8.82 25.20 -21.06
N GLU C 382 -9.76 24.77 -20.23
CA GLU C 382 -9.48 24.69 -18.80
C GLU C 382 -8.18 23.94 -18.49
N ASN C 383 -7.71 23.07 -19.41
CA ASN C 383 -6.42 22.41 -19.28
C ASN C 383 -5.36 23.04 -20.18
N LYS C 384 -5.50 24.33 -20.50
CA LYS C 384 -4.58 24.99 -21.42
C LYS C 384 -3.14 24.98 -20.90
N TYR C 385 -2.93 25.67 -19.78
CA TYR C 385 -1.67 25.66 -19.05
C TYR C 385 -1.89 24.91 -17.74
N ASN C 386 -0.89 24.12 -17.36
CA ASN C 386 -0.87 23.45 -16.06
C ASN C 386 0.46 23.65 -15.35
N ASP C 387 1.42 24.34 -15.99
CA ASP C 387 2.65 24.85 -15.39
C ASP C 387 2.45 26.16 -14.64
N LYS C 388 1.29 26.78 -14.75
CA LYS C 388 0.98 28.02 -14.06
C LYS C 388 -0.46 28.15 -13.82
N PRO C 389 -0.85 29.01 -12.91
CA PRO C 389 -2.26 29.42 -12.80
C PRO C 389 -2.60 30.33 -13.95
N PHE C 390 -3.86 30.28 -14.37
CA PHE C 390 -4.25 31.18 -15.46
C PHE C 390 -5.72 31.53 -15.30
N PHE C 391 -6.12 32.63 -15.93
CA PHE C 391 -7.48 33.15 -15.88
C PHE C 391 -8.22 32.90 -17.18
N ILE C 392 -9.45 32.41 -17.05
CA ILE C 392 -10.46 32.44 -18.11
C ILE C 392 -11.38 33.62 -17.80
N VAL C 393 -11.54 34.54 -18.76
CA VAL C 393 -12.15 35.86 -18.52
C VAL C 393 -13.28 36.14 -19.51
N GLU C 394 -14.01 37.22 -19.22
CA GLU C 394 -14.98 37.84 -20.15
C GLU C 394 -16.12 36.89 -20.53
N HIS C 395 -16.64 36.19 -19.52
CA HIS C 395 -17.69 35.21 -19.71
C HIS C 395 -18.94 35.84 -20.32
N PRO C 396 -19.59 35.15 -21.25
CA PRO C 396 -20.93 35.58 -21.68
C PRO C 396 -21.87 35.89 -20.52
N GLN C 397 -22.77 36.84 -20.74
CA GLN C 397 -23.77 37.16 -19.75
C GLN C 397 -24.69 35.98 -19.44
N ILE C 398 -24.93 35.09 -20.41
CA ILE C 398 -25.90 34.02 -20.19
C ILE C 398 -25.36 33.05 -19.14
N MET C 399 -24.03 32.91 -19.03
CA MET C 399 -23.41 32.16 -17.94
C MET C 399 -23.33 32.92 -16.61
N SER C 400 -23.51 34.24 -16.58
CA SER C 400 -23.10 35.05 -15.44
C SER C 400 -24.20 35.99 -14.97
N PRO C 401 -25.28 35.43 -14.39
CA PRO C 401 -26.48 36.25 -14.12
C PRO C 401 -26.30 37.34 -13.06
N LEU C 402 -25.16 37.44 -12.38
CA LEU C 402 -24.95 38.48 -11.38
C LEU C 402 -23.71 39.30 -11.68
N ALA C 403 -23.05 39.09 -12.81
CA ALA C 403 -21.87 39.82 -13.22
C ALA C 403 -22.26 41.00 -14.10
N LYS C 404 -21.65 42.16 -13.83
CA LYS C 404 -21.97 43.38 -14.56
C LYS C 404 -21.54 43.25 -16.01
N TYR C 405 -22.35 43.77 -16.93
CA TYR C 405 -22.04 43.61 -18.35
C TYR C 405 -20.66 44.21 -18.68
N HIS C 406 -19.95 43.56 -19.60
CA HIS C 406 -18.67 44.08 -20.08
C HIS C 406 -18.88 45.44 -20.76
N ARG C 407 -17.94 46.38 -20.50
CA ARG C 407 -18.17 47.77 -20.88
C ARG C 407 -17.92 48.09 -22.35
N THR C 408 -17.24 47.23 -23.10
CA THR C 408 -17.07 47.45 -24.54
C THR C 408 -17.41 46.25 -25.39
N LYS C 409 -17.55 45.06 -24.82
CA LYS C 409 -17.77 43.86 -25.62
C LYS C 409 -19.20 43.37 -25.41
N PRO C 410 -20.07 43.49 -26.41
CA PRO C 410 -21.47 43.08 -26.24
C PRO C 410 -21.64 41.60 -25.90
N GLY C 411 -22.54 41.35 -24.95
CA GLY C 411 -22.91 40.01 -24.53
C GLY C 411 -22.03 39.40 -23.46
N LEU C 412 -20.95 40.08 -23.07
CA LEU C 412 -20.00 39.53 -22.12
C LEU C 412 -20.05 40.28 -20.79
N THR C 413 -19.38 39.73 -19.81
CA THR C 413 -19.28 40.30 -18.47
C THR C 413 -17.81 40.56 -18.17
N GLU C 414 -17.56 41.12 -16.98
CA GLU C 414 -16.18 41.42 -16.59
C GLU C 414 -15.69 40.42 -15.54
N ARG C 415 -15.73 39.14 -15.94
CA ARG C 415 -15.61 38.00 -15.03
C ARG C 415 -14.29 37.30 -15.27
N LEU C 416 -13.71 36.79 -14.18
CA LEU C 416 -12.45 36.07 -14.18
C LEU C 416 -12.64 34.82 -13.35
N GLU C 417 -12.15 33.70 -13.87
CA GLU C 417 -12.04 32.44 -13.16
C GLU C 417 -10.57 32.04 -13.18
N MET C 418 -9.99 31.76 -12.02
CA MET C 418 -8.61 31.29 -11.97
C MET C 418 -8.58 29.78 -11.85
N PHE C 419 -7.70 29.18 -12.64
CA PHE C 419 -7.50 27.74 -12.68
C PHE C 419 -6.07 27.41 -12.32
N ILE C 420 -5.95 26.37 -11.50
CA ILE C 420 -4.69 25.68 -11.20
C ILE C 420 -4.84 24.23 -11.66
N CYS C 421 -3.97 23.81 -12.58
CA CYS C 421 -4.02 22.49 -13.22
C CYS C 421 -5.43 22.12 -13.62
N GLY C 422 -6.06 23.01 -14.37
CA GLY C 422 -7.37 22.70 -14.89
C GLY C 422 -8.44 22.47 -13.85
N LYS C 423 -8.24 22.98 -12.64
CA LYS C 423 -9.33 23.05 -11.66
C LYS C 423 -9.57 24.51 -11.24
N GLU C 424 -10.85 24.85 -11.07
CA GLU C 424 -11.24 26.22 -10.73
C GLU C 424 -11.03 26.47 -9.23
N VAL C 425 -10.26 27.52 -8.90
CA VAL C 425 -9.94 27.81 -7.51
C VAL C 425 -10.55 29.13 -7.04
N LEU C 426 -10.81 30.09 -7.95
CA LEU C 426 -11.50 31.33 -7.62
C LEU C 426 -12.43 31.76 -8.76
N ASN C 427 -13.48 32.48 -8.37
CA ASN C 427 -14.47 33.00 -9.29
C ASN C 427 -14.83 34.43 -8.87
N ALA C 428 -14.74 35.37 -9.80
CA ALA C 428 -14.73 36.78 -9.42
C ALA C 428 -15.29 37.63 -10.53
N TYR C 429 -15.96 38.73 -10.16
CA TYR C 429 -16.37 39.68 -11.19
C TYR C 429 -16.79 41.02 -10.60
N THR C 430 -16.85 42.02 -11.50
CA THR C 430 -17.53 43.26 -11.24
C THR C 430 -19.01 42.98 -11.07
N GLU C 431 -19.59 43.44 -9.96
CA GLU C 431 -20.95 43.11 -9.62
C GLU C 431 -21.94 43.90 -10.46
N LEU C 432 -22.87 43.20 -11.11
CA LEU C 432 -24.02 43.86 -11.69
C LEU C 432 -24.77 44.62 -10.59
N ASN C 433 -24.92 45.93 -10.72
CA ASN C 433 -25.55 46.74 -9.69
C ASN C 433 -26.73 47.56 -10.18
N ASP C 434 -27.02 47.51 -11.47
CA ASP C 434 -28.22 48.19 -11.94
C ASP C 434 -29.41 47.27 -11.68
N PRO C 435 -30.29 47.59 -10.73
CA PRO C 435 -31.42 46.69 -10.45
C PRO C 435 -32.25 46.39 -11.67
N PHE C 436 -32.39 47.37 -12.58
CA PHE C 436 -33.19 47.18 -13.77
C PHE C 436 -32.64 46.06 -14.69
N LYS C 437 -31.32 45.78 -14.65
CA LYS C 437 -30.77 44.77 -15.54
C LYS C 437 -30.69 43.38 -14.91
N GLN C 438 -31.11 43.28 -13.70
CA GLN C 438 -31.09 42.04 -13.09
C GLN C 438 -32.41 41.54 -13.40
N LYS C 439 -32.50 40.84 -14.48
CA LYS C 439 -33.76 40.36 -14.99
C LYS C 439 -34.52 39.49 -14.06
N GLU C 440 -33.86 38.68 -13.29
CA GLU C 440 -34.54 37.84 -12.38
C GLU C 440 -35.40 38.48 -11.31
N CYS C 441 -35.15 39.68 -10.88
CA CYS C 441 -35.99 40.25 -9.85
C CYS C 441 -37.41 40.58 -10.15
N PHE C 442 -37.69 41.10 -11.33
CA PHE C 442 -39.05 41.48 -11.62
C PHE C 442 -40.09 40.34 -11.45
N GLN C 458 -33.07 30.78 -7.14
CA GLN C 458 -31.96 31.56 -7.68
C GLN C 458 -31.72 32.80 -6.81
N LEU C 459 -32.63 33.78 -6.90
CA LEU C 459 -32.58 35.01 -6.11
C LEU C 459 -33.88 35.15 -5.32
N ASP C 460 -33.86 36.09 -4.38
CA ASP C 460 -34.99 36.33 -3.50
C ASP C 460 -35.29 37.82 -3.45
N SER C 461 -36.51 38.13 -3.01
CA SER C 461 -36.96 39.52 -2.97
C SER C 461 -35.97 40.39 -2.20
N ALA C 462 -35.59 39.97 -0.98
CA ALA C 462 -34.80 40.84 -0.09
C ALA C 462 -33.54 41.35 -0.76
N PHE C 463 -32.83 40.49 -1.49
CA PHE C 463 -31.63 40.94 -2.19
C PHE C 463 -31.98 41.97 -3.28
N CYS C 464 -33.07 41.73 -4.02
CA CYS C 464 -33.45 42.65 -5.08
C CYS C 464 -33.88 44.00 -4.54
N THR C 465 -34.58 44.00 -3.41
CA THR C 465 -34.90 45.24 -2.75
C THR C 465 -33.62 45.98 -2.38
N SER C 466 -32.67 45.28 -1.72
CA SER C 466 -31.42 45.95 -1.32
C SER C 466 -30.71 46.56 -2.52
N LEU C 467 -30.76 45.90 -3.68
CA LEU C 467 -30.20 46.52 -4.88
C LEU C 467 -30.82 47.89 -5.17
N GLU C 468 -32.11 48.09 -4.85
CA GLU C 468 -32.76 49.34 -5.19
C GLU C 468 -32.44 50.47 -4.23
N TYR C 469 -31.80 50.19 -3.09
CA TYR C 469 -31.32 51.28 -2.25
C TYR C 469 -29.95 51.78 -2.67
N GLY C 470 -29.37 51.19 -3.71
CA GLY C 470 -28.10 51.61 -4.27
C GLY C 470 -26.93 50.75 -3.82
N LEU C 471 -26.49 49.85 -4.71
CA LEU C 471 -25.26 49.12 -4.52
C LEU C 471 -24.16 49.84 -5.28
N PRO C 472 -23.11 50.31 -4.63
CA PRO C 472 -22.08 51.03 -5.35
C PRO C 472 -21.39 50.11 -6.33
N PRO C 473 -20.66 50.66 -7.30
CA PRO C 473 -19.82 49.80 -8.15
C PRO C 473 -18.88 48.98 -7.26
N THR C 474 -18.84 47.66 -7.50
CA THR C 474 -18.22 46.75 -6.53
C THR C 474 -17.57 45.57 -7.25
N GLY C 475 -16.47 45.07 -6.67
CA GLY C 475 -15.86 43.85 -7.15
C GLY C 475 -15.90 42.73 -6.13
N GLY C 476 -16.37 41.54 -6.52
CA GLY C 476 -16.47 40.42 -5.61
C GLY C 476 -15.68 39.21 -6.08
N LEU C 477 -15.19 38.42 -5.12
CA LEU C 477 -14.37 37.25 -5.41
C LEU C 477 -14.64 36.13 -4.41
N GLY C 478 -14.70 34.91 -4.93
CA GLY C 478 -14.79 33.70 -4.12
C GLY C 478 -13.63 32.73 -4.32
N LEU C 479 -13.08 32.26 -3.20
CA LEU C 479 -12.00 31.27 -3.17
C LEU C 479 -12.56 29.96 -2.62
N GLY C 480 -12.24 28.85 -3.30
CA GLY C 480 -12.40 27.53 -2.71
C GLY C 480 -11.21 27.19 -1.82
N ILE C 481 -11.41 27.18 -0.50
CA ILE C 481 -10.27 26.94 0.39
C ILE C 481 -9.75 25.51 0.22
N ASP C 482 -10.65 24.52 0.10
CA ASP C 482 -10.22 23.13 0.03
C ASP C 482 -9.33 22.87 -1.18
N ARG C 483 -9.78 23.31 -2.36
CA ARG C 483 -8.97 23.11 -3.56
C ARG C 483 -7.62 23.78 -3.43
N ILE C 484 -7.61 25.01 -2.94
CA ILE C 484 -6.34 25.71 -2.78
C ILE C 484 -5.39 24.84 -1.96
N THR C 485 -5.84 24.37 -0.79
CA THR C 485 -4.91 23.61 0.04
C THR C 485 -4.52 22.30 -0.67
N MET C 486 -5.49 21.62 -1.29
CA MET C 486 -5.17 20.42 -2.09
C MET C 486 -3.95 20.65 -2.94
N PHE C 487 -3.94 21.71 -3.75
CA PHE C 487 -2.78 21.95 -4.62
C PHE C 487 -1.55 22.44 -3.87
N LEU C 488 -1.71 23.00 -2.67
CA LEU C 488 -0.52 23.41 -1.92
C LEU C 488 -0.03 22.33 -0.94
N THR C 489 -0.78 21.23 -0.79
CA THR C 489 -0.32 20.03 -0.07
C THR C 489 -0.29 18.79 -0.96
N ASN C 490 -0.22 18.96 -2.29
CA ASN C 490 0.05 17.85 -3.22
C ASN C 490 -0.94 16.70 -3.05
N LYS C 491 -2.22 17.02 -3.05
CA LYS C 491 -3.26 16.01 -2.99
C LYS C 491 -4.07 16.04 -4.28
N ASN C 492 -4.99 15.09 -4.39
CA ASN C 492 -5.83 14.92 -5.57
C ASN C 492 -7.22 14.46 -5.19
N SER C 493 -7.45 14.15 -3.92
CA SER C 493 -8.76 13.84 -3.37
C SER C 493 -9.07 14.80 -2.22
N ILE C 494 -10.17 15.54 -2.35
CA ILE C 494 -10.59 16.47 -1.31
C ILE C 494 -10.83 15.81 0.04
N LYS C 495 -10.97 14.47 0.08
CA LYS C 495 -11.08 13.82 1.38
C LYS C 495 -9.76 13.83 2.14
N ASP C 496 -8.65 14.18 1.49
CA ASP C 496 -7.36 14.30 2.16
C ASP C 496 -7.11 15.66 2.80
N VAL C 497 -7.95 16.68 2.57
CA VAL C 497 -7.77 18.00 3.18
C VAL C 497 -8.97 18.43 4.01
N ILE C 498 -9.92 17.53 4.24
CA ILE C 498 -11.02 17.71 5.18
C ILE C 498 -10.80 16.68 6.30
N LEU C 499 -10.91 17.12 7.55
CA LEU C 499 -10.62 16.23 8.67
C LEU C 499 -11.62 15.07 8.73
N PHE C 500 -12.91 15.34 8.65
CA PHE C 500 -13.92 14.29 8.80
C PHE C 500 -14.87 14.27 7.61
N PRO C 501 -14.35 13.98 6.40
CA PRO C 501 -15.21 13.98 5.22
C PRO C 501 -16.33 12.96 5.39
N THR C 502 -17.54 13.32 4.99
CA THR C 502 -18.70 12.49 5.28
C THR C 502 -18.65 11.22 4.44
N MET C 503 -18.89 10.08 5.10
CA MET C 503 -18.71 8.74 4.55
C MET C 503 -20.03 7.99 4.60
N ARG C 504 -20.20 7.05 3.66
CA ARG C 504 -21.36 6.17 3.83
C ARG C 504 -21.04 5.13 4.88
N PRO C 505 -21.94 4.91 5.86
CA PRO C 505 -21.80 3.91 6.93
C PRO C 505 -21.63 2.49 6.39
N PRO D 4 -44.39 58.17 -0.60
CA PRO D 4 -45.21 56.98 -0.84
C PRO D 4 -44.55 55.98 -1.80
N ARG D 5 -45.33 55.01 -2.30
CA ARG D 5 -44.84 54.08 -3.33
C ARG D 5 -44.55 54.78 -4.65
N LEU D 6 -44.94 56.05 -4.79
CA LEU D 6 -44.72 56.81 -6.01
C LEU D 6 -43.27 57.23 -6.16
N TYR D 7 -42.60 57.51 -5.04
CA TYR D 7 -41.18 57.83 -5.05
C TYR D 7 -40.38 56.83 -5.89
N PHE D 8 -40.70 55.54 -5.78
CA PHE D 8 -39.93 54.54 -6.50
C PHE D 8 -40.23 54.57 -8.00
N GLU D 9 -41.50 54.74 -8.37
CA GLU D 9 -41.82 54.85 -9.79
C GLU D 9 -41.12 56.05 -10.41
N ASN D 10 -41.09 57.17 -9.70
CA ASN D 10 -40.48 58.37 -10.26
C ASN D 10 -38.97 58.25 -10.34
N ARG D 11 -38.36 57.58 -9.36
CA ARG D 11 -36.93 57.38 -9.44
C ARG D 11 -36.56 56.37 -10.53
N SER D 12 -37.39 55.34 -10.73
CA SER D 12 -37.09 54.40 -11.81
C SER D 12 -37.25 55.07 -13.16
N LYS D 13 -38.24 55.95 -13.26
CA LYS D 13 -38.40 56.71 -14.50
C LYS D 13 -37.22 57.63 -14.74
N PHE D 14 -36.73 58.28 -13.67
CA PHE D 14 -35.54 59.08 -13.80
C PHE D 14 -34.35 58.26 -14.34
N ILE D 15 -34.16 57.05 -13.83
CA ILE D 15 -33.06 56.20 -14.33
C ILE D 15 -33.24 55.90 -15.82
N GLN D 16 -34.43 55.46 -16.20
CA GLN D 16 -34.67 55.17 -17.61
C GLN D 16 -34.52 56.42 -18.48
N ASP D 17 -34.93 57.58 -17.96
CA ASP D 17 -34.76 58.80 -18.72
C ASP D 17 -33.28 59.10 -18.92
N GLN D 18 -32.50 59.04 -17.84
CA GLN D 18 -31.06 59.26 -17.96
C GLN D 18 -30.46 58.36 -19.02
N LYS D 19 -30.88 57.10 -19.06
CA LYS D 19 -30.36 56.20 -20.10
C LYS D 19 -30.78 56.66 -21.49
N ASP D 20 -32.01 57.16 -21.63
CA ASP D 20 -32.51 57.59 -22.93
C ASP D 20 -31.76 58.78 -23.49
N LYS D 21 -31.13 59.59 -22.64
CA LYS D 21 -30.24 60.66 -23.08
C LYS D 21 -28.79 60.22 -23.17
N GLY D 22 -28.52 58.92 -23.16
CA GLY D 22 -27.16 58.42 -23.28
C GLY D 22 -26.26 58.65 -22.07
N ILE D 23 -26.83 59.00 -20.91
CA ILE D 23 -26.08 59.06 -19.64
C ILE D 23 -26.15 57.69 -18.96
N ASN D 24 -25.04 57.30 -18.32
CA ASN D 24 -24.99 56.04 -17.60
C ASN D 24 -25.15 56.33 -16.12
N PRO D 25 -26.34 56.13 -15.53
CA PRO D 25 -26.50 56.33 -14.08
C PRO D 25 -25.82 55.27 -13.25
N TYR D 26 -25.20 54.27 -13.90
CA TYR D 26 -24.48 53.20 -13.20
C TYR D 26 -23.12 52.97 -13.87
N PRO D 27 -22.23 53.96 -13.85
CA PRO D 27 -20.94 53.80 -14.54
C PRO D 27 -20.14 52.66 -13.90
N HIS D 28 -19.10 52.23 -14.62
CA HIS D 28 -18.44 50.96 -14.32
C HIS D 28 -17.40 51.10 -13.22
N LYS D 29 -16.53 52.09 -13.35
CA LYS D 29 -15.42 52.26 -12.45
C LYS D 29 -15.18 53.76 -12.27
N PHE D 30 -15.01 54.17 -11.02
CA PHE D 30 -14.63 55.51 -10.59
C PHE D 30 -13.38 55.31 -9.73
N GLU D 31 -12.25 55.83 -10.16
CA GLU D 31 -11.01 55.56 -9.43
C GLU D 31 -10.86 56.64 -8.37
N ARG D 32 -11.06 56.28 -7.13
CA ARG D 32 -10.98 57.28 -6.08
C ARG D 32 -9.60 57.31 -5.45
N THR D 33 -9.26 58.48 -4.92
CA THR D 33 -7.98 58.84 -4.32
C THR D 33 -7.87 58.50 -2.85
N ILE D 34 -8.98 58.53 -2.10
CA ILE D 34 -8.88 58.56 -0.65
C ILE D 34 -10.21 58.09 -0.05
N SER D 35 -10.13 57.29 1.01
CA SER D 35 -11.34 57.02 1.76
C SER D 35 -11.81 58.30 2.42
N ILE D 36 -13.07 58.31 2.85
CA ILE D 36 -13.56 59.44 3.62
C ILE D 36 -12.92 59.44 5.01
N PRO D 37 -12.77 58.30 5.70
CA PRO D 37 -11.97 58.33 6.93
C PRO D 37 -10.56 58.84 6.71
N GLU D 38 -9.88 58.46 5.62
CA GLU D 38 -8.53 58.96 5.41
C GLU D 38 -8.54 60.46 5.20
N PHE D 39 -9.55 60.95 4.46
CA PHE D 39 -9.76 62.37 4.22
C PHE D 39 -9.87 63.12 5.54
N ILE D 40 -10.77 62.64 6.43
CA ILE D 40 -10.93 63.30 7.71
C ILE D 40 -9.61 63.31 8.46
N GLU D 41 -8.89 62.20 8.44
CA GLU D 41 -7.60 62.16 9.14
C GLU D 41 -6.65 63.21 8.60
N LYS D 42 -6.56 63.31 7.27
CA LYS D 42 -5.52 64.12 6.63
C LYS D 42 -5.84 65.61 6.69
N TYR D 43 -7.12 65.98 6.76
CA TYR D 43 -7.47 67.40 6.65
C TYR D 43 -8.23 67.96 7.84
N LYS D 44 -8.44 67.18 8.90
CA LYS D 44 -9.27 67.66 10.01
C LYS D 44 -8.71 68.89 10.68
N ASP D 45 -7.40 69.12 10.61
CA ASP D 45 -6.80 70.21 11.37
C ASP D 45 -6.69 71.51 10.58
N LEU D 46 -7.15 71.55 9.33
CA LEU D 46 -7.15 72.80 8.57
C LEU D 46 -7.87 73.89 9.33
N GLY D 47 -7.46 75.13 9.09
CA GLY D 47 -8.12 76.25 9.73
C GLY D 47 -9.41 76.66 9.05
N ASN D 48 -10.27 77.30 9.83
CA ASN D 48 -11.50 77.86 9.31
C ASN D 48 -11.23 78.61 8.02
N GLY D 49 -12.05 78.33 7.00
CA GLY D 49 -11.96 78.98 5.71
C GLY D 49 -10.79 78.57 4.84
N GLU D 50 -9.88 77.73 5.33
CA GLU D 50 -8.72 77.37 4.54
C GLU D 50 -9.10 76.43 3.41
N HIS D 51 -8.39 76.56 2.29
CA HIS D 51 -8.54 75.66 1.15
C HIS D 51 -7.20 75.05 0.81
N LEU D 52 -7.21 73.87 0.19
CA LEU D 52 -6.02 73.34 -0.46
C LEU D 52 -6.26 73.31 -1.96
N GLU D 53 -6.30 74.48 -2.56
CA GLU D 53 -6.72 74.72 -3.96
C GLU D 53 -5.74 74.11 -4.98
N ASP D 54 -4.68 73.43 -4.56
CA ASP D 54 -3.75 72.78 -5.47
C ASP D 54 -3.81 71.26 -5.37
N THR D 55 -4.79 70.73 -4.63
CA THR D 55 -4.90 69.31 -4.33
C THR D 55 -6.22 68.83 -4.92
N ILE D 56 -6.15 68.08 -6.02
CA ILE D 56 -7.35 67.61 -6.71
C ILE D 56 -7.61 66.17 -6.31
N LEU D 57 -8.75 65.95 -5.66
CA LEU D 57 -9.13 64.65 -5.09
C LEU D 57 -10.35 64.08 -5.79
N ASN D 58 -10.40 62.76 -5.82
CA ASN D 58 -11.52 61.97 -6.27
C ASN D 58 -12.06 61.26 -5.03
N ILE D 59 -13.32 61.48 -4.72
CA ILE D 59 -13.87 61.02 -3.44
C ILE D 59 -15.22 60.38 -3.74
N THR D 60 -15.58 59.34 -2.98
CA THR D 60 -16.88 58.70 -3.18
C THR D 60 -17.61 58.62 -1.86
N GLY D 61 -18.92 58.44 -1.95
CA GLY D 61 -19.69 58.28 -0.73
C GLY D 61 -21.19 58.22 -0.99
N ARG D 62 -21.92 58.06 0.12
CA ARG D 62 -23.38 58.11 0.09
C ARG D 62 -23.88 59.48 0.59
N ILE D 63 -24.71 60.13 -0.22
CA ILE D 63 -25.32 61.40 0.18
C ILE D 63 -26.41 61.11 1.21
N MET D 64 -26.29 61.70 2.39
CA MET D 64 -27.23 61.40 3.45
C MET D 64 -27.95 62.63 3.94
N ARG D 65 -27.65 63.79 3.39
CA ARG D 65 -28.42 65.00 3.61
C ARG D 65 -28.31 65.92 2.40
N VAL D 66 -29.46 66.44 2.00
CA VAL D 66 -29.57 67.40 0.91
C VAL D 66 -30.09 68.71 1.53
N SER D 67 -29.23 69.71 1.61
CA SER D 67 -29.74 70.96 2.16
C SER D 67 -30.54 71.74 1.11
N ALA D 68 -31.28 72.74 1.60
CA ALA D 68 -32.02 73.63 0.71
C ALA D 68 -31.05 74.31 -0.24
N SER D 69 -31.31 74.20 -1.54
CA SER D 69 -30.42 74.75 -2.53
C SER D 69 -30.58 76.26 -2.62
N GLY D 70 -29.46 76.96 -2.76
CA GLY D 70 -29.43 78.35 -3.10
C GLY D 70 -29.12 78.52 -4.58
N GLN D 71 -28.97 79.79 -4.98
CA GLN D 71 -28.60 80.12 -6.35
C GLN D 71 -27.16 79.73 -6.61
N LYS D 72 -26.29 79.94 -5.63
CA LYS D 72 -24.87 79.67 -5.82
C LYS D 72 -24.26 78.62 -4.87
N LEU D 73 -24.97 78.19 -3.82
CA LEU D 73 -24.43 77.26 -2.85
C LEU D 73 -25.39 76.09 -2.69
N ARG D 74 -24.82 74.88 -2.58
CA ARG D 74 -25.56 73.68 -2.22
C ARG D 74 -24.72 72.90 -1.23
N PHE D 75 -25.38 72.25 -0.30
CA PHE D 75 -24.69 71.50 0.72
C PHE D 75 -25.20 70.08 0.74
N PHE D 76 -24.30 69.15 1.02
CA PHE D 76 -24.65 67.77 1.23
C PHE D 76 -23.77 67.25 2.34
N ASP D 77 -24.25 66.21 3.02
CA ASP D 77 -23.41 65.38 3.88
C ASP D 77 -23.15 64.08 3.16
N LEU D 78 -21.87 63.70 3.08
CA LEU D 78 -21.41 62.51 2.37
C LEU D 78 -20.79 61.58 3.40
N VAL D 79 -21.30 60.36 3.48
CA VAL D 79 -20.77 59.42 4.48
C VAL D 79 -20.20 58.20 3.76
N GLY D 80 -19.16 57.64 4.40
CA GLY D 80 -18.48 56.42 4.01
C GLY D 80 -17.79 55.82 5.20
N ASP D 81 -17.84 54.49 5.35
CA ASP D 81 -17.17 53.79 6.45
C ASP D 81 -17.60 54.38 7.80
N GLY D 82 -18.87 54.77 7.86
CA GLY D 82 -19.46 55.31 9.07
C GLY D 82 -18.93 56.64 9.52
N GLU D 83 -18.30 57.41 8.62
CA GLU D 83 -17.84 58.76 8.92
C GLU D 83 -18.39 59.74 7.89
N LYS D 84 -18.30 61.02 8.22
CA LYS D 84 -19.11 62.06 7.56
C LYS D 84 -18.28 63.27 7.20
N ILE D 85 -18.40 63.75 5.96
CA ILE D 85 -17.87 65.06 5.62
C ILE D 85 -18.95 65.84 4.87
N GLN D 86 -18.66 67.10 4.59
CA GLN D 86 -19.62 67.94 3.87
C GLN D 86 -19.19 68.10 2.42
N VAL D 87 -20.16 68.00 1.52
CA VAL D 87 -20.02 68.45 0.15
C VAL D 87 -20.49 69.90 0.10
N LEU D 88 -19.60 70.80 -0.33
CA LEU D 88 -19.93 72.21 -0.48
C LEU D 88 -19.81 72.53 -1.96
N ALA D 89 -20.94 72.48 -2.67
CA ALA D 89 -20.96 72.77 -4.09
C ALA D 89 -21.21 74.25 -4.28
N ASN D 90 -20.21 74.93 -4.81
CA ASN D 90 -20.24 76.35 -5.11
C ASN D 90 -20.31 76.53 -6.63
N TYR D 91 -21.27 77.34 -7.08
CA TYR D 91 -21.43 77.56 -8.51
C TYR D 91 -20.13 78.03 -9.18
N SER D 92 -19.35 78.88 -8.50
CA SER D 92 -18.20 79.45 -9.18
C SER D 92 -17.02 78.49 -9.24
N PHE D 93 -17.17 77.27 -8.68
CA PHE D 93 -16.19 76.20 -8.77
C PHE D 93 -16.64 75.05 -9.68
N HIS D 94 -17.86 75.12 -10.20
CA HIS D 94 -18.41 74.07 -11.04
C HIS D 94 -17.85 74.13 -12.45
N ASN D 95 -17.52 72.97 -13.00
CA ASN D 95 -17.09 72.91 -14.39
C ASN D 95 -18.35 73.03 -15.24
N HIS D 96 -18.62 74.25 -15.72
CA HIS D 96 -19.81 74.49 -16.53
C HIS D 96 -19.77 73.79 -17.88
N GLU D 97 -18.61 73.28 -18.30
CA GLU D 97 -18.61 72.57 -19.58
C GLU D 97 -19.36 71.25 -19.52
N LYS D 98 -19.60 70.72 -18.32
CA LYS D 98 -20.11 69.36 -18.17
C LYS D 98 -21.57 69.34 -17.78
N GLY D 99 -22.26 70.46 -17.94
CA GLY D 99 -23.66 70.54 -17.55
C GLY D 99 -23.96 71.78 -16.74
N ASN D 100 -25.22 72.20 -16.76
CA ASN D 100 -25.66 73.32 -15.95
C ASN D 100 -25.57 72.95 -14.47
N PHE D 101 -24.96 73.84 -13.68
CA PHE D 101 -24.78 73.64 -12.25
C PHE D 101 -26.08 73.22 -11.57
N ALA D 102 -27.12 74.05 -11.71
CA ALA D 102 -28.41 73.77 -11.10
C ALA D 102 -29.04 72.49 -11.68
N GLU D 103 -29.01 72.36 -13.00
CA GLU D 103 -29.55 71.16 -13.63
C GLU D 103 -28.88 69.92 -13.07
N CYS D 104 -27.62 70.04 -12.82
CA CYS D 104 -26.92 68.93 -12.35
C CYS D 104 -27.17 68.57 -10.95
N TYR D 105 -27.08 69.49 -10.06
CA TYR D 105 -27.20 69.13 -8.67
C TYR D 105 -28.66 68.90 -8.28
N ASP D 106 -29.62 69.36 -9.09
CA ASP D 106 -31.01 69.10 -8.74
C ASP D 106 -31.36 67.63 -8.91
N LYS D 107 -30.64 66.87 -9.72
CA LYS D 107 -31.05 65.47 -9.81
C LYS D 107 -30.58 64.64 -8.62
N ILE D 108 -29.65 65.15 -7.80
CA ILE D 108 -29.11 64.37 -6.70
C ILE D 108 -30.14 64.21 -5.59
N ARG D 109 -30.30 62.97 -5.12
CA ARG D 109 -31.24 62.63 -4.05
C ARG D 109 -30.54 61.98 -2.87
N ARG D 110 -31.13 62.18 -1.69
CA ARG D 110 -30.69 61.51 -0.48
C ARG D 110 -30.58 60.00 -0.69
N GLY D 111 -29.40 59.46 -0.38
CA GLY D 111 -29.09 58.06 -0.58
C GLY D 111 -28.26 57.75 -1.81
N ASP D 112 -28.20 58.66 -2.78
CA ASP D 112 -27.36 58.44 -3.95
C ASP D 112 -25.90 58.24 -3.54
N ILE D 113 -25.25 57.28 -4.19
CA ILE D 113 -23.81 57.11 -4.12
C ILE D 113 -23.21 57.89 -5.27
N VAL D 114 -22.24 58.73 -4.97
CA VAL D 114 -21.73 59.71 -5.90
C VAL D 114 -20.21 59.69 -5.83
N GLY D 115 -19.60 60.10 -6.94
CA GLY D 115 -18.19 60.35 -7.09
C GLY D 115 -17.92 61.81 -7.45
N ILE D 116 -16.99 62.42 -6.73
CA ILE D 116 -16.78 63.86 -6.74
C ILE D 116 -15.33 64.12 -7.07
N VAL D 117 -15.08 65.13 -7.88
CA VAL D 117 -13.74 65.66 -8.11
C VAL D 117 -13.74 67.06 -7.53
N GLY D 118 -12.80 67.32 -6.63
CA GLY D 118 -12.70 68.65 -6.07
C GLY D 118 -11.49 68.81 -5.16
N PHE D 119 -11.51 69.86 -4.37
CA PHE D 119 -10.40 70.08 -3.46
C PHE D 119 -10.87 70.08 -2.00
N PRO D 120 -9.98 69.80 -1.05
CA PRO D 120 -10.39 69.84 0.36
C PRO D 120 -10.25 71.22 0.97
N GLY D 121 -11.13 71.48 1.93
CA GLY D 121 -10.97 72.67 2.74
C GLY D 121 -11.99 72.67 3.85
N LYS D 122 -12.08 73.80 4.53
CA LYS D 122 -13.09 74.01 5.54
C LYS D 122 -13.92 75.22 5.16
N SER D 123 -15.20 75.19 5.50
CA SER D 123 -16.04 76.35 5.26
C SER D 123 -15.66 77.45 6.25
N LYS D 124 -16.25 78.63 6.07
CA LYS D 124 -15.94 79.72 6.97
C LYS D 124 -16.46 79.42 8.37
N LYS D 125 -17.64 78.80 8.48
CA LYS D 125 -18.11 78.32 9.76
C LYS D 125 -17.21 77.24 10.36
N GLY D 126 -16.44 76.52 9.53
CA GLY D 126 -15.46 75.56 10.02
C GLY D 126 -15.67 74.09 9.67
N GLU D 127 -16.68 73.76 8.86
CA GLU D 127 -17.05 72.38 8.56
C GLU D 127 -16.13 71.84 7.48
N LEU D 128 -15.37 70.79 7.81
CA LEU D 128 -14.51 70.15 6.82
C LEU D 128 -15.34 69.65 5.64
N SER D 129 -14.86 69.94 4.43
CA SER D 129 -15.67 69.77 3.23
C SER D 129 -14.80 69.44 2.02
N ILE D 130 -15.43 68.78 1.07
CA ILE D 130 -14.91 68.64 -0.28
C ILE D 130 -15.63 69.68 -1.13
N PHE D 131 -14.87 70.39 -1.96
CA PHE D 131 -15.38 71.41 -2.88
C PHE D 131 -15.37 70.85 -4.30
N PRO D 132 -16.51 70.43 -4.83
CA PRO D 132 -16.56 69.87 -6.17
C PRO D 132 -16.34 70.87 -7.30
N LYS D 133 -15.72 70.40 -8.36
CA LYS D 133 -15.96 70.92 -9.69
C LYS D 133 -16.81 69.96 -10.51
N GLU D 134 -16.98 68.72 -10.04
CA GLU D 134 -17.82 67.76 -10.74
C GLU D 134 -18.41 66.78 -9.73
N THR D 135 -19.66 66.41 -9.96
CA THR D 135 -20.33 65.39 -9.17
C THR D 135 -21.07 64.48 -10.12
N ILE D 136 -20.82 63.18 -9.98
CA ILE D 136 -21.25 62.14 -10.90
C ILE D 136 -22.09 61.16 -10.10
N LEU D 137 -23.28 60.84 -10.59
CA LEU D 137 -24.03 59.74 -10.00
C LEU D 137 -23.34 58.40 -10.28
N LEU D 138 -23.15 57.60 -9.22
CA LEU D 138 -22.53 56.28 -9.31
C LEU D 138 -23.53 55.15 -9.12
N SER D 139 -24.38 55.25 -8.11
CA SER D 139 -25.52 54.33 -8.08
C SER D 139 -26.64 54.97 -7.29
N ALA D 140 -27.85 54.91 -7.83
CA ALA D 140 -28.95 55.66 -7.25
C ALA D 140 -29.62 54.90 -6.13
N CYS D 141 -30.19 55.65 -5.18
CA CYS D 141 -31.05 55.09 -4.13
C CYS D 141 -32.48 55.35 -4.62
N LEU D 142 -33.18 54.28 -5.03
CA LEU D 142 -34.50 54.44 -5.65
C LEU D 142 -35.66 54.46 -4.66
N HIS D 143 -35.39 54.27 -3.37
CA HIS D 143 -36.42 54.36 -2.34
C HIS D 143 -36.09 55.54 -1.44
N MET D 144 -37.07 55.94 -0.66
CA MET D 144 -36.83 56.95 0.34
C MET D 144 -36.21 56.29 1.57
N LEU D 145 -35.06 56.77 1.99
CA LEU D 145 -34.44 56.25 3.20
C LEU D 145 -35.15 56.79 4.44
N PRO D 146 -35.19 55.99 5.51
CA PRO D 146 -35.70 56.50 6.79
C PRO D 146 -34.94 57.73 7.24
N MET D 147 -35.53 58.42 8.16
CA MET D 147 -34.93 59.55 8.67
C MET D 147 -33.97 59.21 9.71
N LYS D 148 -33.28 60.22 10.11
CA LYS D 148 -32.19 60.10 10.99
C LYS D 148 -32.42 59.41 12.27
N TYR D 149 -33.55 59.57 12.90
CA TYR D 149 -33.80 58.84 14.10
C TYR D 149 -35.12 58.21 13.94
N GLY D 150 -35.39 57.70 12.77
CA GLY D 150 -36.69 57.16 12.56
C GLY D 150 -36.63 55.73 12.27
N LEU D 151 -35.72 55.06 12.90
CA LEU D 151 -35.58 53.62 12.75
C LEU D 151 -35.30 53.00 14.13
N LYS D 152 -36.30 53.12 15.02
CA LYS D 152 -36.39 52.31 16.23
C LYS D 152 -37.27 51.08 16.04
N ASP D 153 -37.94 50.98 14.89
CA ASP D 153 -38.70 49.80 14.51
C ASP D 153 -37.83 48.57 14.64
N THR D 154 -38.08 47.78 15.67
CA THR D 154 -37.39 46.52 15.82
C THR D 154 -37.22 45.79 14.48
N GLU D 155 -38.24 45.81 13.64
CA GLU D 155 -38.32 44.79 12.60
C GLU D 155 -37.70 45.21 11.27
N ILE D 156 -37.63 46.50 10.96
CA ILE D 156 -36.86 46.92 9.79
C ILE D 156 -35.37 46.69 10.03
N ARG D 157 -34.85 47.12 11.18
CA ARG D 157 -33.45 46.91 11.51
C ARG D 157 -33.00 45.47 11.28
N TYR D 158 -33.86 44.49 11.53
CA TYR D 158 -33.46 43.11 11.32
C TYR D 158 -33.86 42.56 9.95
N ARG D 159 -35.02 42.97 9.42
CA ARG D 159 -35.42 42.51 8.10
C ARG D 159 -34.70 43.23 6.98
N GLN D 160 -34.15 44.43 7.23
CA GLN D 160 -33.32 45.14 6.26
C GLN D 160 -32.12 45.72 7.02
N ARG D 161 -31.11 44.89 7.28
CA ARG D 161 -30.02 45.39 8.10
C ARG D 161 -29.16 46.42 7.40
N TYR D 162 -29.18 46.47 6.07
CA TYR D 162 -28.42 47.52 5.41
C TYR D 162 -28.92 48.91 5.84
N LEU D 163 -30.25 49.06 6.00
CA LEU D 163 -30.80 50.35 6.44
C LEU D 163 -30.31 50.71 7.84
N ASP D 164 -30.37 49.76 8.77
CA ASP D 164 -29.90 50.00 10.13
C ASP D 164 -28.43 50.41 10.12
N LEU D 165 -27.63 49.75 9.29
CA LEU D 165 -26.19 50.04 9.25
C LEU D 165 -25.91 51.41 8.68
N LEU D 166 -26.75 51.88 7.75
CA LEU D 166 -26.60 53.22 7.22
C LEU D 166 -27.06 54.29 8.21
N ILE D 167 -28.21 54.07 8.87
CA ILE D 167 -28.86 55.12 9.64
C ILE D 167 -28.35 55.19 11.09
N ASN D 168 -28.05 54.04 11.73
CA ASN D 168 -27.75 54.03 13.17
C ASN D 168 -26.28 53.66 13.43
N GLU D 169 -25.48 54.65 13.83
CA GLU D 169 -24.04 54.45 13.98
C GLU D 169 -23.75 53.42 15.07
N SER D 170 -24.58 53.41 16.09
CA SER D 170 -24.51 52.40 17.15
C SER D 170 -24.38 51.00 16.58
N SER D 171 -25.10 50.65 15.51
CA SER D 171 -25.08 49.23 15.13
C SER D 171 -23.78 48.86 14.45
N ARG D 172 -23.26 49.74 13.60
CA ARG D 172 -21.91 49.55 13.08
C ARG D 172 -20.95 49.31 14.23
N HIS D 173 -21.01 50.16 15.26
CA HIS D 173 -20.11 49.96 16.38
C HIS D 173 -20.31 48.59 17.03
N THR D 174 -21.56 48.14 17.10
CA THR D 174 -21.86 46.84 17.70
C THR D 174 -21.18 45.72 16.94
N PHE D 175 -21.26 45.76 15.61
CA PHE D 175 -20.70 44.65 14.85
C PHE D 175 -19.18 44.73 14.74
N VAL D 176 -18.60 45.93 14.79
CA VAL D 176 -17.14 46.05 14.90
C VAL D 176 -16.65 45.44 16.21
N THR D 177 -17.39 45.64 17.30
CA THR D 177 -16.98 45.02 18.55
C THR D 177 -17.09 43.50 18.47
N ARG D 178 -18.13 42.99 17.83
CA ARG D 178 -18.25 41.53 17.68
C ARG D 178 -17.03 40.96 16.96
N THR D 179 -16.67 41.55 15.81
CA THR D 179 -15.49 41.08 15.10
C THR D 179 -14.22 41.23 15.95
N LYS D 180 -14.11 42.31 16.72
CA LYS D 180 -12.94 42.49 17.57
C LYS D 180 -12.84 41.39 18.60
N ILE D 181 -13.96 41.02 19.23
CA ILE D 181 -13.94 39.97 20.25
C ILE D 181 -13.47 38.65 19.63
N ILE D 182 -14.00 38.32 18.45
CA ILE D 182 -13.60 37.08 17.80
C ILE D 182 -12.12 37.12 17.43
N ASN D 183 -11.64 38.25 16.89
CA ASN D 183 -10.21 38.38 16.61
C ASN D 183 -9.38 38.17 17.87
N PHE D 184 -9.83 38.76 18.99
CA PHE D 184 -9.07 38.69 20.22
C PHE D 184 -9.04 37.28 20.76
N LEU D 185 -10.16 36.56 20.64
CA LEU D 185 -10.18 35.17 21.09
C LEU D 185 -9.29 34.29 20.22
N ARG D 186 -9.31 34.50 18.90
CA ARG D 186 -8.46 33.73 18.02
C ARG D 186 -7.00 33.98 18.35
N ASN D 187 -6.63 35.22 18.62
CA ASN D 187 -5.24 35.52 18.90
C ASN D 187 -4.84 35.04 20.27
N PHE D 188 -5.77 35.09 21.21
CA PHE D 188 -5.53 34.61 22.57
C PHE D 188 -5.27 33.11 22.56
N LEU D 189 -6.05 32.36 21.77
CA LEU D 189 -5.81 30.91 21.71
C LEU D 189 -4.58 30.58 20.86
N ASN D 190 -4.41 31.24 19.70
CA ASN D 190 -3.29 30.90 18.82
C ASN D 190 -1.96 31.16 19.51
N GLU D 191 -1.84 32.29 20.22
CA GLU D 191 -0.54 32.58 20.79
C GLU D 191 -0.23 31.73 22.00
N ARG D 192 -1.20 30.97 22.52
CA ARG D 192 -0.96 29.93 23.51
C ARG D 192 -0.75 28.54 22.87
N GLY D 193 -0.47 28.48 21.57
CA GLY D 193 -0.15 27.23 20.93
C GLY D 193 -1.33 26.44 20.40
N PHE D 194 -2.55 26.96 20.47
CA PHE D 194 -3.68 26.20 20.00
C PHE D 194 -3.73 26.19 18.47
N PHE D 195 -4.52 25.27 17.93
CA PHE D 195 -4.53 24.96 16.51
C PHE D 195 -5.97 24.96 16.03
N GLU D 196 -6.29 25.86 15.10
CA GLU D 196 -7.67 26.04 14.63
C GLU D 196 -7.98 25.07 13.48
N VAL D 197 -9.17 24.46 13.54
CA VAL D 197 -9.58 23.43 12.60
C VAL D 197 -11.08 23.57 12.32
N GLU D 198 -11.54 22.82 11.32
CA GLU D 198 -12.96 22.74 10.97
C GLU D 198 -13.39 21.30 11.11
N THR D 199 -14.47 21.07 11.83
CA THR D 199 -15.08 19.75 11.90
C THR D 199 -16.42 19.80 11.20
N PRO D 200 -16.96 18.65 10.75
CA PRO D 200 -18.16 18.70 9.93
C PRO D 200 -19.32 19.35 10.68
N MET D 201 -20.14 20.09 9.90
CA MET D 201 -21.38 20.65 10.40
C MET D 201 -22.57 19.70 10.28
N MET D 202 -22.48 18.70 9.41
CA MET D 202 -23.46 17.63 9.31
C MET D 202 -22.85 16.36 9.87
N ASN D 203 -23.59 15.69 10.76
CA ASN D 203 -23.13 14.43 11.35
C ASN D 203 -24.25 13.42 11.28
N LEU D 204 -23.92 12.19 11.59
CA LEU D 204 -24.84 11.11 11.55
C LEU D 204 -25.60 10.97 12.77
N ILE D 205 -25.16 11.59 13.84
CA ILE D 205 -25.88 11.43 15.07
C ILE D 205 -26.26 12.72 15.66
N ALA D 206 -27.42 12.74 16.27
CA ALA D 206 -28.02 13.89 16.90
C ALA D 206 -27.09 14.91 17.53
N ALA D 211 -30.55 19.30 22.75
CA ALA D 211 -31.78 19.91 22.25
C ALA D 211 -32.11 19.17 20.95
N ARG D 212 -33.38 19.26 20.54
CA ARG D 212 -33.83 18.55 19.34
C ARG D 212 -33.12 19.12 18.10
N PRO D 213 -32.85 18.30 17.10
CA PRO D 213 -31.93 18.72 16.04
C PRO D 213 -32.66 19.18 14.80
N PHE D 214 -31.89 19.54 13.81
CA PHE D 214 -32.42 19.90 12.54
C PHE D 214 -32.07 18.75 11.69
N ILE D 215 -32.99 18.21 10.93
CA ILE D 215 -32.66 17.11 10.11
C ILE D 215 -32.69 17.51 8.71
N THR D 216 -31.72 17.10 7.94
CA THR D 216 -31.70 17.36 6.52
C THR D 216 -31.32 16.10 5.84
N HIS D 217 -31.64 16.03 4.58
CA HIS D 217 -31.40 14.88 3.80
C HIS D 217 -30.34 14.99 2.75
N HIS D 218 -29.46 14.04 2.64
CA HIS D 218 -28.46 14.03 1.61
C HIS D 218 -29.00 13.08 0.57
N ASN D 219 -29.10 13.53 -0.66
CA ASN D 219 -29.86 12.77 -1.66
C ASN D 219 -29.00 11.79 -2.45
N ASP D 220 -27.81 12.20 -2.85
CA ASP D 220 -26.98 11.32 -3.64
C ASP D 220 -26.54 10.12 -2.90
N LEU D 221 -26.81 10.10 -1.61
CA LEU D 221 -26.45 8.99 -0.79
C LEU D 221 -27.54 8.55 0.14
N ASP D 222 -28.71 9.07 -0.01
CA ASP D 222 -29.83 8.68 0.79
C ASP D 222 -29.70 8.56 2.26
N LEU D 223 -29.39 9.64 2.91
CA LEU D 223 -29.18 9.59 4.33
C LEU D 223 -29.87 10.71 5.00
N ASP D 224 -30.11 10.57 6.27
CA ASP D 224 -30.60 11.66 7.01
C ASP D 224 -29.45 12.01 7.86
N LEU D 225 -29.09 13.26 7.79
CA LEU D 225 -28.04 13.88 8.56
C LEU D 225 -28.66 14.89 9.50
N TYR D 226 -27.91 15.22 10.55
CA TYR D 226 -28.34 16.17 11.56
C TYR D 226 -27.26 17.26 11.63
N LEU D 227 -27.69 18.46 11.87
CA LEU D 227 -26.77 19.54 11.94
C LEU D 227 -26.25 19.57 13.29
N ARG D 228 -25.00 19.88 13.41
CA ARG D 228 -24.33 19.83 14.65
C ARG D 228 -24.87 20.66 15.73
N ILE D 229 -24.85 20.10 16.92
CA ILE D 229 -25.32 20.80 18.07
C ILE D 229 -24.20 21.30 18.92
N ALA D 230 -23.03 20.78 18.70
CA ALA D 230 -21.82 21.13 19.37
C ALA D 230 -20.63 20.63 18.65
N THR D 231 -19.45 20.99 19.07
CA THR D 231 -18.28 20.46 18.45
C THR D 231 -17.48 19.58 19.37
N GLU D 232 -18.02 19.26 20.53
CA GLU D 232 -17.34 18.50 21.59
C GLU D 232 -16.65 17.24 21.07
N LEU D 233 -17.43 16.34 20.44
CA LEU D 233 -16.92 14.99 20.17
C LEU D 233 -15.80 14.97 19.14
N PRO D 234 -15.93 15.57 17.95
CA PRO D 234 -14.80 15.49 17.00
C PRO D 234 -13.57 16.22 17.50
N LEU D 235 -13.74 17.28 18.29
CA LEU D 235 -12.57 17.94 18.83
C LEU D 235 -11.82 17.02 19.79
N LYS D 236 -12.56 16.33 20.68
CA LYS D 236 -11.90 15.35 21.55
C LYS D 236 -11.22 14.25 20.74
N MET D 237 -11.88 13.73 19.69
CA MET D 237 -11.22 12.77 18.81
C MET D 237 -9.93 13.33 18.25
N LEU D 238 -9.90 14.63 17.96
CA LEU D 238 -8.67 15.22 17.43
C LEU D 238 -7.58 15.23 18.49
N ILE D 239 -7.96 15.44 19.75
CA ILE D 239 -7.00 15.30 20.85
C ILE D 239 -6.40 13.90 20.83
N VAL D 240 -7.25 12.88 20.65
CA VAL D 240 -6.74 11.52 20.50
C VAL D 240 -5.73 11.47 19.37
N GLY D 241 -5.99 12.16 18.28
CA GLY D 241 -5.06 12.18 17.17
C GLY D 241 -3.77 12.90 17.46
N GLY D 242 -3.60 13.43 18.68
CA GLY D 242 -2.37 14.11 19.05
C GLY D 242 -2.26 15.51 18.49
N ILE D 243 -3.38 16.19 18.35
CA ILE D 243 -3.43 17.63 18.17
C ILE D 243 -3.82 18.13 19.56
N ASP D 244 -2.81 18.37 20.38
CA ASP D 244 -3.02 18.31 21.83
C ASP D 244 -3.60 19.59 22.41
N LYS D 245 -3.56 20.70 21.66
CA LYS D 245 -4.36 21.90 21.95
C LYS D 245 -5.04 22.27 20.64
N VAL D 246 -6.37 22.18 20.61
CA VAL D 246 -7.11 22.37 19.36
C VAL D 246 -8.37 23.17 19.65
N TYR D 247 -8.88 23.88 18.64
CA TYR D 247 -10.13 24.61 18.85
C TYR D 247 -10.85 24.82 17.53
N GLU D 248 -12.12 25.20 17.66
CA GLU D 248 -12.96 25.56 16.52
C GLU D 248 -13.93 26.67 16.93
N ILE D 249 -13.98 27.73 16.11
CA ILE D 249 -14.95 28.82 16.26
C ILE D 249 -15.90 28.76 15.08
N GLY D 250 -17.17 28.48 15.33
CA GLY D 250 -18.04 28.28 14.19
C GLY D 250 -19.48 28.17 14.62
N LYS D 251 -20.34 28.00 13.62
CA LYS D 251 -21.78 27.99 13.86
C LYS D 251 -22.27 26.64 14.39
N VAL D 252 -23.19 26.69 15.35
CA VAL D 252 -23.93 25.52 15.79
C VAL D 252 -25.42 25.83 15.70
N PHE D 253 -26.19 24.75 15.66
CA PHE D 253 -27.59 24.80 15.32
C PHE D 253 -28.39 24.14 16.43
N ARG D 254 -29.47 24.75 16.80
CA ARG D 254 -30.31 24.22 17.79
C ARG D 254 -31.67 24.55 17.39
N ASN D 255 -32.54 23.58 17.27
CA ASN D 255 -33.88 23.82 16.84
C ASN D 255 -34.92 24.12 17.90
N GLU D 256 -34.81 25.26 18.52
CA GLU D 256 -35.75 25.67 19.52
C GLU D 256 -36.66 26.69 18.95
N THR D 261 -33.48 35.53 23.47
CA THR D 261 -32.23 35.11 24.01
C THR D 261 -31.78 33.84 23.27
N HIS D 262 -32.47 33.48 22.21
CA HIS D 262 -32.16 32.26 21.52
C HIS D 262 -32.25 32.38 20.08
N ASN D 263 -31.33 31.78 19.34
CA ASN D 263 -31.52 31.89 17.91
C ASN D 263 -31.30 30.53 17.30
N PRO D 264 -31.94 30.23 16.18
CA PRO D 264 -31.69 28.99 15.46
C PRO D 264 -30.23 28.60 15.38
N GLU D 265 -29.37 29.50 14.91
CA GLU D 265 -27.94 29.23 14.89
C GLU D 265 -27.25 30.27 15.75
N PHE D 266 -26.18 29.85 16.43
CA PHE D 266 -25.33 30.80 17.12
C PHE D 266 -23.88 30.37 16.92
N THR D 267 -22.95 31.19 17.41
CA THR D 267 -21.53 30.98 17.16
C THR D 267 -20.87 30.50 18.45
N SER D 268 -20.36 29.28 18.43
CA SER D 268 -19.67 28.74 19.59
C SER D 268 -18.17 28.78 19.36
N CYS D 269 -17.43 28.83 20.47
CA CYS D 269 -16.00 28.50 20.45
C CYS D 269 -15.73 27.35 21.41
N GLU D 270 -15.27 26.23 20.89
CA GLU D 270 -14.83 25.17 21.78
C GLU D 270 -13.34 24.97 21.59
N PHE D 271 -12.65 24.80 22.71
CA PHE D 271 -11.28 24.34 22.67
C PHE D 271 -11.10 23.17 23.62
N TYR D 272 -10.09 22.38 23.30
CA TYR D 272 -9.69 21.23 24.10
C TYR D 272 -8.18 21.29 24.31
N TRP D 273 -7.79 21.10 25.58
CA TRP D 273 -6.45 21.35 26.10
C TRP D 273 -5.96 20.09 26.82
N ALA D 274 -5.05 19.36 26.19
CA ALA D 274 -4.55 18.12 26.77
C ALA D 274 -3.71 18.40 28.01
N TYR D 275 -3.90 17.56 29.03
CA TYR D 275 -3.16 17.56 30.29
C TYR D 275 -3.55 18.71 31.19
N ALA D 276 -4.52 19.52 30.79
CA ALA D 276 -5.09 20.53 31.66
C ALA D 276 -6.37 19.98 32.27
N ASP D 277 -6.79 20.61 33.37
CA ASP D 277 -7.98 20.14 34.07
C ASP D 277 -8.77 21.34 34.57
N TYR D 278 -9.85 21.04 35.28
CA TYR D 278 -10.76 21.98 35.93
C TYR D 278 -10.09 23.29 36.36
N ASN D 279 -8.97 23.18 37.11
CA ASN D 279 -8.34 24.37 37.66
C ASN D 279 -7.73 25.25 36.56
N ASP D 280 -7.09 24.61 35.57
CA ASP D 280 -6.56 25.34 34.44
C ASP D 280 -7.66 26.12 33.73
N LEU D 281 -8.85 25.51 33.61
CA LEU D 281 -9.98 26.17 32.96
C LEU D 281 -10.48 27.38 33.75
N ILE D 282 -10.55 27.25 35.09
CA ILE D 282 -10.92 28.41 35.91
C ILE D 282 -9.94 29.56 35.65
N LYS D 283 -8.64 29.26 35.68
CA LYS D 283 -7.68 30.33 35.44
C LYS D 283 -7.80 30.87 34.01
N TRP D 284 -7.96 29.99 33.03
CA TRP D 284 -8.02 30.41 31.64
C TRP D 284 -9.15 31.38 31.41
N SER D 285 -10.33 31.09 31.97
CA SER D 285 -11.49 31.94 31.77
C SER D 285 -11.36 33.24 32.57
N GLU D 286 -10.77 33.21 33.77
CA GLU D 286 -10.52 34.47 34.48
C GLU D 286 -9.55 35.36 33.69
N ASP D 287 -8.40 34.80 33.28
CA ASP D 287 -7.45 35.53 32.46
C ASP D 287 -8.14 36.12 31.24
N PHE D 288 -8.84 35.27 30.48
CA PHE D 288 -9.37 35.67 29.18
C PHE D 288 -10.43 36.76 29.33
N PHE D 289 -11.43 36.55 30.19
CA PHE D 289 -12.48 37.55 30.30
C PHE D 289 -11.92 38.86 30.82
N SER D 290 -11.06 38.81 31.86
CA SER D 290 -10.46 40.05 32.35
C SER D 290 -9.71 40.79 31.23
N GLN D 291 -8.90 40.05 30.46
CA GLN D 291 -8.06 40.68 29.46
C GLN D 291 -8.90 41.24 28.31
N LEU D 292 -9.94 40.52 27.92
CA LEU D 292 -10.80 41.00 26.83
C LEU D 292 -11.54 42.27 27.21
N VAL D 293 -12.16 42.28 28.40
CA VAL D 293 -12.83 43.51 28.82
C VAL D 293 -11.82 44.65 28.86
N TYR D 294 -10.61 44.40 29.35
CA TYR D 294 -9.63 45.47 29.38
C TYR D 294 -9.16 45.87 27.98
N HIS D 295 -9.08 44.91 27.06
CA HIS D 295 -8.70 45.20 25.69
C HIS D 295 -9.73 46.09 25.00
N LEU D 296 -10.99 45.98 25.42
CA LEU D 296 -12.02 46.76 24.75
C LEU D 296 -12.34 48.08 25.44
N PHE D 297 -12.08 48.21 26.75
CA PHE D 297 -12.53 49.39 27.47
C PHE D 297 -11.45 50.14 28.23
N GLY D 298 -10.28 49.56 28.48
CA GLY D 298 -9.32 50.26 29.31
C GLY D 298 -9.63 50.17 30.77
N THR D 299 -10.67 49.43 31.13
CA THR D 299 -11.07 49.21 32.52
C THR D 299 -11.61 47.78 32.60
N TYR D 300 -11.76 47.26 33.82
CA TYR D 300 -12.40 45.97 34.02
C TYR D 300 -13.89 46.10 34.32
N LYS D 301 -14.38 47.33 34.42
CA LYS D 301 -15.76 47.62 34.81
C LYS D 301 -16.51 48.15 33.60
N ILE D 302 -17.73 47.65 33.42
CA ILE D 302 -18.56 48.04 32.29
C ILE D 302 -19.94 48.34 32.84
N SER D 303 -20.72 49.09 32.08
CA SER D 303 -22.09 49.40 32.43
C SER D 303 -23.02 48.61 31.51
N TYR D 304 -24.12 48.12 32.06
CA TYR D 304 -24.97 47.21 31.31
C TYR D 304 -26.42 47.40 31.73
N ASN D 305 -27.31 47.46 30.75
CA ASN D 305 -28.74 47.65 31.06
C ASN D 305 -29.41 46.28 31.18
N LYS D 306 -29.25 45.68 32.37
CA LYS D 306 -29.91 44.42 32.68
C LYS D 306 -31.40 44.44 32.33
N ASP D 307 -32.08 45.53 32.66
CA ASP D 307 -33.53 45.61 32.50
C ASP D 307 -33.94 46.54 31.36
N GLY D 308 -33.06 46.80 30.39
CA GLY D 308 -33.45 47.56 29.23
C GLY D 308 -33.00 49.00 29.32
N PRO D 309 -33.11 49.73 28.20
CA PRO D 309 -32.72 51.16 28.21
C PRO D 309 -33.69 52.05 28.96
N GLU D 310 -34.91 51.59 29.21
CA GLU D 310 -35.89 52.30 30.01
C GLU D 310 -35.53 52.32 31.49
N ASN D 311 -34.54 51.54 31.93
CA ASN D 311 -34.25 51.37 33.36
C ASN D 311 -32.79 51.70 33.64
N GLN D 312 -32.51 51.96 34.93
CA GLN D 312 -31.14 52.29 35.35
C GLN D 312 -30.22 51.09 35.12
N PRO D 313 -29.03 51.29 34.56
CA PRO D 313 -28.12 50.18 34.32
C PRO D 313 -27.46 49.74 35.62
N ILE D 314 -26.69 48.65 35.53
CA ILE D 314 -25.87 48.15 36.62
C ILE D 314 -24.43 48.02 36.16
N GLU D 315 -23.52 48.10 37.12
CA GLU D 315 -22.10 47.94 36.84
C GLU D 315 -21.69 46.48 37.01
N ILE D 316 -20.84 46.00 36.10
CA ILE D 316 -20.26 44.67 36.18
C ILE D 316 -18.74 44.81 36.20
N ASP D 317 -18.11 44.20 37.21
CA ASP D 317 -16.66 44.30 37.43
C ASP D 317 -16.01 42.98 37.03
N PHE D 318 -15.08 43.04 36.07
CA PHE D 318 -14.43 41.84 35.58
C PHE D 318 -13.06 41.60 36.22
N THR D 319 -12.78 42.21 37.38
CA THR D 319 -11.47 42.05 38.00
C THR D 319 -11.36 40.66 38.62
N PRO D 320 -10.34 39.88 38.28
CA PRO D 320 -10.24 38.51 38.78
C PRO D 320 -9.68 38.49 40.19
N PRO D 321 -9.92 37.41 40.96
CA PRO D 321 -10.61 36.19 40.53
C PRO D 321 -12.14 36.31 40.70
N TYR D 322 -12.91 35.33 40.22
CA TYR D 322 -14.36 35.39 40.40
C TYR D 322 -14.81 34.36 41.42
N PRO D 323 -15.96 34.55 42.07
CA PRO D 323 -16.41 33.60 43.09
C PRO D 323 -16.82 32.26 42.48
N LYS D 324 -16.72 31.23 43.31
CA LYS D 324 -17.06 29.87 42.93
C LYS D 324 -18.14 29.39 43.88
N VAL D 325 -19.31 29.05 43.33
CA VAL D 325 -20.41 28.54 44.14
C VAL D 325 -20.72 27.13 43.66
N SER D 326 -20.67 26.16 44.59
CA SER D 326 -20.84 24.75 44.28
C SER D 326 -22.32 24.38 44.35
N ILE D 327 -22.86 23.79 43.27
CA ILE D 327 -24.29 23.90 42.99
C ILE D 327 -25.12 23.22 44.08
N VAL D 328 -24.79 21.97 44.42
CA VAL D 328 -25.55 21.25 45.44
C VAL D 328 -25.53 22.02 46.75
N GLU D 329 -24.33 22.26 47.30
CA GLU D 329 -24.20 22.88 48.62
C GLU D 329 -25.02 24.14 48.71
N GLU D 330 -24.95 25.01 47.70
CA GLU D 330 -25.64 26.29 47.79
C GLU D 330 -27.16 26.11 47.67
N ILE D 331 -27.61 25.23 46.77
CA ILE D 331 -29.04 24.88 46.75
C ILE D 331 -29.49 24.44 48.13
N GLU D 332 -28.75 23.51 48.69
CA GLU D 332 -29.10 22.99 49.97
C GLU D 332 -29.16 24.10 50.95
N LYS D 333 -28.18 24.98 50.94
CA LYS D 333 -28.16 26.07 51.90
C LYS D 333 -29.33 26.91 51.74
N VAL D 334 -29.66 27.30 50.54
CA VAL D 334 -30.83 28.09 50.39
C VAL D 334 -32.11 27.35 50.65
N THR D 335 -32.19 26.11 50.22
CA THR D 335 -33.41 25.37 50.47
C THR D 335 -33.61 24.97 51.90
N ASN D 336 -32.48 24.75 52.55
CA ASN D 336 -32.43 24.15 53.86
C ASN D 336 -33.11 22.84 53.77
N THR D 337 -32.56 22.07 52.86
CA THR D 337 -32.92 20.72 52.55
C THR D 337 -31.64 19.92 52.35
N ILE D 338 -31.75 18.62 52.22
CA ILE D 338 -30.55 17.83 51.99
C ILE D 338 -30.81 16.94 50.82
N LEU D 339 -30.04 17.12 49.76
CA LEU D 339 -30.22 16.28 48.59
C LEU D 339 -29.28 15.09 48.70
N GLU D 340 -29.84 13.91 48.94
CA GLU D 340 -29.07 12.69 49.07
C GLU D 340 -28.99 11.95 47.74
N GLN D 341 -27.87 11.28 47.52
CA GLN D 341 -27.67 10.48 46.34
C GLN D 341 -28.40 9.14 46.50
N PRO D 342 -28.62 8.39 45.40
CA PRO D 342 -28.46 8.85 44.01
C PRO D 342 -29.44 9.99 43.79
N PHE D 343 -29.08 10.99 43.00
CA PHE D 343 -30.00 12.14 42.84
C PHE D 343 -31.29 11.72 42.16
N ASP D 344 -31.24 10.67 41.33
CA ASP D 344 -32.40 10.07 40.67
C ASP D 344 -33.10 9.01 41.52
N SER D 345 -32.70 8.82 42.78
CA SER D 345 -33.60 8.22 43.76
C SER D 345 -34.87 9.06 43.80
N ASN D 346 -36.03 8.43 43.62
CA ASN D 346 -37.20 9.29 43.69
C ASN D 346 -37.44 9.80 45.11
N GLU D 347 -36.69 9.26 46.08
CA GLU D 347 -36.63 9.89 47.41
C GLU D 347 -36.33 11.36 47.26
N THR D 348 -35.12 11.69 46.78
CA THR D 348 -34.74 13.10 46.68
C THR D 348 -35.45 13.82 45.54
N ILE D 349 -35.80 13.10 44.47
CA ILE D 349 -36.61 13.69 43.40
C ILE D 349 -37.88 14.28 43.99
N GLU D 350 -38.55 13.54 44.88
CA GLU D 350 -39.85 13.96 45.39
C GLU D 350 -39.74 15.18 46.30
N LYS D 351 -38.70 15.26 47.15
CA LYS D 351 -38.52 16.47 47.94
C LYS D 351 -38.14 17.66 47.05
N MET D 352 -37.43 17.39 45.93
CA MET D 352 -37.17 18.44 44.96
C MET D 352 -38.47 18.98 44.37
N ILE D 353 -39.33 18.07 43.87
CA ILE D 353 -40.64 18.47 43.38
C ILE D 353 -41.41 19.23 44.45
N ASN D 354 -41.29 18.78 45.71
CA ASN D 354 -41.98 19.44 46.82
C ASN D 354 -41.46 20.85 47.05
N ILE D 355 -40.16 21.09 46.84
CA ILE D 355 -39.68 22.46 47.04
C ILE D 355 -39.87 23.32 45.78
N ILE D 356 -39.95 22.69 44.59
CA ILE D 356 -40.46 23.35 43.39
C ILE D 356 -41.86 23.91 43.69
N LYS D 357 -42.76 23.02 44.16
CA LYS D 357 -44.11 23.41 44.52
C LYS D 357 -44.13 24.38 45.71
N GLU D 358 -43.17 24.23 46.63
CA GLU D 358 -43.17 25.01 47.86
C GLU D 358 -42.77 26.46 47.61
N HIS D 359 -41.94 26.65 46.61
CA HIS D 359 -41.49 27.97 46.25
C HIS D 359 -42.19 28.51 45.06
N LYS D 360 -43.25 27.84 44.66
CA LYS D 360 -44.02 28.23 43.53
C LYS D 360 -43.20 28.41 42.29
N ILE D 361 -42.38 27.42 41.99
CA ILE D 361 -41.62 27.40 40.77
C ILE D 361 -42.43 26.63 39.73
N GLU D 362 -41.88 26.44 38.54
CA GLU D 362 -42.58 25.69 37.52
C GLU D 362 -41.66 24.61 37.05
N LEU D 363 -42.21 23.50 36.61
CA LEU D 363 -41.34 22.41 36.28
C LEU D 363 -41.27 22.10 34.88
N PRO D 364 -40.21 21.42 34.57
CA PRO D 364 -39.47 20.83 33.48
C PRO D 364 -40.23 19.80 32.71
N ASN D 365 -40.10 19.86 31.40
CA ASN D 365 -40.76 19.02 30.41
C ASN D 365 -40.79 17.62 30.84
N PRO D 366 -39.64 17.13 31.10
CA PRO D 366 -39.46 15.82 31.62
C PRO D 366 -38.84 16.24 32.88
N PRO D 367 -39.49 16.09 34.01
CA PRO D 367 -38.84 16.57 35.22
C PRO D 367 -37.85 15.59 35.75
N THR D 368 -36.70 15.57 35.19
CA THR D 368 -35.67 14.66 35.56
C THR D 368 -34.90 15.23 36.71
N ALA D 369 -34.28 14.33 37.43
CA ALA D 369 -33.30 14.77 38.42
C ALA D 369 -32.39 15.87 37.87
N ALA D 370 -31.80 15.63 36.69
CA ALA D 370 -30.98 16.66 36.03
C ALA D 370 -31.77 17.94 35.76
N LYS D 371 -32.94 17.81 35.11
CA LYS D 371 -33.73 18.98 34.76
C LYS D 371 -34.16 19.77 35.99
N LEU D 372 -34.53 19.07 37.08
CA LEU D 372 -34.98 19.81 38.26
C LEU D 372 -33.83 20.42 39.04
N LEU D 373 -32.69 19.72 39.11
CA LEU D 373 -31.49 20.32 39.70
C LEU D 373 -31.12 21.61 38.96
N ASP D 374 -31.17 21.58 37.62
CA ASP D 374 -30.93 22.79 36.86
C ASP D 374 -31.99 23.84 37.15
N GLN D 375 -33.27 23.45 37.21
CA GLN D 375 -34.31 24.44 37.49
C GLN D 375 -34.10 25.07 38.86
N LEU D 376 -33.65 24.29 39.84
CA LEU D 376 -33.36 24.80 41.18
C LEU D 376 -32.21 25.79 41.16
N ALA D 377 -31.07 25.39 40.55
CA ALA D 377 -29.95 26.32 40.43
C ALA D 377 -30.36 27.60 39.70
N SER D 378 -31.15 27.45 38.64
CA SER D 378 -31.62 28.62 37.90
C SER D 378 -32.45 29.55 38.79
N HIS D 379 -33.27 28.98 39.67
CA HIS D 379 -34.11 29.82 40.51
C HIS D 379 -33.43 30.28 41.79
N PHE D 380 -32.34 29.64 42.19
CA PHE D 380 -31.80 29.86 43.52
C PHE D 380 -30.38 30.42 43.52
N ILE D 381 -29.58 30.16 42.49
CA ILE D 381 -28.18 30.58 42.46
C ILE D 381 -27.86 31.43 41.23
N GLU D 382 -28.39 31.07 40.06
CA GLU D 382 -27.91 31.67 38.83
C GLU D 382 -28.02 33.18 38.84
N ASN D 383 -28.86 33.77 39.69
CA ASN D 383 -28.98 35.22 39.81
C ASN D 383 -28.41 35.75 41.12
N LYS D 384 -27.53 34.97 41.76
CA LYS D 384 -26.90 35.34 43.03
C LYS D 384 -26.10 36.64 42.89
N TYR D 385 -24.96 36.58 42.21
CA TYR D 385 -24.15 37.76 41.88
C TYR D 385 -24.45 38.21 40.45
N ASN D 386 -24.91 39.45 40.31
CA ASN D 386 -25.17 40.04 39.00
C ASN D 386 -24.23 41.18 38.66
N ASP D 387 -23.39 41.62 39.61
CA ASP D 387 -22.42 42.69 39.38
C ASP D 387 -21.03 42.14 39.08
N LYS D 388 -20.86 40.83 39.06
CA LYS D 388 -19.59 40.21 38.92
C LYS D 388 -19.87 38.92 38.20
N PRO D 389 -18.99 38.48 37.29
CA PRO D 389 -19.13 37.13 36.75
C PRO D 389 -18.88 36.14 37.87
N PHE D 390 -19.52 34.98 37.77
CA PHE D 390 -19.25 33.99 38.80
C PHE D 390 -19.46 32.61 38.21
N PHE D 391 -18.77 31.64 38.81
CA PHE D 391 -18.84 30.24 38.38
C PHE D 391 -19.81 29.46 39.27
N ILE D 392 -20.61 28.63 38.63
CA ILE D 392 -21.35 27.59 39.31
C ILE D 392 -20.64 26.28 39.00
N VAL D 393 -20.37 25.51 40.03
CA VAL D 393 -19.31 24.50 39.98
C VAL D 393 -19.78 23.22 40.64
N GLU D 394 -19.21 22.10 40.16
CA GLU D 394 -19.33 20.78 40.78
C GLU D 394 -20.73 20.20 40.56
N HIS D 395 -21.12 20.17 39.30
CA HIS D 395 -22.41 19.63 38.93
C HIS D 395 -22.44 18.13 39.18
N PRO D 396 -23.58 17.60 39.60
CA PRO D 396 -23.72 16.15 39.70
C PRO D 396 -23.52 15.46 38.35
N GLN D 397 -23.13 14.19 38.40
CA GLN D 397 -22.75 13.51 37.16
C GLN D 397 -23.97 13.20 36.30
N ILE D 398 -25.13 12.96 36.92
CA ILE D 398 -26.39 12.89 36.19
C ILE D 398 -26.65 14.17 35.39
N MET D 399 -26.02 15.28 35.75
CA MET D 399 -26.14 16.54 35.03
C MET D 399 -25.08 16.71 33.95
N SER D 400 -24.04 15.89 33.98
CA SER D 400 -22.81 16.14 33.21
C SER D 400 -22.25 14.82 32.71
N PRO D 401 -22.93 14.18 31.77
CA PRO D 401 -22.52 12.82 31.33
C PRO D 401 -21.13 12.71 30.74
N LEU D 402 -20.43 13.80 30.43
CA LEU D 402 -19.09 13.68 29.86
C LEU D 402 -18.04 14.38 30.71
N ALA D 403 -18.44 14.88 31.88
CA ALA D 403 -17.53 15.52 32.81
C ALA D 403 -16.97 14.47 33.77
N LYS D 404 -15.64 14.48 33.94
CA LYS D 404 -14.98 13.51 34.80
C LYS D 404 -15.50 13.63 36.23
N TYR D 405 -15.47 12.52 36.96
CA TYR D 405 -15.96 12.54 38.33
C TYR D 405 -15.03 13.34 39.22
N HIS D 406 -15.62 14.20 40.06
CA HIS D 406 -14.88 14.95 41.07
C HIS D 406 -14.00 14.02 41.89
N ARG D 407 -12.70 14.34 41.91
CA ARG D 407 -11.70 13.42 42.42
C ARG D 407 -11.77 13.22 43.93
N THR D 408 -12.51 14.07 44.65
CA THR D 408 -12.71 13.93 46.08
C THR D 408 -14.17 13.91 46.51
N LYS D 409 -15.10 14.41 45.71
CA LYS D 409 -16.49 14.53 46.14
C LYS D 409 -17.31 13.54 45.32
N PRO D 410 -17.71 12.41 45.89
CA PRO D 410 -18.40 11.39 45.09
C PRO D 410 -19.78 11.87 44.68
N GLY D 411 -20.22 11.46 43.49
CA GLY D 411 -21.49 11.88 42.95
C GLY D 411 -21.46 13.15 42.12
N LEU D 412 -20.29 13.79 42.00
CA LEU D 412 -20.16 15.08 41.34
C LEU D 412 -19.09 15.01 40.26
N THR D 413 -19.06 16.05 39.43
CA THR D 413 -18.11 16.24 38.35
C THR D 413 -17.28 17.51 38.58
N GLU D 414 -16.19 17.62 37.83
CA GLU D 414 -15.29 18.79 37.92
C GLU D 414 -15.64 19.82 36.85
N ARG D 415 -16.83 20.37 36.97
CA ARG D 415 -17.42 21.26 36.01
C ARG D 415 -17.61 22.66 36.44
N LEU D 416 -17.56 23.57 35.50
CA LEU D 416 -17.77 25.00 35.75
C LEU D 416 -18.59 25.61 34.64
N GLU D 417 -19.60 26.37 35.02
CA GLU D 417 -20.34 27.23 34.10
C GLU D 417 -20.17 28.64 34.61
N MET D 418 -19.72 29.55 33.74
CA MET D 418 -19.61 30.94 34.15
C MET D 418 -20.82 31.74 33.72
N PHE D 419 -21.19 32.69 34.57
CA PHE D 419 -22.41 33.45 34.40
C PHE D 419 -22.10 34.94 34.48
N ILE D 420 -22.73 35.68 33.55
CA ILE D 420 -22.77 37.14 33.51
C ILE D 420 -24.23 37.55 33.64
N CYS D 421 -24.54 38.35 34.66
CA CYS D 421 -25.91 38.79 34.91
C CYS D 421 -26.90 37.63 34.74
N GLY D 422 -26.59 36.49 35.33
CA GLY D 422 -27.55 35.38 35.29
C GLY D 422 -27.71 34.70 33.95
N LYS D 423 -26.74 34.81 33.06
CA LYS D 423 -26.77 34.12 31.78
C LYS D 423 -25.46 33.37 31.62
N GLU D 424 -25.56 32.10 31.23
CA GLU D 424 -24.39 31.26 31.07
C GLU D 424 -23.65 31.69 29.81
N VAL D 425 -22.38 32.06 29.97
CA VAL D 425 -21.55 32.41 28.82
C VAL D 425 -20.51 31.34 28.49
N LEU D 426 -20.22 30.42 29.42
CA LEU D 426 -19.25 29.38 29.13
C LEU D 426 -19.49 28.14 29.98
N ASN D 427 -19.04 26.99 29.45
CA ASN D 427 -19.30 25.69 30.05
C ASN D 427 -18.06 24.83 29.81
N ALA D 428 -17.43 24.40 30.89
CA ALA D 428 -16.15 23.72 30.81
C ALA D 428 -16.09 22.63 31.85
N TYR D 429 -15.23 21.64 31.59
CA TYR D 429 -14.96 20.65 32.61
C TYR D 429 -13.74 19.80 32.25
N THR D 430 -13.25 19.11 33.28
CA THR D 430 -12.38 17.97 33.13
C THR D 430 -13.10 16.93 32.27
N GLU D 431 -12.46 16.50 31.20
CA GLU D 431 -13.08 15.60 30.24
C GLU D 431 -13.00 14.16 30.76
N LEU D 432 -14.16 13.52 30.93
CA LEU D 432 -14.22 12.10 31.17
C LEU D 432 -13.48 11.34 30.07
N ASN D 433 -12.59 10.42 30.47
CA ASN D 433 -11.79 9.70 29.48
C ASN D 433 -11.64 8.22 29.81
N ASP D 434 -12.31 7.71 30.85
CA ASP D 434 -12.36 6.27 31.10
C ASP D 434 -13.47 5.65 30.26
N PRO D 435 -13.15 4.98 29.14
CA PRO D 435 -14.22 4.42 28.30
C PRO D 435 -15.19 3.60 29.12
N PHE D 436 -14.68 2.75 30.01
CA PHE D 436 -15.56 1.94 30.84
C PHE D 436 -16.48 2.82 31.69
N LYS D 437 -16.00 3.99 32.11
CA LYS D 437 -16.84 4.86 32.90
C LYS D 437 -17.95 5.57 32.11
N GLN D 438 -17.87 5.63 30.77
CA GLN D 438 -18.97 6.26 30.03
C GLN D 438 -19.97 5.15 29.67
N LYS D 439 -20.97 5.04 30.56
CA LYS D 439 -21.95 3.95 30.55
C LYS D 439 -23.10 4.20 29.57
N GLU D 440 -22.81 4.83 28.44
CA GLU D 440 -23.71 4.79 27.29
C GLU D 440 -22.99 4.37 26.03
N CYS D 441 -21.76 3.86 26.16
CA CYS D 441 -21.02 3.31 25.03
C CYS D 441 -21.15 1.78 24.97
N PHE D 442 -22.41 1.31 25.00
CA PHE D 442 -22.70 -0.12 25.00
C PHE D 442 -23.91 -0.45 24.13
N GLN D 458 -27.82 10.95 22.36
CA GLN D 458 -26.98 11.76 21.48
C GLN D 458 -25.48 11.49 21.71
N LEU D 459 -25.10 10.21 21.66
CA LEU D 459 -23.71 9.77 21.63
C LEU D 459 -23.60 8.68 20.58
N ASP D 460 -22.42 8.51 20.02
CA ASP D 460 -22.27 7.57 18.95
C ASP D 460 -21.14 6.60 19.03
N SER D 461 -21.09 5.67 18.11
CA SER D 461 -20.04 4.67 18.21
C SER D 461 -18.67 5.26 17.86
N ALA D 462 -18.58 6.09 16.81
CA ALA D 462 -17.27 6.62 16.41
C ALA D 462 -16.60 7.34 17.58
N PHE D 463 -17.38 8.05 18.39
CA PHE D 463 -16.80 8.75 19.52
C PHE D 463 -16.43 7.80 20.66
N CYS D 464 -17.22 6.73 20.89
CA CYS D 464 -16.83 5.83 21.98
C CYS D 464 -15.58 5.05 21.60
N THR D 465 -15.50 4.58 20.34
CA THR D 465 -14.29 3.85 19.95
C THR D 465 -13.12 4.81 19.84
N SER D 466 -13.36 6.07 19.52
CA SER D 466 -12.31 7.06 19.75
C SER D 466 -11.80 6.94 21.18
N LEU D 467 -12.69 7.04 22.18
CA LEU D 467 -12.23 6.97 23.55
C LEU D 467 -11.36 5.74 23.80
N GLU D 468 -11.70 4.63 23.16
CA GLU D 468 -11.00 3.37 23.45
C GLU D 468 -9.57 3.29 22.90
N TYR D 469 -9.15 4.27 22.09
CA TYR D 469 -7.74 4.35 21.71
C TYR D 469 -6.93 5.21 22.67
N GLY D 470 -7.57 5.73 23.74
CA GLY D 470 -6.90 6.54 24.74
C GLY D 470 -7.07 8.04 24.53
N LEU D 471 -7.86 8.65 25.41
CA LEU D 471 -8.00 10.09 25.46
C LEU D 471 -7.27 10.61 26.68
N PRO D 472 -6.17 11.36 26.52
CA PRO D 472 -5.41 11.86 27.69
C PRO D 472 -6.33 12.62 28.63
N PRO D 473 -5.93 12.81 29.88
CA PRO D 473 -6.61 13.79 30.73
C PRO D 473 -6.61 15.14 30.02
N THR D 474 -7.77 15.79 30.00
CA THR D 474 -7.93 16.94 29.13
C THR D 474 -8.96 17.87 29.75
N GLY D 475 -8.77 19.17 29.55
CA GLY D 475 -9.75 20.18 29.91
C GLY D 475 -10.45 20.67 28.65
N GLY D 476 -11.74 20.95 28.77
CA GLY D 476 -12.53 21.38 27.63
C GLY D 476 -13.42 22.56 27.95
N LEU D 477 -13.53 23.48 27.00
CA LEU D 477 -14.31 24.67 27.25
C LEU D 477 -15.10 25.09 26.01
N GLY D 478 -16.36 25.48 26.26
CA GLY D 478 -17.22 26.09 25.28
C GLY D 478 -17.72 27.47 25.64
N LEU D 479 -17.66 28.38 24.66
CA LEU D 479 -18.01 29.78 24.80
C LEU D 479 -19.19 30.13 23.91
N GLY D 480 -20.15 30.90 24.46
CA GLY D 480 -21.17 31.55 23.65
C GLY D 480 -20.76 32.92 23.13
N ILE D 481 -20.39 33.02 21.84
CA ILE D 481 -19.85 34.28 21.32
C ILE D 481 -20.93 35.36 21.29
N ASP D 482 -22.14 35.01 20.85
CA ASP D 482 -23.23 35.98 20.79
C ASP D 482 -23.57 36.56 22.17
N ARG D 483 -23.68 35.70 23.19
CA ARG D 483 -24.04 36.20 24.52
C ARG D 483 -22.95 37.15 25.06
N ILE D 484 -21.69 36.78 24.89
CA ILE D 484 -20.60 37.67 25.32
C ILE D 484 -20.68 39.00 24.57
N THR D 485 -20.95 38.95 23.26
CA THR D 485 -21.03 40.20 22.52
C THR D 485 -22.17 41.06 23.04
N MET D 486 -23.33 40.44 23.33
CA MET D 486 -24.44 41.19 23.92
C MET D 486 -23.97 41.93 25.17
N PHE D 487 -23.26 41.24 26.04
CA PHE D 487 -22.87 41.86 27.30
C PHE D 487 -21.81 42.94 27.11
N LEU D 488 -20.97 42.83 26.09
CA LEU D 488 -19.92 43.82 25.91
C LEU D 488 -20.32 44.94 24.96
N THR D 489 -21.53 44.87 24.40
CA THR D 489 -22.11 45.94 23.60
C THR D 489 -23.47 46.38 24.13
N ASN D 490 -23.83 45.95 25.36
CA ASN D 490 -25.03 46.44 26.05
C ASN D 490 -26.31 46.16 25.26
N LYS D 491 -26.47 44.93 24.80
CA LYS D 491 -27.69 44.54 24.11
C LYS D 491 -28.52 43.62 25.01
N ASN D 492 -29.83 43.77 24.93
CA ASN D 492 -30.74 42.89 25.66
C ASN D 492 -31.19 41.71 24.84
N SER D 493 -30.91 41.72 23.54
CA SER D 493 -31.46 40.72 22.63
C SER D 493 -30.36 40.25 21.68
N ILE D 494 -30.26 38.92 21.53
CA ILE D 494 -29.31 38.33 20.60
C ILE D 494 -29.48 38.88 19.19
N LYS D 495 -30.70 39.29 18.83
CA LYS D 495 -30.96 39.84 17.50
C LYS D 495 -30.19 41.13 17.21
N ASP D 496 -29.66 41.79 18.24
CA ASP D 496 -28.87 42.99 18.03
C ASP D 496 -27.38 42.71 17.89
N VAL D 497 -26.94 41.46 18.04
CA VAL D 497 -25.54 41.12 17.83
C VAL D 497 -25.36 40.14 16.68
N ILE D 498 -26.43 39.83 15.95
CA ILE D 498 -26.40 38.92 14.81
C ILE D 498 -26.89 39.71 13.61
N LEU D 499 -26.13 39.67 12.50
CA LEU D 499 -26.41 40.55 11.38
C LEU D 499 -27.76 40.24 10.76
N PHE D 500 -28.04 38.96 10.50
CA PHE D 500 -29.26 38.56 9.82
C PHE D 500 -30.03 37.54 10.63
N PRO D 501 -30.54 37.94 11.80
CA PRO D 501 -31.34 37.02 12.61
C PRO D 501 -32.47 36.41 11.79
N THR D 502 -32.65 35.10 11.94
CA THR D 502 -33.78 34.43 11.33
C THR D 502 -35.08 35.06 11.82
N MET D 503 -36.06 35.18 10.91
CA MET D 503 -37.28 35.93 11.21
C MET D 503 -38.50 35.23 10.62
N ARG D 504 -39.65 35.53 11.19
CA ARG D 504 -40.91 35.02 10.66
C ARG D 504 -41.35 35.93 9.50
N PRO D 505 -41.67 35.36 8.33
CA PRO D 505 -42.11 36.04 7.10
C PRO D 505 -43.42 36.85 7.25
NZ KAA E . 9.31 -23.77 -27.74
CE KAA E . 10.01 -24.64 -28.56
CD KAA E . 9.85 -26.06 -28.11
CG KAA E . 9.68 -26.14 -26.67
CB KAA E . 9.81 -27.51 -26.18
CA KAA E . 8.61 -28.24 -26.70
N KAA E . 7.78 -28.42 -25.61
C KAA E . 9.07 -29.52 -27.26
O KAA E . 9.64 -29.53 -28.32
N8 KAA E . 8.95 -30.67 -26.65
S1 KAA E . 9.46 -31.94 -27.39
O1S KAA E . 9.01 -32.98 -26.58
O2S KAA E . 9.41 -32.01 -28.79
O5' KAA E . 11.00 -31.98 -27.32
C5' KAA E . 11.52 -32.33 -26.07
C4' KAA E . 12.76 -33.10 -26.33
O4' KAA E . 12.84 -34.05 -25.28
C3' KAA E . 12.75 -33.93 -27.59
O3' KAA E . 13.40 -33.22 -28.62
C2' KAA E . 13.59 -35.10 -27.21
O2' KAA E . 14.92 -34.67 -27.04
C1' KAA E . 13.15 -35.32 -25.79
N9 KAA E . 11.98 -36.14 -25.65
C8 KAA E . 10.73 -35.93 -26.14
N7 KAA E . 9.91 -36.91 -25.91
C5 KAA E . 10.67 -37.82 -25.20
C4 KAA E . 11.95 -37.35 -25.04
N3 KAA E . 12.94 -37.97 -24.44
C2 KAA E . 12.57 -39.16 -23.99
N1 KAA E . 11.39 -39.74 -24.08
C6 KAA E . 10.40 -39.08 -24.69
N6 KAA E . 9.24 -39.67 -24.75
NZ KAA F . 15.16 -39.80 6.44
CE KAA F . 14.74 -38.54 6.93
CD KAA F . 13.39 -38.06 6.42
CG KAA F . 13.48 -37.46 5.08
CB KAA F . 12.41 -36.47 4.81
CA KAA F . 11.11 -37.14 5.11
N KAA F . 10.83 -37.91 3.98
C KAA F . 10.09 -36.09 5.31
O KAA F . 10.00 -35.48 6.35
N8 KAA F . 9.29 -35.80 4.30
S1 KAA F . 8.25 -34.72 4.59
O1S KAA F . 7.54 -34.54 3.38
O2S KAA F . 7.59 -34.93 5.81
O5' KAA F . 8.93 -33.45 5.16
C5' KAA F . 9.69 -32.65 4.27
C4' KAA F . 9.47 -31.21 4.64
O4' KAA F . 8.60 -30.66 3.65
C3' KAA F . 8.75 -30.94 5.94
O3' KAA F . 9.63 -30.83 7.02
C2' KAA F . 8.14 -29.59 5.67
O2' KAA F . 9.12 -28.59 5.77
C1' KAA F . 7.80 -29.67 4.20
N9 KAA F . 6.44 -30.04 3.93
C8 KAA F . 5.82 -31.21 4.27
N7 KAA F . 4.60 -31.29 3.84
C5 KAA F . 4.41 -30.10 3.18
C4 KAA F . 5.53 -29.33 3.23
N3 KAA F . 5.69 -28.15 2.69
C2 KAA F . 4.60 -27.77 2.04
N1 KAA F . 3.46 -28.39 1.90
C6 KAA F . 3.32 -29.60 2.46
N6 KAA F . 2.23 -30.26 2.24
NZ KAA G . -19.18 37.62 -7.15
CE KAA G . -18.23 36.56 -7.16
CD KAA G . -18.89 35.26 -6.80
CG KAA G . -18.01 34.38 -6.00
CB KAA G . -18.79 33.55 -5.03
CA KAA G . -19.78 32.71 -5.78
N KAA G . -20.92 32.90 -4.98
C KAA G . -19.39 31.27 -5.83
O KAA G . -19.77 30.46 -5.00
N8 KAA G . -18.61 30.91 -6.84
S1 KAA G . -18.27 29.41 -6.87
O1S KAA G . -19.51 28.75 -6.87
O2S KAA G . -17.32 29.20 -7.89
O5' KAA G . -17.72 29.01 -5.45
C5' KAA G . -16.44 29.54 -5.09
C4' KAA G . -15.38 28.48 -5.17
O4' KAA G . -15.84 27.30 -4.51
C3' KAA G . -15.04 28.01 -6.56
O3' KAA G . -13.99 28.80 -7.07
C2' KAA G . -14.55 26.58 -6.35
O2' KAA G . -13.16 26.44 -6.30
C1' KAA G . -15.12 26.20 -5.00
N9 KAA G . -16.03 25.10 -5.06
C8 KAA G . -17.27 25.16 -5.61
N7 KAA G . -17.99 24.10 -5.39
C5 KAA G . -17.17 23.27 -4.66
C4 KAA G . -15.94 23.87 -4.48
N3 KAA G . -14.90 23.35 -3.86
C2 KAA G . -15.18 22.16 -3.37
N1 KAA G . -16.32 21.48 -3.44
C6 KAA G . -17.35 22.03 -4.09
N6 KAA G . -18.48 21.37 -4.10
NZ KAA H . -16.04 19.82 27.38
CE KAA H . -16.47 21.11 27.81
CD KAA H . -17.89 21.47 27.45
CG KAA H . -18.00 22.10 26.08
CB KAA H . -19.15 23.05 25.95
CA KAA H . -20.40 22.25 25.63
N KAA H . -19.98 21.75 24.35
C KAA H . -21.56 23.17 25.53
O KAA H . -22.14 23.61 26.48
N8 KAA H . -21.96 23.46 24.33
S1 KAA H . -23.11 24.44 24.19
O1S KAA H . -22.74 24.96 22.93
O2S KAA H . -24.38 23.89 24.44
O5' KAA H . -22.93 25.65 25.17
C5' KAA H . -21.82 26.51 24.85
C4' KAA H . -22.18 27.92 25.21
O4' KAA H . -22.89 28.51 24.12
C3' KAA H . -23.11 28.09 26.38
O3' KAA H . -22.38 28.11 27.58
C2' KAA H . -23.68 29.46 26.10
O2' KAA H . -22.63 30.39 26.30
C1' KAA H . -23.85 29.41 24.60
N9 KAA H . -25.14 28.96 24.16
C8 KAA H . -25.68 27.72 24.30
N7 KAA H . -26.84 27.58 23.72
C5 KAA H . -27.08 28.82 23.17
C4 KAA H . -26.05 29.69 23.45
N3 KAA H . -25.96 30.96 23.10
C2 KAA H . -27.02 31.34 22.41
N1 KAA H . -28.08 30.63 22.05
C6 KAA H . -28.13 29.33 22.41
N6 KAA H . -29.15 28.61 21.96
#